data_4LRY
#
_entry.id   4LRY
#
_cell.length_a   231.397
_cell.length_b   231.397
_cell.length_c   79.763
_cell.angle_alpha   90.000
_cell.angle_beta   90.000
_cell.angle_gamma   120.000
#
_symmetry.space_group_name_H-M   'P 61'
#
loop_
_entity.id
_entity.type
_entity.pdbx_description
1 polymer 'PTS-dependent dihydroxyacetone kinase, dihydroxyacetone-binding subunit DhaK'
2 polymer 'PTS-dependent dihydroxyacetone kinase operon regulatory protein'
3 non-polymer GLYCEROL
4 water water
#
loop_
_entity_poly.entity_id
_entity_poly.type
_entity_poly.pdbx_seq_one_letter_code
_entity_poly.pdbx_strand_id
1 'polypeptide(L)'
;MKKLINDVQDVLDEQLAGLAKAHPSLTLHQDPVYVTRADAPVAGKVALLSGGGSGHEPMHCGYIGQGMLSGACPGEIFLS
PTPDKIFECAMQVDGGEGVLLIIKNYTGDILNFETATELLHDSGVKVTTVVIDDDVAVKDSLYTAGRRGVANTVLIEKLV
GAAAERGDSLDACAELGRKLNNQGHSIGIALGACTVPAAGKPSFTLADNEMEFGVGIHGEPGIDRRPFSSLDQTVDEMFD
TLLVNGSYHRTLRFWDYQQGSWQEEQQTKQPLQSGDRVIALVNNLGATPLSELYGVYNRLTTRCQQAGLTIERNLIGAYC
TSLDMTGFSITLLKVDDETLALWDAPVHTPALNWGK
;
A,B
2 'polypeptide(L)'
;MSGAFNNDGRGISPLIATSWERCNKLMKRETWNVPHQAQGVTFASIYRRKKAMLTLGQAALEDAWEYMAPRECALFILDE
TACILSRNGDPQTLQQLSALGFNDGTYCAEGIIGTCALSLAAISGQAVKTMADQHFKQVLWNWAFCATPLFDSKGRLTGT
IALACPVEQTTAADLPLTLAIAREVGNLLLTDSLLAETNRHLNQLNALLESMDDGVISWDEQGNLQFINAQAARVLRLDA
TASQGRAITELLTLPAVLQQAIKQAHPLKHVEATFESQHQFIDAVITLKPIIETQGTSFILLLHPVEQMRQLMTSQLG
;
C,D
#
loop_
_chem_comp.id
_chem_comp.type
_chem_comp.name
_chem_comp.formula
GOL non-polymer GLYCEROL 'C3 H8 O3'
#
# COMPACT_ATOMS: atom_id res chain seq x y z
N MET A 1 1.58 17.77 -27.58
CA MET A 1 1.15 16.44 -27.00
C MET A 1 1.50 15.16 -27.78
N LYS A 2 2.01 14.15 -27.06
CA LYS A 2 2.59 12.98 -27.76
C LYS A 2 2.10 11.65 -27.23
N LYS A 3 0.88 11.67 -26.70
CA LYS A 3 0.27 10.54 -26.03
C LYS A 3 -0.59 9.60 -26.93
N LEU A 4 -0.09 8.38 -27.16
CA LEU A 4 -0.82 7.30 -27.80
C LEU A 4 -1.96 6.82 -26.91
N ILE A 5 -3.04 7.60 -26.92
CA ILE A 5 -4.18 7.39 -26.05
C ILE A 5 -5.42 7.85 -26.80
N ASN A 6 -6.57 7.33 -26.37
CA ASN A 6 -7.87 7.81 -26.82
C ASN A 6 -8.40 8.79 -25.78
N ASP A 7 -9.56 8.48 -25.21
CA ASP A 7 -10.17 9.24 -24.11
C ASP A 7 -9.41 9.08 -22.80
N VAL A 8 -9.23 10.21 -22.10
CA VAL A 8 -8.31 10.27 -20.99
C VAL A 8 -8.73 9.33 -19.83
N GLN A 9 -10.02 8.98 -19.79
CA GLN A 9 -10.60 8.09 -18.75
C GLN A 9 -10.64 6.64 -19.17
N ASP A 10 -10.18 6.33 -20.37
CA ASP A 10 -10.18 4.93 -20.79
C ASP A 10 -8.80 4.37 -20.90
N VAL A 11 -7.81 5.26 -20.84
CA VAL A 11 -6.45 4.86 -21.14
C VAL A 11 -6.13 3.62 -20.36
N LEU A 12 -6.43 3.60 -19.06
CA LEU A 12 -6.05 2.45 -18.29
C LEU A 12 -6.77 1.17 -18.72
N ASP A 13 -8.05 1.29 -19.04
CA ASP A 13 -8.81 0.08 -19.42
C ASP A 13 -8.25 -0.46 -20.73
N GLU A 14 -8.25 0.38 -21.75
CA GLU A 14 -7.59 0.08 -23.02
C GLU A 14 -6.27 -0.69 -22.79
N GLN A 15 -5.37 -0.12 -22.01
CA GLN A 15 -4.05 -0.70 -21.83
C GLN A 15 -4.02 -2.02 -21.13
N LEU A 16 -5.01 -2.26 -20.28
CA LEU A 16 -5.10 -3.49 -19.47
C LEU A 16 -5.70 -4.59 -20.33
N ALA A 17 -6.70 -4.22 -21.13
CA ALA A 17 -7.23 -5.14 -22.11
C ALA A 17 -6.11 -5.61 -23.12
N GLY A 18 -5.24 -4.68 -23.52
CA GLY A 18 -4.08 -5.04 -24.33
C GLY A 18 -3.13 -5.99 -23.61
N LEU A 19 -2.90 -5.77 -22.33
CA LEU A 19 -1.99 -6.64 -21.61
C LEU A 19 -2.62 -8.03 -21.45
N ALA A 20 -3.97 -8.06 -21.41
CA ALA A 20 -4.75 -9.30 -21.24
C ALA A 20 -4.67 -10.10 -22.50
N LYS A 21 -5.25 -9.59 -23.58
CA LYS A 21 -5.07 -10.16 -24.92
C LYS A 21 -3.64 -10.57 -25.27
N ALA A 22 -2.64 -9.79 -24.92
CA ALA A 22 -1.27 -10.19 -25.24
C ALA A 22 -0.73 -11.28 -24.34
N HIS A 23 -1.35 -11.52 -23.21
CA HIS A 23 -0.76 -12.50 -22.26
C HIS A 23 -1.77 -13.48 -21.67
N PRO A 24 -1.98 -14.60 -22.38
CA PRO A 24 -3.11 -15.45 -21.99
C PRO A 24 -2.78 -16.20 -20.69
N SER A 25 -1.47 -16.19 -20.34
CA SER A 25 -0.95 -16.70 -19.07
C SER A 25 -1.32 -15.82 -17.87
N LEU A 26 -2.02 -14.70 -18.13
CA LEU A 26 -2.50 -13.76 -17.12
C LEU A 26 -4.03 -13.62 -17.15
N THR A 27 -4.61 -13.22 -16.04
CA THR A 27 -6.06 -13.07 -15.94
C THR A 27 -6.43 -11.68 -15.43
N LEU A 28 -7.21 -10.98 -16.28
CA LEU A 28 -7.75 -9.66 -15.92
C LEU A 28 -9.15 -9.75 -15.30
N HIS A 29 -9.21 -9.43 -14.00
CA HIS A 29 -10.46 -9.36 -13.25
C HIS A 29 -11.00 -7.99 -13.39
N GLN A 30 -12.33 -7.88 -13.42
CA GLN A 30 -12.94 -6.55 -13.31
C GLN A 30 -13.93 -6.35 -12.21
N ASP A 31 -14.12 -5.08 -11.82
CA ASP A 31 -15.03 -4.72 -10.71
C ASP A 31 -14.71 -5.56 -9.50
N PRO A 32 -13.58 -5.26 -8.85
CA PRO A 32 -12.61 -4.31 -9.32
C PRO A 32 -11.56 -4.95 -10.21
N VAL A 33 -10.80 -4.11 -10.91
CA VAL A 33 -9.59 -4.52 -11.62
C VAL A 33 -8.56 -5.21 -10.69
N TYR A 34 -7.91 -6.27 -11.18
CA TYR A 34 -6.58 -6.78 -10.70
C TYR A 34 -6.09 -7.86 -11.60
N VAL A 35 -4.80 -8.15 -11.49
CA VAL A 35 -4.18 -9.08 -12.40
C VAL A 35 -3.54 -10.26 -11.65
N THR A 36 -3.87 -11.49 -12.06
CA THR A 36 -3.21 -12.72 -11.53
C THR A 36 -2.70 -13.66 -12.63
N ARG A 37 -1.70 -14.48 -12.28
CA ARG A 37 -1.40 -15.72 -13.04
C ARG A 37 -2.67 -16.48 -13.40
N ALA A 38 -2.89 -16.76 -14.68
CA ALA A 38 -4.03 -17.54 -15.14
C ALA A 38 -4.19 -18.89 -14.41
N ASP A 39 -3.09 -19.37 -13.78
CA ASP A 39 -3.02 -20.62 -12.96
C ASP A 39 -3.01 -20.41 -11.41
N ALA A 40 -3.71 -19.41 -10.89
CA ALA A 40 -3.80 -19.32 -9.45
C ALA A 40 -5.26 -19.48 -9.02
N PRO A 41 -5.52 -19.85 -7.74
CA PRO A 41 -4.51 -20.14 -6.73
C PRO A 41 -3.56 -21.32 -7.15
N VAL A 42 -2.27 -21.16 -6.90
CA VAL A 42 -1.31 -22.26 -7.00
C VAL A 42 -1.21 -22.93 -5.64
N ALA A 43 -1.89 -24.07 -5.47
CA ALA A 43 -1.77 -24.82 -4.20
C ALA A 43 -0.28 -25.02 -3.93
N GLY A 44 0.18 -24.77 -2.71
CA GLY A 44 1.53 -25.27 -2.31
C GLY A 44 2.64 -24.30 -1.92
N LYS A 45 2.66 -23.10 -2.50
CA LYS A 45 3.73 -22.13 -2.19
C LYS A 45 3.28 -20.70 -1.88
N VAL A 46 4.04 -20.07 -0.99
CA VAL A 46 3.89 -18.64 -0.63
C VAL A 46 3.48 -17.76 -1.81
N ALA A 47 2.26 -17.20 -1.79
CA ALA A 47 1.79 -16.27 -2.81
C ALA A 47 2.50 -14.94 -2.67
N LEU A 48 2.89 -14.40 -3.81
CA LEU A 48 3.66 -13.19 -3.85
C LEU A 48 2.82 -12.11 -4.52
N LEU A 49 2.67 -10.99 -3.82
CA LEU A 49 1.79 -9.94 -4.30
C LEU A 49 2.41 -8.56 -4.20
N SER A 50 2.19 -7.76 -5.26
CA SER A 50 2.52 -6.37 -5.19
C SER A 50 1.56 -5.53 -6.03
N GLY A 51 1.85 -4.23 -6.08
CA GLY A 51 1.03 -3.27 -6.76
C GLY A 51 1.45 -1.83 -6.47
N GLY A 52 0.58 -0.91 -6.85
CA GLY A 52 0.87 0.50 -6.74
C GLY A 52 0.23 1.16 -7.94
N GLY A 53 0.59 2.42 -8.13
CA GLY A 53 0.09 3.16 -9.28
C GLY A 53 0.53 2.60 -10.60
N SER A 54 -0.38 2.61 -11.58
CA SER A 54 -0.02 2.53 -12.98
C SER A 54 0.95 3.60 -13.40
N GLY A 55 1.74 3.27 -14.42
CA GLY A 55 2.56 4.24 -15.07
C GLY A 55 3.99 3.90 -14.84
N HIS A 56 4.27 2.68 -14.39
CA HIS A 56 5.65 2.27 -14.20
C HIS A 56 6.00 1.08 -15.03
N GLU A 57 5.09 0.65 -15.88
CA GLU A 57 5.25 -0.59 -16.59
C GLU A 57 6.70 -0.73 -17.13
N PRO A 58 7.28 -1.95 -17.09
CA PRO A 58 6.54 -3.17 -16.89
C PRO A 58 6.15 -3.45 -15.43
N MET A 59 6.56 -2.60 -14.49
CA MET A 59 6.27 -2.87 -13.09
C MET A 59 4.81 -2.50 -12.83
N HIS A 60 3.95 -3.38 -12.33
CA HIS A 60 4.23 -4.67 -11.68
C HIS A 60 3.71 -5.88 -12.46
N CYS A 61 2.77 -5.66 -13.36
CA CYS A 61 2.07 -6.74 -14.01
C CYS A 61 2.96 -7.47 -14.96
N GLY A 62 3.92 -6.75 -15.52
CA GLY A 62 4.92 -7.40 -16.35
C GLY A 62 5.80 -8.40 -15.62
N TYR A 63 5.56 -8.60 -14.33
CA TYR A 63 6.34 -9.48 -13.48
C TYR A 63 5.51 -10.64 -12.84
N ILE A 64 4.35 -10.88 -13.45
CA ILE A 64 3.41 -11.89 -13.03
C ILE A 64 3.69 -13.17 -13.78
N GLY A 65 4.26 -14.12 -13.06
CA GLY A 65 4.38 -15.51 -13.51
C GLY A 65 5.28 -16.36 -12.63
N GLN A 66 5.41 -17.62 -13.02
CA GLN A 66 6.37 -18.49 -12.36
C GLN A 66 7.71 -17.81 -12.16
N GLY A 67 8.23 -17.89 -10.94
CA GLY A 67 9.56 -17.44 -10.58
C GLY A 67 9.51 -16.08 -9.93
N MET A 68 8.33 -15.44 -10.00
CA MET A 68 8.11 -14.05 -9.57
C MET A 68 6.68 -13.81 -8.99
N LEU A 69 5.98 -12.73 -9.38
CA LEU A 69 4.70 -12.44 -8.69
C LEU A 69 3.48 -13.26 -9.14
N SER A 70 2.68 -13.62 -8.12
CA SER A 70 1.47 -14.41 -8.30
C SER A 70 0.34 -13.58 -8.92
N GLY A 71 0.33 -12.29 -8.55
CA GLY A 71 -0.60 -11.31 -9.10
C GLY A 71 -0.11 -9.91 -8.76
N ALA A 72 -0.72 -8.92 -9.42
CA ALA A 72 -0.46 -7.50 -9.18
C ALA A 72 -1.77 -6.70 -8.92
N CYS A 73 -1.66 -5.53 -8.28
CA CYS A 73 -2.82 -4.59 -8.26
C CYS A 73 -2.39 -3.25 -8.81
N PRO A 74 -2.86 -2.92 -10.00
CA PRO A 74 -2.74 -1.60 -10.56
C PRO A 74 -3.81 -0.61 -10.06
N GLY A 75 -3.36 0.62 -9.79
CA GLY A 75 -4.27 1.71 -9.52
C GLY A 75 -4.28 2.68 -10.68
N GLU A 76 -4.90 3.82 -10.50
CA GLU A 76 -4.77 4.87 -11.49
C GLU A 76 -3.31 5.20 -11.76
N ILE A 77 -3.06 5.97 -12.81
CA ILE A 77 -1.70 6.43 -13.06
C ILE A 77 -1.20 7.14 -11.83
N PHE A 78 -0.11 6.65 -11.25
CA PHE A 78 0.53 7.28 -10.08
C PHE A 78 -0.31 7.32 -8.80
N LEU A 79 -1.28 6.42 -8.67
CA LEU A 79 -2.14 6.33 -7.50
C LEU A 79 -2.20 4.91 -7.04
N SER A 80 -1.67 4.64 -5.86
CA SER A 80 -1.84 3.37 -5.13
C SER A 80 -3.26 2.81 -5.26
N PRO A 81 -3.45 1.48 -5.26
CA PRO A 81 -4.83 1.00 -5.38
C PRO A 81 -5.54 0.97 -4.01
N THR A 82 -6.86 0.98 -3.99
CA THR A 82 -7.59 0.96 -2.72
C THR A 82 -7.59 -0.44 -2.17
N PRO A 83 -7.52 -0.59 -0.84
CA PRO A 83 -7.33 -1.90 -0.17
C PRO A 83 -8.34 -3.01 -0.57
N ASP A 84 -9.56 -2.65 -0.99
CA ASP A 84 -10.50 -3.67 -1.51
C ASP A 84 -9.92 -4.46 -2.65
N LYS A 85 -9.16 -3.77 -3.53
CA LYS A 85 -8.53 -4.39 -4.70
C LYS A 85 -7.40 -5.28 -4.24
N ILE A 86 -6.49 -4.75 -3.43
CA ILE A 86 -5.42 -5.57 -2.87
C ILE A 86 -6.01 -6.81 -2.18
N PHE A 87 -7.03 -6.62 -1.34
CA PHE A 87 -7.69 -7.71 -0.61
C PHE A 87 -8.16 -8.81 -1.54
N GLU A 88 -9.07 -8.53 -2.46
CA GLU A 88 -9.59 -9.55 -3.36
C GLU A 88 -8.52 -10.20 -4.20
N CYS A 89 -7.69 -9.42 -4.86
CA CYS A 89 -6.56 -10.04 -5.51
C CYS A 89 -5.80 -11.01 -4.57
N ALA A 90 -5.45 -10.61 -3.36
CA ALA A 90 -4.73 -11.52 -2.44
C ALA A 90 -5.51 -12.80 -2.09
N MET A 91 -6.84 -12.73 -2.14
CA MET A 91 -7.70 -13.91 -1.95
C MET A 91 -7.81 -14.77 -3.18
N GLN A 92 -7.77 -14.14 -4.35
CA GLN A 92 -7.63 -14.82 -5.62
C GLN A 92 -6.38 -15.68 -5.71
N VAL A 93 -5.28 -15.24 -5.09
CA VAL A 93 -4.04 -15.98 -5.20
C VAL A 93 -3.64 -16.85 -3.99
N ASP A 94 -4.38 -16.80 -2.87
CA ASP A 94 -4.01 -17.57 -1.64
C ASP A 94 -3.51 -19.04 -1.91
N GLY A 95 -2.20 -19.28 -1.71
CA GLY A 95 -1.57 -20.59 -1.92
C GLY A 95 -1.95 -21.62 -0.87
N GLY A 96 -2.44 -21.16 0.28
CA GLY A 96 -2.57 -21.96 1.48
C GLY A 96 -1.22 -22.01 2.18
N GLU A 97 -0.31 -21.14 1.83
CA GLU A 97 1.01 -21.16 2.44
C GLU A 97 1.45 -19.73 2.82
N GLY A 98 0.45 -18.84 2.93
CA GLY A 98 0.67 -17.42 3.25
C GLY A 98 0.75 -16.48 2.04
N VAL A 99 0.60 -15.18 2.28
CA VAL A 99 0.70 -14.22 1.24
C VAL A 99 1.75 -13.16 1.60
N LEU A 100 2.72 -12.98 0.70
CA LEU A 100 3.72 -11.94 0.87
C LEU A 100 3.39 -10.63 0.11
N LEU A 101 3.16 -9.57 0.88
CA LEU A 101 2.94 -8.26 0.31
C LEU A 101 4.29 -7.56 0.24
N ILE A 102 4.74 -7.38 -1.00
CA ILE A 102 5.83 -6.48 -1.27
C ILE A 102 5.28 -5.06 -1.49
N ILE A 103 5.73 -4.09 -0.70
CA ILE A 103 5.09 -2.80 -0.69
C ILE A 103 6.11 -1.70 -0.90
N LYS A 104 5.85 -0.85 -1.90
CA LYS A 104 6.78 0.21 -2.13
C LYS A 104 6.52 1.32 -1.14
N ASN A 105 7.57 1.82 -0.49
CA ASN A 105 7.46 2.94 0.46
C ASN A 105 6.89 4.25 -0.06
N TYR A 106 5.57 4.37 -0.15
CA TYR A 106 4.89 5.65 -0.39
C TYR A 106 3.70 5.75 0.56
N THR A 107 3.53 6.90 1.19
CA THR A 107 2.27 7.24 1.86
C THR A 107 1.02 6.42 1.42
N GLY A 108 0.44 6.64 0.25
CA GLY A 108 -0.72 5.88 -0.20
C GLY A 108 -0.57 4.36 -0.29
N ASP A 109 0.62 3.88 -0.63
CA ASP A 109 0.88 2.45 -0.71
C ASP A 109 1.00 1.82 0.67
N ILE A 110 1.83 2.41 1.54
CA ILE A 110 1.91 1.94 2.91
C ILE A 110 0.53 1.91 3.50
N LEU A 111 -0.22 3.00 3.36
CA LEU A 111 -1.50 3.07 4.00
C LEU A 111 -2.52 2.06 3.44
N ASN A 112 -2.60 1.95 2.12
CA ASN A 112 -3.54 1.01 1.51
C ASN A 112 -3.19 -0.45 1.68
N PHE A 113 -1.96 -0.83 1.40
CA PHE A 113 -1.53 -2.18 1.61
C PHE A 113 -1.55 -2.59 3.10
N GLU A 114 -1.17 -1.69 3.98
CA GLU A 114 -1.21 -1.97 5.40
C GLU A 114 -2.64 -2.31 5.83
N THR A 115 -3.63 -1.58 5.30
CA THR A 115 -5.02 -1.85 5.65
C THR A 115 -5.49 -3.14 5.03
N ALA A 116 -5.03 -3.43 3.82
CA ALA A 116 -5.43 -4.68 3.18
C ALA A 116 -4.88 -5.91 3.94
N THR A 117 -3.63 -5.83 4.40
CA THR A 117 -3.03 -6.81 5.32
C THR A 117 -3.99 -7.16 6.50
N GLU A 118 -4.54 -6.13 7.12
CA GLU A 118 -5.41 -6.33 8.26
C GLU A 118 -6.74 -6.91 7.88
N LEU A 119 -7.18 -6.64 6.66
CA LEU A 119 -8.44 -7.19 6.20
C LEU A 119 -8.30 -8.68 5.97
N LEU A 120 -7.23 -9.02 5.22
CA LEU A 120 -6.89 -10.39 4.90
C LEU A 120 -6.85 -11.26 6.15
N HIS A 121 -6.08 -10.77 7.13
CA HIS A 121 -5.84 -11.42 8.41
C HIS A 121 -7.13 -11.65 9.19
N ASP A 122 -7.97 -10.62 9.34
CA ASP A 122 -9.31 -10.75 9.99
C ASP A 122 -10.20 -11.79 9.25
N SER A 123 -9.72 -12.26 8.11
CA SER A 123 -10.40 -13.25 7.29
C SER A 123 -9.64 -14.55 7.38
N GLY A 124 -8.52 -14.54 8.09
CA GLY A 124 -7.80 -15.75 8.47
C GLY A 124 -6.94 -16.19 7.31
N VAL A 125 -6.20 -15.23 6.79
CA VAL A 125 -5.15 -15.50 5.87
C VAL A 125 -3.84 -15.14 6.61
N LYS A 126 -2.91 -16.09 6.63
CA LYS A 126 -1.54 -15.76 7.04
C LYS A 126 -1.01 -14.72 6.00
N VAL A 127 -0.28 -13.70 6.47
CA VAL A 127 0.10 -12.58 5.62
C VAL A 127 1.20 -11.77 6.31
N THR A 128 2.19 -11.36 5.52
CA THR A 128 3.17 -10.43 6.03
C THR A 128 3.71 -9.50 4.92
N THR A 129 4.53 -8.54 5.32
CA THR A 129 4.84 -7.45 4.47
C THR A 129 6.33 -7.22 4.36
N VAL A 130 6.80 -7.09 3.12
CA VAL A 130 8.11 -6.54 2.94
C VAL A 130 7.97 -5.14 2.36
N VAL A 131 8.77 -4.20 2.84
CA VAL A 131 8.60 -2.80 2.48
C VAL A 131 9.89 -2.34 1.81
N ILE A 132 9.80 -1.73 0.63
CA ILE A 132 11.00 -1.41 -0.13
C ILE A 132 11.33 0.08 -0.06
N ASP A 133 12.51 0.43 0.43
CA ASP A 133 12.94 1.86 0.44
C ASP A 133 14.37 2.14 -0.06
N ASP A 134 14.61 2.01 -1.37
CA ASP A 134 15.99 1.96 -1.89
C ASP A 134 16.59 3.31 -2.26
N ASP A 135 15.72 4.20 -2.76
CA ASP A 135 16.09 5.50 -3.23
C ASP A 135 16.86 6.26 -2.16
N VAL A 136 18.18 6.28 -2.33
CA VAL A 136 19.07 7.03 -1.43
C VAL A 136 18.95 8.57 -1.48
N ALA A 137 18.10 9.13 -2.32
CA ALA A 137 18.23 10.54 -2.63
C ALA A 137 17.59 11.55 -1.67
N VAL A 138 16.41 11.28 -1.13
CA VAL A 138 15.72 12.24 -0.28
C VAL A 138 15.13 11.48 0.89
N LYS A 139 15.11 12.11 2.07
CA LYS A 139 14.30 11.68 3.23
C LYS A 139 12.99 12.51 3.25
N ASP A 140 11.83 11.85 3.25
CA ASP A 140 10.47 12.50 3.09
C ASP A 140 10.39 13.22 1.74
N SER A 141 9.33 12.94 0.97
CA SER A 141 9.18 13.50 -0.36
C SER A 141 7.72 13.76 -0.56
N LEU A 142 7.34 14.38 -1.68
CA LEU A 142 5.93 14.68 -1.97
C LEU A 142 4.89 13.62 -1.54
N TYR A 143 5.28 12.36 -1.66
CA TYR A 143 4.37 11.25 -1.42
C TYR A 143 4.93 10.15 -0.47
N THR A 144 6.01 10.44 0.29
CA THR A 144 6.72 9.42 1.05
C THR A 144 7.25 9.90 2.39
N ALA A 145 6.96 9.20 3.48
CA ALA A 145 7.70 9.47 4.72
C ALA A 145 8.95 8.55 4.74
N GLY A 146 10.13 9.13 4.81
CA GLY A 146 11.36 8.35 4.71
C GLY A 146 11.89 8.31 3.28
N ARG A 147 12.53 7.18 2.94
CA ARG A 147 13.07 6.89 1.60
C ARG A 147 12.11 6.19 0.62
N ARG A 148 12.17 6.61 -0.64
CA ARG A 148 11.21 6.14 -1.63
C ARG A 148 11.59 4.76 -2.17
N GLY A 149 10.56 4.03 -2.63
CA GLY A 149 10.72 2.66 -3.09
C GLY A 149 10.80 2.64 -4.60
N VAL A 150 11.99 2.42 -5.14
CA VAL A 150 12.16 2.45 -6.58
C VAL A 150 12.62 1.09 -7.15
N ALA A 151 13.43 1.15 -8.21
CA ALA A 151 13.80 0.00 -9.06
C ALA A 151 14.30 -1.25 -8.36
N ASN A 152 15.10 -1.12 -7.29
CA ASN A 152 15.37 -2.31 -6.47
C ASN A 152 14.18 -3.22 -6.11
N THR A 153 12.95 -2.69 -6.07
CA THR A 153 11.72 -3.52 -5.97
C THR A 153 11.73 -4.70 -6.97
N VAL A 154 12.07 -4.42 -8.22
CA VAL A 154 12.13 -5.46 -9.25
C VAL A 154 13.16 -6.58 -8.97
N LEU A 155 14.35 -6.20 -8.53
CA LEU A 155 15.33 -7.20 -8.14
C LEU A 155 14.75 -8.05 -7.04
N ILE A 156 14.32 -7.40 -5.96
CA ILE A 156 13.77 -8.08 -4.78
C ILE A 156 12.55 -8.94 -5.10
N GLU A 157 11.73 -8.47 -6.02
CA GLU A 157 10.52 -9.19 -6.46
C GLU A 157 10.96 -10.52 -7.06
N LYS A 158 12.06 -10.50 -7.76
CA LYS A 158 12.47 -11.68 -8.50
C LYS A 158 13.28 -12.65 -7.59
N LEU A 159 14.12 -12.11 -6.70
CA LEU A 159 14.90 -12.98 -5.82
C LEU A 159 13.96 -13.69 -4.84
N VAL A 160 13.08 -12.91 -4.19
CA VAL A 160 12.04 -13.50 -3.36
C VAL A 160 11.05 -14.29 -4.24
N GLY A 161 10.82 -13.87 -5.47
CA GLY A 161 9.98 -14.68 -6.37
C GLY A 161 10.45 -16.13 -6.41
N ALA A 162 11.78 -16.29 -6.46
CA ALA A 162 12.46 -17.57 -6.74
C ALA A 162 12.55 -18.48 -5.52
N ALA A 163 12.80 -17.89 -4.36
CA ALA A 163 12.63 -18.56 -3.07
C ALA A 163 11.22 -19.09 -2.84
N ALA A 164 10.21 -18.36 -3.28
CA ALA A 164 8.85 -18.88 -3.23
C ALA A 164 8.69 -20.17 -4.06
N GLU A 165 9.26 -20.13 -5.26
CA GLU A 165 9.10 -21.18 -6.25
C GLU A 165 9.73 -22.49 -5.79
N ARG A 166 11.02 -22.42 -5.41
CA ARG A 166 11.70 -23.39 -4.57
C ARG A 166 10.73 -24.10 -3.61
N GLY A 167 10.24 -23.38 -2.61
CA GLY A 167 9.30 -23.94 -1.64
C GLY A 167 9.32 -23.16 -0.36
N ASP A 168 10.38 -22.38 -0.12
CA ASP A 168 10.61 -21.63 1.13
C ASP A 168 9.35 -21.03 1.73
N SER A 169 9.29 -21.09 3.06
CA SER A 169 8.11 -20.76 3.89
C SER A 169 7.84 -19.26 3.86
N LEU A 170 6.61 -18.87 4.19
CA LEU A 170 6.23 -17.45 4.23
C LEU A 170 7.32 -16.65 4.88
N ASP A 171 7.82 -17.19 5.98
CA ASP A 171 8.79 -16.52 6.82
C ASP A 171 10.18 -16.32 6.23
N ALA A 172 10.74 -17.35 5.59
CA ALA A 172 12.04 -17.23 4.93
C ALA A 172 11.92 -16.22 3.78
N CYS A 173 10.86 -16.35 2.99
CA CYS A 173 10.48 -15.37 1.98
C CYS A 173 10.53 -13.92 2.50
N ALA A 174 9.79 -13.63 3.57
CA ALA A 174 9.73 -12.30 4.17
C ALA A 174 11.08 -11.85 4.73
N GLU A 175 11.75 -12.74 5.46
CA GLU A 175 13.10 -12.43 5.94
C GLU A 175 14.03 -12.15 4.75
N LEU A 176 13.90 -12.91 3.65
CA LEU A 176 14.79 -12.77 2.47
C LEU A 176 14.74 -11.36 1.92
N GLY A 177 13.54 -10.97 1.50
CA GLY A 177 13.28 -9.62 0.98
C GLY A 177 13.53 -8.49 1.96
N ARG A 178 13.46 -8.79 3.25
CA ARG A 178 13.78 -7.78 4.23
C ARG A 178 15.29 -7.57 4.31
N LYS A 179 16.05 -8.65 4.22
CA LYS A 179 17.51 -8.59 4.12
C LYS A 179 17.89 -7.84 2.84
N LEU A 180 17.21 -8.18 1.75
CA LEU A 180 17.51 -7.58 0.45
C LEU A 180 17.34 -6.07 0.43
N ASN A 181 16.24 -5.62 1.01
CA ASN A 181 15.93 -4.20 1.12
C ASN A 181 17.03 -3.37 1.76
N ASN A 182 17.76 -3.95 2.70
CA ASN A 182 18.92 -3.29 3.33
C ASN A 182 20.21 -3.40 2.54
N GLN A 183 20.15 -4.03 1.37
CA GLN A 183 21.34 -4.22 0.59
C GLN A 183 21.32 -3.51 -0.76
N GLY A 184 20.13 -3.16 -1.24
CA GLY A 184 19.99 -2.46 -2.52
C GLY A 184 20.02 -0.96 -2.33
N HIS A 185 20.68 -0.23 -3.24
CA HIS A 185 20.78 1.22 -3.17
C HIS A 185 20.53 1.87 -4.55
N SER A 186 19.76 2.96 -4.61
CA SER A 186 19.27 3.44 -5.91
C SER A 186 19.15 4.96 -5.97
N ILE A 187 19.44 5.53 -7.13
CA ILE A 187 19.38 6.97 -7.32
C ILE A 187 19.14 7.25 -8.79
N GLY A 188 18.17 8.13 -9.10
CA GLY A 188 17.72 8.38 -10.49
C GLY A 188 17.86 9.84 -10.86
N ILE A 189 17.89 10.13 -12.15
CA ILE A 189 17.99 11.52 -12.59
C ILE A 189 16.99 11.72 -13.72
N ALA A 190 16.56 12.96 -13.97
CA ALA A 190 15.64 13.15 -15.08
C ALA A 190 16.03 14.36 -15.89
N LEU A 191 16.18 14.18 -17.21
CA LEU A 191 16.39 15.33 -18.06
C LEU A 191 15.10 15.83 -18.70
N GLY A 192 13.98 15.11 -18.51
CA GLY A 192 12.68 15.60 -18.93
C GLY A 192 11.60 15.02 -18.06
N ALA A 193 10.63 15.84 -17.63
CA ALA A 193 9.46 15.40 -16.80
C ALA A 193 8.59 14.44 -17.55
N CYS A 194 7.99 13.54 -16.81
CA CYS A 194 6.87 12.77 -17.31
C CYS A 194 5.59 13.67 -17.27
N THR A 195 4.66 13.38 -18.17
CA THR A 195 3.32 13.93 -18.08
C THR A 195 2.32 12.84 -17.78
N VAL A 196 1.48 13.07 -16.76
CA VAL A 196 0.37 12.17 -16.54
C VAL A 196 -0.81 12.55 -17.42
N PRO A 197 -1.39 11.55 -18.06
CA PRO A 197 -2.32 11.93 -19.08
C PRO A 197 -3.47 12.76 -18.53
N ALA A 198 -3.88 12.52 -17.28
CA ALA A 198 -5.04 13.27 -16.75
C ALA A 198 -4.75 14.74 -16.46
N ALA A 199 -3.51 15.08 -16.09
CA ALA A 199 -3.15 16.45 -15.77
C ALA A 199 -2.94 17.21 -17.08
N GLY A 200 -2.52 16.48 -18.12
CA GLY A 200 -2.31 17.05 -19.46
C GLY A 200 -1.03 17.87 -19.61
N LYS A 201 -0.35 18.15 -18.49
CA LYS A 201 0.81 19.01 -18.56
C LYS A 201 1.89 18.37 -17.79
N PRO A 202 3.15 18.81 -18.01
CA PRO A 202 4.26 18.05 -17.45
C PRO A 202 4.19 18.18 -15.96
N SER A 203 4.56 17.10 -15.30
CA SER A 203 4.48 17.02 -13.87
C SER A 203 5.51 17.95 -13.21
N PHE A 204 6.54 18.27 -13.98
CA PHE A 204 7.43 19.41 -13.75
C PHE A 204 8.15 19.89 -15.06
N THR A 205 8.91 20.97 -14.94
CA THR A 205 9.66 21.43 -16.09
C THR A 205 11.04 21.89 -15.65
N LEU A 206 12.05 21.48 -16.42
CA LEU A 206 13.41 21.94 -16.21
C LEU A 206 13.74 23.05 -17.21
N ALA A 207 14.81 23.79 -16.98
CA ALA A 207 15.37 24.65 -18.01
C ALA A 207 16.30 23.81 -18.93
N ASP A 208 16.69 24.37 -20.08
CA ASP A 208 17.77 23.81 -20.95
C ASP A 208 18.94 23.23 -20.17
N ASN A 209 19.36 22.03 -20.54
CA ASN A 209 20.59 21.42 -19.96
C ASN A 209 20.60 21.38 -18.44
N GLU A 210 19.42 21.34 -17.85
CA GLU A 210 19.30 21.33 -16.45
C GLU A 210 18.61 20.02 -16.16
N MET A 211 18.99 19.38 -15.06
CA MET A 211 18.42 18.11 -14.71
C MET A 211 17.97 18.05 -13.26
N GLU A 212 16.97 17.24 -12.98
CA GLU A 212 16.54 17.00 -11.63
C GLU A 212 17.38 15.85 -11.04
N PHE A 213 18.30 16.13 -10.12
CA PHE A 213 19.21 15.12 -9.61
C PHE A 213 18.63 14.39 -8.43
N GLY A 214 18.60 13.07 -8.49
CA GLY A 214 17.84 12.29 -7.52
C GLY A 214 16.32 12.47 -7.63
N VAL A 215 15.82 12.55 -8.85
CA VAL A 215 14.37 12.51 -9.10
C VAL A 215 13.75 11.25 -8.49
N GLY A 216 12.42 11.26 -8.40
CA GLY A 216 11.64 10.08 -8.06
C GLY A 216 10.69 9.69 -9.19
N ILE A 217 10.15 8.47 -9.12
CA ILE A 217 9.35 7.87 -10.19
C ILE A 217 7.90 8.31 -10.19
N HIS A 218 7.51 9.31 -9.42
CA HIS A 218 6.23 9.94 -9.73
C HIS A 218 6.50 11.39 -10.03
N GLY A 219 7.71 11.68 -10.52
CA GLY A 219 8.14 13.05 -10.77
C GLY A 219 8.24 13.94 -9.54
N GLU A 220 8.59 13.36 -8.40
CA GLU A 220 8.79 14.15 -7.20
C GLU A 220 10.16 14.85 -7.25
N PRO A 221 10.28 16.08 -6.72
CA PRO A 221 11.61 16.74 -6.75
C PRO A 221 12.80 15.86 -6.30
N GLY A 222 14.00 16.17 -6.81
CA GLY A 222 15.23 15.52 -6.36
C GLY A 222 15.91 16.24 -5.20
N ILE A 223 17.19 15.94 -4.98
CA ILE A 223 18.07 16.77 -4.20
C ILE A 223 18.10 18.24 -4.68
N ASP A 224 18.13 18.48 -5.98
CA ASP A 224 18.15 19.84 -6.53
C ASP A 224 17.96 19.83 -8.04
N ARG A 225 18.25 20.95 -8.68
CA ARG A 225 18.41 20.97 -10.11
C ARG A 225 19.81 21.43 -10.35
N ARG A 226 20.39 20.96 -11.43
CA ARG A 226 21.77 21.23 -11.68
C ARG A 226 22.04 21.12 -13.14
N PRO A 227 23.00 21.92 -13.64
CA PRO A 227 23.29 21.76 -15.06
C PRO A 227 23.75 20.32 -15.34
N PHE A 228 23.32 19.80 -16.48
CA PHE A 228 23.74 18.50 -16.95
C PHE A 228 25.05 18.71 -17.68
N SER A 229 26.17 18.28 -17.11
CA SER A 229 27.47 18.62 -17.69
C SER A 229 27.80 17.59 -18.74
N SER A 230 27.62 16.31 -18.40
CA SER A 230 27.89 15.23 -19.30
C SER A 230 27.35 13.96 -18.71
N LEU A 231 27.34 12.88 -19.49
CA LEU A 231 26.96 11.59 -18.95
C LEU A 231 27.95 11.18 -17.86
N ASP A 232 29.16 11.67 -17.94
CA ASP A 232 30.19 11.19 -17.04
C ASP A 232 30.17 11.85 -15.67
N GLN A 233 29.95 13.16 -15.62
CA GLN A 233 29.68 13.84 -14.35
C GLN A 233 28.43 13.26 -13.74
N THR A 234 27.42 12.98 -14.56
CA THR A 234 26.13 12.55 -14.07
C THR A 234 26.22 11.19 -13.40
N VAL A 235 26.83 10.22 -14.07
CA VAL A 235 26.99 8.89 -13.49
C VAL A 235 27.93 8.94 -12.28
N ASP A 236 28.91 9.82 -12.34
CA ASP A 236 29.88 9.93 -11.27
C ASP A 236 29.27 10.45 -9.98
N GLU A 237 28.47 11.50 -10.10
CA GLU A 237 27.90 12.07 -8.92
C GLU A 237 26.65 11.27 -8.43
N MET A 238 26.10 10.38 -9.28
CA MET A 238 25.08 9.43 -8.82
C MET A 238 25.70 8.36 -7.97
N PHE A 239 26.84 7.91 -8.44
CA PHE A 239 27.58 6.90 -7.78
C PHE A 239 28.15 7.40 -6.46
N ASP A 240 28.53 8.68 -6.39
CA ASP A 240 29.06 9.23 -5.11
C ASP A 240 27.96 9.27 -4.08
N THR A 241 26.78 9.69 -4.48
CA THR A 241 25.62 9.61 -3.60
C THR A 241 25.34 8.22 -3.04
N LEU A 242 25.41 7.18 -3.86
CA LEU A 242 25.12 5.83 -3.38
C LEU A 242 26.13 5.44 -2.30
N LEU A 243 27.30 6.06 -2.38
CA LEU A 243 28.34 5.90 -1.35
C LEU A 243 28.00 6.79 -0.12
N VAL A 244 28.14 8.10 -0.30
CA VAL A 244 27.79 9.13 0.68
C VAL A 244 26.44 8.91 1.44
N ASN A 245 25.42 8.39 0.78
CA ASN A 245 24.12 8.17 1.41
C ASN A 245 23.80 6.73 1.62
N GLY A 246 24.77 5.84 1.50
CA GLY A 246 24.48 4.42 1.62
C GLY A 246 24.11 4.13 3.06
N SER A 247 24.77 4.88 3.96
CA SER A 247 24.68 4.63 5.38
C SER A 247 23.47 5.35 5.96
N TYR A 248 22.51 4.60 6.51
CA TYR A 248 21.17 5.16 6.83
C TYR A 248 20.44 4.35 7.87
N HIS A 249 19.88 5.06 8.86
CA HIS A 249 19.13 4.43 9.97
C HIS A 249 17.65 4.80 9.95
N ARG A 250 16.77 3.80 9.86
CA ARG A 250 15.35 4.11 9.91
C ARG A 250 14.54 3.04 10.64
N THR A 251 13.24 3.31 10.74
CA THR A 251 12.32 2.38 11.39
C THR A 251 11.35 1.88 10.35
N LEU A 252 11.37 0.59 10.07
CA LEU A 252 10.34 0.03 9.19
C LEU A 252 9.39 -0.86 9.99
N ARG A 253 8.30 -1.25 9.34
CA ARG A 253 7.12 -1.75 10.04
C ARG A 253 6.57 -2.92 9.24
N PHE A 254 6.62 -4.10 9.86
CA PHE A 254 6.18 -5.33 9.24
C PHE A 254 5.05 -5.88 10.09
N TRP A 255 4.17 -6.65 9.45
CA TRP A 255 3.00 -7.22 10.12
C TRP A 255 3.27 -8.57 10.73
N ASP A 256 3.15 -8.64 12.05
CA ASP A 256 3.27 -9.90 12.83
C ASP A 256 1.92 -10.64 12.87
N TYR A 257 1.76 -11.68 12.05
CA TYR A 257 0.48 -12.37 11.86
C TYR A 257 0.15 -13.24 13.06
N GLN A 258 1.16 -13.45 13.90
CA GLN A 258 1.01 -14.29 15.05
C GLN A 258 0.44 -13.46 16.18
N GLN A 259 0.95 -12.24 16.30
CA GLN A 259 0.45 -11.34 17.33
C GLN A 259 -0.73 -10.49 16.86
N GLY A 260 -0.95 -10.42 15.54
CA GLY A 260 -2.04 -9.64 14.94
C GLY A 260 -1.87 -8.14 15.16
N SER A 261 -0.63 -7.67 15.08
CA SER A 261 -0.27 -6.25 15.22
C SER A 261 1.01 -5.85 14.43
N TRP A 262 1.27 -4.55 14.30
CA TRP A 262 2.45 -4.06 13.54
C TRP A 262 3.72 -3.99 14.41
N GLN A 263 4.56 -5.02 14.32
CA GLN A 263 5.84 -4.93 15.00
C GLN A 263 6.70 -3.92 14.23
N GLU A 264 7.13 -2.87 14.94
CA GLU A 264 7.98 -1.78 14.42
C GLU A 264 9.41 -2.16 14.57
N GLU A 265 10.21 -2.08 13.52
CA GLU A 265 11.54 -2.58 13.66
C GLU A 265 12.59 -1.64 13.14
N GLN A 266 13.50 -1.25 14.03
CA GLN A 266 14.63 -0.38 13.67
C GLN A 266 15.69 -1.18 12.96
N GLN A 267 16.42 -0.54 12.02
CA GLN A 267 17.48 -1.20 11.21
C GLN A 267 18.29 -0.22 10.38
N THR A 268 19.51 -0.65 10.08
CA THR A 268 20.50 0.22 9.46
C THR A 268 20.91 -0.31 8.08
N LYS A 269 21.14 0.60 7.14
CA LYS A 269 21.82 0.22 5.92
C LYS A 269 23.33 0.44 6.05
N GLN A 270 24.09 -0.47 5.44
CA GLN A 270 25.54 -0.39 5.33
C GLN A 270 25.94 0.06 3.91
N PRO A 271 26.69 1.20 3.79
CA PRO A 271 27.08 1.67 2.45
C PRO A 271 27.91 0.60 1.76
N LEU A 272 27.83 0.50 0.45
CA LEU A 272 28.66 -0.47 -0.28
C LEU A 272 30.13 -0.14 -0.02
N GLN A 273 30.95 -1.14 0.29
CA GLN A 273 32.39 -0.87 0.39
C GLN A 273 33.25 -1.80 -0.47
N SER A 274 34.55 -1.58 -0.47
CA SER A 274 35.44 -2.44 -1.20
C SER A 274 35.20 -3.97 -0.97
N GLY A 275 35.29 -4.78 -2.02
CA GLY A 275 35.14 -6.23 -1.91
C GLY A 275 33.69 -6.68 -1.96
N ASP A 276 32.76 -5.75 -1.95
CA ASP A 276 31.36 -6.15 -2.12
C ASP A 276 31.12 -6.61 -3.56
N ARG A 277 30.20 -7.57 -3.69
CA ARG A 277 29.74 -8.12 -4.96
C ARG A 277 28.36 -7.57 -5.25
N VAL A 278 28.06 -7.14 -6.46
CA VAL A 278 26.73 -6.53 -6.69
C VAL A 278 25.99 -6.97 -7.96
N ILE A 279 24.66 -6.94 -7.93
CA ILE A 279 23.86 -6.95 -9.15
C ILE A 279 23.59 -5.48 -9.50
N ALA A 280 23.72 -5.15 -10.79
CA ALA A 280 23.57 -3.75 -11.29
C ALA A 280 22.42 -3.65 -12.27
N LEU A 281 21.54 -2.68 -12.03
CA LEU A 281 20.38 -2.47 -12.86
C LEU A 281 20.38 -1.03 -13.32
N VAL A 282 20.92 -0.79 -14.52
CA VAL A 282 20.81 0.50 -15.20
C VAL A 282 19.43 0.52 -15.81
N ASN A 283 18.55 1.39 -15.32
CA ASN A 283 17.10 1.30 -15.60
C ASN A 283 16.51 2.52 -16.31
N ASN A 284 15.84 2.31 -17.43
CA ASN A 284 15.28 3.46 -18.16
C ASN A 284 13.97 3.94 -17.51
N LEU A 285 13.88 5.23 -17.23
CA LEU A 285 12.66 5.73 -16.64
C LEU A 285 11.55 5.96 -17.64
N GLY A 286 11.82 5.80 -18.93
CA GLY A 286 10.73 5.81 -19.86
C GLY A 286 11.01 6.22 -21.28
N ALA A 287 12.06 6.97 -21.51
CA ALA A 287 12.23 7.52 -22.84
C ALA A 287 13.71 7.71 -23.14
N THR A 288 14.56 6.97 -22.44
CA THR A 288 15.95 7.03 -22.78
C THR A 288 16.24 5.95 -23.81
N PRO A 289 16.85 6.30 -24.95
CA PRO A 289 17.33 5.30 -25.89
C PRO A 289 18.07 4.18 -25.20
N LEU A 290 17.74 2.92 -25.55
CA LEU A 290 18.49 1.78 -24.99
C LEU A 290 20.01 1.97 -25.19
N SER A 291 20.43 2.40 -26.39
CA SER A 291 21.81 2.85 -26.72
C SER A 291 22.52 3.61 -25.58
N GLU A 292 21.85 4.66 -25.11
CA GLU A 292 22.37 5.52 -24.04
C GLU A 292 22.54 4.79 -22.72
N LEU A 293 21.68 3.80 -22.47
CA LEU A 293 21.77 3.04 -21.21
C LEU A 293 23.08 2.29 -21.15
N TYR A 294 23.46 1.70 -22.26
CA TYR A 294 24.78 1.10 -22.34
C TYR A 294 25.94 2.05 -22.11
N GLY A 295 25.85 3.29 -22.57
CA GLY A 295 26.90 4.23 -22.31
C GLY A 295 27.01 4.47 -20.82
N VAL A 296 25.86 4.56 -20.14
CA VAL A 296 25.86 4.70 -18.71
C VAL A 296 26.49 3.45 -18.11
N TYR A 297 25.98 2.27 -18.47
CA TYR A 297 26.56 1.03 -18.00
C TYR A 297 28.09 0.98 -18.12
N ASN A 298 28.61 1.45 -19.25
CA ASN A 298 30.03 1.60 -19.43
C ASN A 298 30.68 2.40 -18.32
N ARG A 299 30.15 3.59 -18.05
CA ARG A 299 30.71 4.48 -17.02
C ARG A 299 30.50 3.89 -15.64
N LEU A 300 29.35 3.24 -15.46
CA LEU A 300 29.08 2.52 -14.23
C LEU A 300 30.19 1.49 -13.87
N THR A 301 30.59 0.64 -14.81
CA THR A 301 31.64 -0.33 -14.49
C THR A 301 32.95 0.36 -14.14
N THR A 302 33.30 1.46 -14.81
CA THR A 302 34.59 2.10 -14.49
C THR A 302 34.61 2.52 -13.03
N ARG A 303 33.45 2.95 -12.54
CA ARG A 303 33.28 3.37 -11.13
C ARG A 303 33.25 2.20 -10.15
N CYS A 304 32.54 1.12 -10.50
CA CYS A 304 32.52 -0.04 -9.66
C CYS A 304 33.92 -0.60 -9.54
N GLN A 305 34.78 -0.37 -10.51
CA GLN A 305 36.08 -0.95 -10.37
C GLN A 305 37.02 -0.20 -9.43
N GLN A 306 37.23 1.09 -9.69
CA GLN A 306 38.02 1.97 -8.79
C GLN A 306 37.51 2.03 -7.34
N ALA A 307 36.22 1.76 -7.14
CA ALA A 307 35.62 1.69 -5.82
C ALA A 307 35.72 0.26 -5.21
N GLY A 308 36.00 -0.74 -6.05
CA GLY A 308 36.32 -2.08 -5.60
C GLY A 308 35.11 -2.96 -5.52
N LEU A 309 34.08 -2.62 -6.27
CA LEU A 309 32.86 -3.41 -6.29
C LEU A 309 32.87 -4.27 -7.54
N THR A 310 32.51 -5.54 -7.38
CA THR A 310 32.63 -6.52 -8.45
C THR A 310 31.21 -6.86 -8.89
N ILE A 311 30.83 -6.41 -10.10
CA ILE A 311 29.47 -6.64 -10.63
C ILE A 311 29.35 -8.07 -11.11
N GLU A 312 28.45 -8.85 -10.55
CA GLU A 312 28.28 -10.23 -10.94
C GLU A 312 27.22 -10.41 -12.01
N ARG A 313 26.22 -9.54 -12.04
CA ARG A 313 25.02 -9.70 -12.88
C ARG A 313 24.50 -8.34 -13.20
N ASN A 314 23.77 -8.18 -14.30
CA ASN A 314 23.25 -6.86 -14.61
C ASN A 314 21.94 -6.97 -15.34
N LEU A 315 21.12 -5.93 -15.22
CA LEU A 315 20.01 -5.74 -16.11
C LEU A 315 20.06 -4.32 -16.65
N ILE A 316 19.77 -4.22 -17.95
CA ILE A 316 19.76 -2.94 -18.65
C ILE A 316 18.46 -2.84 -19.42
N GLY A 317 17.72 -1.76 -19.23
CA GLY A 317 16.47 -1.57 -19.94
C GLY A 317 15.40 -0.95 -19.07
N ALA A 318 14.15 -1.01 -19.55
CA ALA A 318 13.00 -0.34 -18.91
C ALA A 318 12.33 -1.35 -18.01
N TYR A 319 12.77 -1.32 -16.76
CA TYR A 319 12.28 -2.21 -15.75
C TYR A 319 11.33 -1.53 -14.82
N CYS A 320 11.63 -0.29 -14.46
CA CYS A 320 10.79 0.43 -13.53
C CYS A 320 10.67 1.86 -14.01
N THR A 321 9.59 2.17 -14.72
CA THR A 321 9.49 3.44 -15.44
C THR A 321 8.53 4.48 -14.82
N SER A 322 8.62 5.71 -15.33
CA SER A 322 7.74 6.79 -14.93
C SER A 322 7.17 7.44 -16.20
N LEU A 323 6.05 6.89 -16.68
CA LEU A 323 5.51 7.21 -18.00
C LEU A 323 6.61 7.59 -19.01
N ASP A 324 6.50 8.77 -19.59
CA ASP A 324 7.46 9.17 -20.63
C ASP A 324 8.65 10.01 -20.15
N MET A 325 9.06 9.94 -18.88
CA MET A 325 10.19 10.71 -18.39
C MET A 325 11.48 10.34 -19.12
N THR A 326 12.36 11.31 -19.35
CA THR A 326 13.65 10.98 -19.90
C THR A 326 14.70 10.98 -18.81
N GLY A 327 15.04 9.79 -18.33
CA GLY A 327 16.23 9.66 -17.53
C GLY A 327 16.48 8.21 -17.28
N PHE A 328 17.32 7.94 -16.29
CA PHE A 328 17.59 6.61 -15.92
C PHE A 328 17.91 6.66 -14.45
N SER A 329 17.67 5.55 -13.77
CA SER A 329 18.18 5.23 -12.46
C SER A 329 19.25 4.11 -12.51
N ILE A 330 20.14 4.08 -11.52
CA ILE A 330 21.01 2.92 -11.26
C ILE A 330 20.59 2.19 -9.98
N THR A 331 20.46 0.87 -10.00
CA THR A 331 20.39 0.12 -8.74
C THR A 331 21.59 -0.80 -8.54
N LEU A 332 22.21 -0.72 -7.36
CA LEU A 332 23.20 -1.73 -6.94
C LEU A 332 22.72 -2.55 -5.76
N LEU A 333 22.56 -3.84 -6.00
CA LEU A 333 22.13 -4.74 -4.95
C LEU A 333 23.29 -5.63 -4.53
N LYS A 334 23.84 -5.37 -3.34
CA LYS A 334 24.94 -6.16 -2.75
C LYS A 334 24.51 -7.59 -2.58
N VAL A 335 25.35 -8.50 -3.07
CA VAL A 335 25.00 -9.90 -3.10
C VAL A 335 26.08 -10.79 -2.51
N ASP A 336 25.60 -11.99 -2.15
CA ASP A 336 26.39 -13.17 -1.83
C ASP A 336 25.95 -14.32 -2.79
N ASP A 337 26.38 -15.55 -2.47
CA ASP A 337 26.21 -16.70 -3.33
C ASP A 337 24.81 -17.31 -3.47
N GLU A 338 24.11 -17.47 -2.36
CA GLU A 338 22.72 -18.00 -2.36
C GLU A 338 21.84 -16.98 -3.10
N THR A 339 22.21 -15.71 -2.99
CA THR A 339 21.49 -14.63 -3.71
C THR A 339 21.54 -14.92 -5.23
N LEU A 340 22.76 -14.90 -5.81
CA LEU A 340 23.02 -15.28 -7.21
C LEU A 340 22.31 -16.56 -7.65
N ALA A 341 22.41 -17.63 -6.86
CA ALA A 341 21.64 -18.86 -7.08
C ALA A 341 20.15 -18.54 -7.36
N LEU A 342 19.52 -17.72 -6.52
CA LEU A 342 18.16 -17.28 -6.74
C LEU A 342 17.95 -16.34 -7.97
N TRP A 343 18.97 -15.52 -8.26
CA TRP A 343 18.99 -14.72 -9.47
C TRP A 343 18.97 -15.60 -10.71
N ASP A 344 19.82 -16.63 -10.75
CA ASP A 344 19.94 -17.46 -11.91
C ASP A 344 18.73 -18.39 -12.08
N ALA A 345 17.96 -18.58 -11.01
CA ALA A 345 16.80 -19.49 -11.05
C ALA A 345 15.79 -19.09 -12.15
N PRO A 346 14.99 -20.04 -12.66
CA PRO A 346 14.16 -19.64 -13.80
C PRO A 346 13.11 -18.54 -13.47
N VAL A 347 12.51 -17.92 -14.50
CA VAL A 347 11.50 -16.87 -14.30
C VAL A 347 10.67 -16.71 -15.61
N HIS A 348 9.35 -16.80 -15.57
CA HIS A 348 8.59 -16.74 -16.84
C HIS A 348 7.40 -15.74 -16.83
N THR A 349 7.75 -14.44 -16.96
CA THR A 349 6.83 -13.31 -16.83
C THR A 349 6.98 -12.43 -18.05
N PRO A 350 5.95 -11.62 -18.37
CA PRO A 350 6.07 -10.88 -19.62
C PRO A 350 7.34 -10.09 -19.77
N ALA A 351 8.02 -9.72 -18.70
CA ALA A 351 9.17 -8.84 -18.87
C ALA A 351 10.53 -9.34 -18.40
N LEU A 352 10.55 -10.35 -17.52
CA LEU A 352 11.77 -11.10 -17.21
C LEU A 352 11.47 -12.54 -17.56
N ASN A 353 12.32 -13.13 -18.38
CA ASN A 353 12.04 -14.46 -18.84
C ASN A 353 13.25 -15.29 -19.16
N TRP A 354 13.95 -15.76 -18.15
CA TRP A 354 15.01 -16.70 -18.35
C TRP A 354 14.92 -17.99 -17.52
N GLY A 355 15.95 -18.83 -17.69
CA GLY A 355 16.13 -20.14 -17.03
C GLY A 355 15.43 -21.26 -17.78
N LYS A 356 15.60 -22.52 -17.34
CA LYS A 356 14.94 -23.71 -17.98
C LYS A 356 13.40 -23.56 -18.10
N MET B 1 18.39 19.67 -25.30
CA MET B 1 19.68 19.21 -25.93
C MET B 1 19.95 17.83 -25.37
N LYS B 2 18.86 17.11 -25.05
CA LYS B 2 18.78 16.25 -23.84
C LYS B 2 19.16 14.75 -23.98
N LYS B 3 20.32 14.50 -24.60
CA LYS B 3 20.84 13.14 -24.72
C LYS B 3 21.87 12.91 -23.64
N LEU B 4 21.92 11.69 -23.11
CA LEU B 4 22.96 11.20 -22.15
C LEU B 4 24.26 10.77 -22.80
N ILE B 5 25.06 11.75 -23.19
CA ILE B 5 26.22 11.42 -23.97
C ILE B 5 27.38 12.16 -23.37
N ASN B 6 28.55 11.96 -23.96
CA ASN B 6 29.79 12.59 -23.52
C ASN B 6 30.29 13.50 -24.62
N ASP B 7 31.39 13.13 -25.27
CA ASP B 7 31.78 13.78 -26.51
C ASP B 7 30.85 13.32 -27.61
N VAL B 8 30.42 14.24 -28.45
CA VAL B 8 29.52 13.83 -29.49
C VAL B 8 30.21 12.91 -30.50
N GLN B 9 31.55 12.78 -30.51
CA GLN B 9 32.16 11.69 -31.34
C GLN B 9 32.25 10.35 -30.59
N ASP B 10 32.22 10.39 -29.27
CA ASP B 10 32.59 9.19 -28.58
C ASP B 10 31.41 8.28 -28.32
N VAL B 11 30.23 8.73 -28.75
CA VAL B 11 28.99 8.03 -28.47
C VAL B 11 29.16 6.54 -28.66
N LEU B 12 29.38 6.08 -29.89
CA LEU B 12 29.30 4.65 -30.24
C LEU B 12 30.32 3.80 -29.50
N ASP B 13 31.53 4.33 -29.39
CA ASP B 13 32.61 3.71 -28.66
C ASP B 13 32.32 3.44 -27.21
N GLU B 14 31.78 4.42 -26.51
CA GLU B 14 31.28 4.21 -25.15
C GLU B 14 30.14 3.20 -25.11
N GLN B 15 29.08 3.42 -25.90
CA GLN B 15 27.98 2.44 -25.90
C GLN B 15 28.40 0.99 -26.20
N LEU B 16 29.20 0.80 -27.26
CA LEU B 16 29.73 -0.50 -27.67
C LEU B 16 30.70 -1.03 -26.62
N ALA B 17 31.54 -0.18 -26.04
CA ALA B 17 32.33 -0.63 -24.90
C ALA B 17 31.38 -1.22 -23.81
N GLY B 18 30.39 -0.45 -23.35
CA GLY B 18 29.41 -0.93 -22.38
C GLY B 18 28.66 -2.16 -22.86
N LEU B 19 28.22 -2.19 -24.11
CA LEU B 19 27.56 -3.42 -24.59
C LEU B 19 28.42 -4.67 -24.41
N ALA B 20 29.73 -4.53 -24.61
CA ALA B 20 30.65 -5.66 -24.50
C ALA B 20 30.75 -6.07 -23.06
N LYS B 21 30.78 -5.09 -22.16
CA LYS B 21 30.96 -5.39 -20.76
C LYS B 21 29.64 -5.89 -20.20
N ALA B 22 28.55 -5.54 -20.84
CA ALA B 22 27.26 -5.99 -20.36
C ALA B 22 27.10 -7.49 -20.56
N HIS B 23 27.80 -8.01 -21.58
CA HIS B 23 27.57 -9.33 -22.15
C HIS B 23 28.88 -10.02 -22.55
N PRO B 24 29.42 -10.79 -21.62
CA PRO B 24 30.60 -11.58 -21.93
C PRO B 24 30.33 -12.64 -23.04
N SER B 25 29.08 -13.03 -23.26
CA SER B 25 28.77 -13.92 -24.38
C SER B 25 29.02 -13.21 -25.72
N LEU B 26 29.29 -11.91 -25.68
CA LEU B 26 29.66 -11.11 -26.87
C LEU B 26 31.16 -10.76 -26.98
N THR B 27 31.65 -10.63 -28.21
CA THR B 27 32.98 -10.03 -28.46
C THR B 27 32.92 -8.77 -29.36
N LEU B 28 33.60 -7.73 -28.90
CA LEU B 28 33.77 -6.48 -29.60
C LEU B 28 35.09 -6.53 -30.33
N HIS B 29 35.13 -6.43 -31.66
CA HIS B 29 36.43 -6.36 -32.28
C HIS B 29 36.80 -4.88 -32.42
N GLN B 30 38.08 -4.55 -32.19
CA GLN B 30 38.63 -3.21 -32.54
C GLN B 30 39.40 -3.28 -33.86
N ASP B 31 39.43 -2.16 -34.60
CA ASP B 31 40.21 -2.01 -35.85
C ASP B 31 39.97 -3.12 -36.87
N PRO B 32 38.77 -3.21 -37.43
CA PRO B 32 37.53 -2.44 -37.29
C PRO B 32 36.60 -2.94 -36.18
N VAL B 33 35.54 -2.18 -35.89
CA VAL B 33 34.45 -2.64 -35.05
C VAL B 33 33.53 -3.64 -35.75
N TYR B 34 33.28 -4.77 -35.08
CA TYR B 34 32.12 -5.58 -35.38
C TYR B 34 31.93 -6.42 -34.15
N VAL B 35 30.77 -7.04 -34.04
CA VAL B 35 30.52 -7.80 -32.84
C VAL B 35 30.18 -9.22 -33.26
N THR B 36 30.74 -10.21 -32.55
CA THR B 36 30.46 -11.65 -32.77
C THR B 36 30.04 -12.34 -31.46
N ARG B 37 29.50 -13.57 -31.57
CA ARG B 37 29.36 -14.50 -30.43
C ARG B 37 30.75 -14.73 -29.86
N ALA B 38 30.91 -14.74 -28.54
CA ALA B 38 32.23 -14.93 -27.92
C ALA B 38 32.81 -16.30 -28.27
N ASP B 39 31.96 -17.20 -28.70
CA ASP B 39 32.38 -18.55 -29.06
C ASP B 39 32.41 -18.74 -30.57
N ALA B 40 32.78 -17.72 -31.35
CA ALA B 40 32.84 -17.91 -32.79
C ALA B 40 34.30 -18.20 -33.23
N PRO B 41 34.51 -18.80 -34.42
CA PRO B 41 33.49 -19.33 -35.36
C PRO B 41 32.76 -20.57 -34.81
N VAL B 42 31.45 -20.62 -34.91
CA VAL B 42 30.75 -21.85 -34.54
C VAL B 42 30.82 -22.92 -35.64
N ALA B 43 31.81 -23.83 -35.52
CA ALA B 43 31.99 -25.02 -36.41
C ALA B 43 30.68 -25.83 -36.57
N GLY B 44 30.30 -26.11 -37.81
CA GLY B 44 29.12 -26.94 -38.10
C GLY B 44 27.86 -26.26 -38.61
N LYS B 45 27.67 -24.99 -38.28
CA LYS B 45 26.40 -24.36 -38.58
C LYS B 45 26.60 -23.21 -39.54
N VAL B 46 25.61 -23.00 -40.43
CA VAL B 46 25.51 -21.78 -41.23
C VAL B 46 25.74 -20.60 -40.26
N ALA B 47 26.84 -19.87 -40.40
CA ALA B 47 27.02 -18.60 -39.69
C ALA B 47 26.07 -17.53 -40.29
N LEU B 48 25.20 -16.97 -39.45
CA LEU B 48 24.19 -16.02 -39.91
C LEU B 48 24.61 -14.66 -39.44
N LEU B 49 24.34 -13.62 -40.22
CA LEU B 49 25.01 -12.35 -39.99
C LEU B 49 24.27 -11.16 -40.55
N SER B 50 24.34 -10.04 -39.83
CA SER B 50 23.64 -8.84 -40.27
C SER B 50 24.21 -7.49 -39.75
N GLY B 51 23.58 -6.39 -40.15
CA GLY B 51 24.09 -5.11 -39.77
C GLY B 51 23.42 -3.95 -40.46
N GLY B 52 23.85 -2.77 -40.10
CA GLY B 52 23.33 -1.51 -40.63
C GLY B 52 23.81 -0.37 -39.74
N GLY B 53 23.24 0.80 -39.91
CA GLY B 53 23.67 1.85 -39.02
C GLY B 53 23.32 1.54 -37.58
N SER B 54 24.08 2.12 -36.64
CA SER B 54 23.62 2.23 -35.28
C SER B 54 22.43 3.16 -35.11
N GLY B 55 21.80 3.09 -33.94
CA GLY B 55 20.69 3.99 -33.66
C GLY B 55 19.35 3.29 -33.63
N HIS B 56 19.35 1.96 -33.83
CA HIS B 56 18.13 1.20 -33.74
C HIS B 56 18.34 0.10 -32.74
N GLU B 57 19.33 0.22 -31.86
CA GLU B 57 19.42 -0.72 -30.76
C GLU B 57 18.00 -1.13 -30.20
N PRO B 58 17.79 -2.44 -29.87
CA PRO B 58 18.78 -3.54 -29.90
C PRO B 58 19.10 -4.11 -31.29
N MET B 59 18.35 -3.74 -32.33
CA MET B 59 18.75 -4.20 -33.68
C MET B 59 20.12 -3.54 -34.06
N HIS B 60 21.14 -4.23 -34.54
CA HIS B 60 21.21 -5.67 -34.76
C HIS B 60 22.04 -6.38 -33.67
N CYS B 61 22.93 -5.64 -33.00
CA CYS B 61 23.81 -6.25 -32.02
C CYS B 61 23.10 -6.96 -30.89
N GLY B 62 21.83 -6.59 -30.71
CA GLY B 62 21.05 -7.05 -29.58
C GLY B 62 20.57 -8.44 -29.75
N TYR B 63 20.74 -8.98 -30.95
CA TYR B 63 20.19 -10.25 -31.36
C TYR B 63 21.21 -11.33 -31.69
N ILE B 64 22.48 -11.06 -31.35
CA ILE B 64 23.60 -12.01 -31.44
C ILE B 64 23.58 -13.09 -30.35
N GLY B 65 23.50 -14.34 -30.80
CA GLY B 65 23.75 -15.50 -29.97
C GLY B 65 22.96 -16.67 -30.47
N GLN B 66 22.92 -17.72 -29.65
CA GLN B 66 22.30 -18.99 -30.01
C GLN B 66 20.88 -18.79 -30.51
N GLY B 67 20.56 -19.42 -31.64
CA GLY B 67 19.25 -19.24 -32.23
C GLY B 67 19.10 -18.01 -33.11
N MET B 68 20.12 -17.14 -33.18
CA MET B 68 19.99 -15.90 -33.95
C MET B 68 21.27 -15.49 -34.71
N LEU B 69 21.57 -14.21 -34.81
CA LEU B 69 22.79 -13.82 -35.52
C LEU B 69 24.06 -14.38 -34.86
N SER B 70 24.98 -14.84 -35.74
CA SER B 70 26.34 -15.21 -35.37
C SER B 70 27.14 -13.96 -35.05
N GLY B 71 26.82 -12.87 -35.74
CA GLY B 71 27.49 -11.60 -35.51
C GLY B 71 26.79 -10.50 -36.27
N ALA B 72 27.15 -9.27 -35.93
CA ALA B 72 26.52 -8.05 -36.45
C ALA B 72 27.60 -7.02 -36.77
N CYS B 73 27.33 -6.18 -37.77
CA CYS B 73 28.20 -5.04 -38.11
C CYS B 73 27.49 -3.68 -37.94
N PRO B 74 27.71 -2.98 -36.81
CA PRO B 74 27.11 -1.66 -36.70
C PRO B 74 27.93 -0.62 -37.40
N GLY B 75 27.27 0.30 -38.09
CA GLY B 75 27.96 1.45 -38.69
C GLY B 75 27.94 2.64 -37.76
N GLU B 76 28.31 3.82 -38.25
CA GLU B 76 27.99 4.98 -37.46
C GLU B 76 26.47 5.10 -37.25
N ILE B 77 26.08 6.02 -36.39
CA ILE B 77 24.67 6.30 -36.21
C ILE B 77 24.01 6.59 -37.58
N PHE B 78 23.02 5.78 -37.95
CA PHE B 78 22.27 5.87 -39.23
C PHE B 78 23.12 5.67 -40.53
N LEU B 79 24.31 5.10 -40.41
CA LEU B 79 25.06 4.77 -41.62
C LEU B 79 25.32 3.29 -41.69
N SER B 80 25.01 2.71 -42.85
CA SER B 80 25.51 1.40 -43.17
C SER B 80 26.99 1.29 -42.81
N PRO B 81 27.43 0.11 -42.37
CA PRO B 81 28.87 -0.10 -42.13
C PRO B 81 29.57 -0.30 -43.45
N THR B 82 30.89 -0.28 -43.44
CA THR B 82 31.62 -0.37 -44.72
C THR B 82 32.10 -1.78 -45.01
N PRO B 83 32.30 -2.11 -46.30
CA PRO B 83 32.63 -3.48 -46.68
C PRO B 83 33.70 -4.15 -45.79
N ASP B 84 34.81 -3.45 -45.56
CA ASP B 84 35.90 -4.02 -44.75
C ASP B 84 35.38 -4.71 -43.49
N LYS B 85 34.52 -4.01 -42.74
CA LYS B 85 33.80 -4.56 -41.55
C LYS B 85 32.99 -5.83 -41.85
N ILE B 86 31.93 -5.70 -42.64
CA ILE B 86 31.14 -6.84 -43.09
C ILE B 86 32.03 -8.02 -43.51
N PHE B 87 33.01 -7.79 -44.40
CA PHE B 87 33.92 -8.83 -44.78
C PHE B 87 34.48 -9.54 -43.56
N GLU B 88 35.13 -8.78 -42.72
CA GLU B 88 35.93 -9.37 -41.68
C GLU B 88 35.09 -10.08 -40.65
N CYS B 89 33.98 -9.46 -40.28
CA CYS B 89 33.03 -10.08 -39.40
C CYS B 89 32.55 -11.35 -40.01
N ALA B 90 32.12 -11.30 -41.27
CA ALA B 90 31.72 -12.55 -41.95
C ALA B 90 32.83 -13.60 -41.96
N MET B 91 34.08 -13.18 -41.92
CA MET B 91 35.13 -14.18 -41.82
C MET B 91 35.44 -14.68 -40.41
N GLN B 92 35.17 -13.86 -39.42
CA GLN B 92 35.34 -14.25 -38.04
C GLN B 92 34.31 -15.29 -37.70
N VAL B 93 33.13 -15.20 -38.33
CA VAL B 93 32.02 -16.07 -37.97
C VAL B 93 32.03 -17.36 -38.74
N ASP B 94 32.35 -17.31 -40.02
CA ASP B 94 32.35 -18.52 -40.88
C ASP B 94 32.65 -19.85 -40.15
N GLY B 95 31.65 -20.74 -40.14
CA GLY B 95 31.70 -21.98 -39.37
C GLY B 95 32.14 -23.16 -40.23
N GLY B 96 31.73 -23.15 -41.50
CA GLY B 96 32.24 -24.06 -42.50
C GLY B 96 31.12 -24.46 -43.42
N GLU B 97 29.93 -23.98 -43.12
CA GLU B 97 28.76 -24.28 -43.93
C GLU B 97 28.25 -22.99 -44.60
N GLY B 98 29.19 -22.11 -44.93
CA GLY B 98 28.87 -20.78 -45.43
C GLY B 98 28.14 -19.78 -44.47
N VAL B 99 27.92 -18.59 -45.05
CA VAL B 99 27.54 -17.41 -44.34
C VAL B 99 26.35 -16.71 -45.00
N LEU B 100 25.29 -16.45 -44.23
CA LEU B 100 24.11 -15.88 -44.80
C LEU B 100 23.91 -14.45 -44.27
N LEU B 101 23.94 -13.45 -45.17
CA LEU B 101 23.87 -12.03 -44.83
C LEU B 101 22.48 -11.52 -45.08
N ILE B 102 21.84 -11.11 -43.99
CA ILE B 102 20.59 -10.47 -44.07
C ILE B 102 20.86 -8.98 -44.20
N ILE B 103 20.09 -8.31 -45.05
CA ILE B 103 20.35 -6.94 -45.46
C ILE B 103 19.06 -6.15 -45.56
N LYS B 104 19.02 -4.98 -44.92
CA LYS B 104 17.85 -4.12 -45.07
C LYS B 104 17.87 -3.30 -46.37
N ASN B 105 16.70 -3.05 -46.92
CA ASN B 105 16.65 -2.33 -48.18
C ASN B 105 16.95 -0.82 -48.12
N TYR B 106 18.23 -0.47 -48.04
CA TYR B 106 18.66 0.92 -48.09
C TYR B 106 19.86 1.03 -49.04
N THR B 107 19.90 2.12 -49.79
CA THR B 107 20.97 2.31 -50.77
C THR B 107 22.34 2.05 -50.16
N GLY B 108 22.61 2.66 -49.02
CA GLY B 108 23.87 2.43 -48.35
C GLY B 108 24.09 0.97 -47.99
N ASP B 109 23.22 0.44 -47.13
CA ASP B 109 23.21 -0.98 -46.85
C ASP B 109 23.43 -1.83 -48.08
N ILE B 110 22.56 -1.70 -49.08
CA ILE B 110 22.59 -2.57 -50.26
C ILE B 110 23.97 -2.47 -50.93
N LEU B 111 24.39 -1.25 -51.27
CA LEU B 111 25.71 -1.05 -51.86
C LEU B 111 26.84 -1.71 -51.04
N ASN B 112 26.92 -1.46 -49.72
CA ASN B 112 28.09 -1.94 -48.95
C ASN B 112 28.09 -3.42 -48.74
N PHE B 113 26.91 -3.95 -48.44
CA PHE B 113 26.79 -5.37 -48.19
C PHE B 113 27.04 -6.17 -49.47
N GLU B 114 26.66 -5.58 -50.61
CA GLU B 114 26.80 -6.26 -51.89
C GLU B 114 28.27 -6.36 -52.20
N THR B 115 28.99 -5.26 -51.98
CA THR B 115 30.43 -5.24 -52.22
C THR B 115 31.13 -6.16 -51.24
N ALA B 116 30.55 -6.30 -50.06
CA ALA B 116 31.15 -7.17 -49.08
C ALA B 116 31.00 -8.64 -49.50
N THR B 117 29.80 -9.01 -49.98
CA THR B 117 29.54 -10.37 -50.48
C THR B 117 30.57 -10.81 -51.54
N GLU B 118 30.70 -10.01 -52.59
CA GLU B 118 31.69 -10.26 -53.63
C GLU B 118 33.07 -10.41 -53.03
N LEU B 119 33.42 -9.50 -52.11
CA LEU B 119 34.73 -9.62 -51.50
C LEU B 119 34.93 -10.99 -50.85
N LEU B 120 33.89 -11.48 -50.18
CA LEU B 120 33.94 -12.75 -49.47
C LEU B 120 34.01 -13.91 -50.45
N HIS B 121 33.11 -13.86 -51.41
CA HIS B 121 33.05 -14.86 -52.47
C HIS B 121 34.44 -14.98 -53.11
N ASP B 122 35.05 -13.85 -53.51
CA ASP B 122 36.42 -13.82 -54.07
C ASP B 122 37.48 -14.45 -53.17
N SER B 123 37.19 -14.64 -51.89
CA SER B 123 38.10 -15.32 -50.99
C SER B 123 37.74 -16.77 -50.88
N GLY B 124 36.71 -17.21 -51.59
CA GLY B 124 36.26 -18.58 -51.46
C GLY B 124 35.55 -18.74 -50.13
N VAL B 125 34.50 -17.94 -49.94
CA VAL B 125 33.54 -18.14 -48.88
C VAL B 125 32.20 -18.36 -49.57
N LYS B 126 31.53 -19.41 -49.12
CA LYS B 126 30.22 -19.69 -49.65
C LYS B 126 29.38 -18.67 -48.89
N VAL B 127 28.54 -17.92 -49.60
CA VAL B 127 27.78 -16.84 -48.97
C VAL B 127 26.61 -16.50 -49.84
N THR B 128 25.52 -16.08 -49.20
CA THR B 128 24.39 -15.60 -49.99
C THR B 128 23.48 -14.71 -49.17
N THR B 129 22.52 -14.07 -49.84
CA THR B 129 21.84 -12.94 -49.24
C THR B 129 20.32 -12.93 -49.13
N VAL B 130 19.83 -12.21 -48.12
CA VAL B 130 18.39 -11.96 -48.00
C VAL B 130 18.09 -10.48 -47.75
N VAL B 131 17.19 -9.92 -48.54
CA VAL B 131 16.91 -8.48 -48.46
C VAL B 131 15.54 -8.24 -47.80
N ILE B 132 15.48 -7.34 -46.82
CA ILE B 132 14.21 -7.11 -46.17
C ILE B 132 13.57 -5.83 -46.70
N ASP B 133 12.33 -5.94 -47.20
CA ASP B 133 11.55 -4.80 -47.68
C ASP B 133 10.11 -4.82 -47.17
N ASP B 134 9.92 -4.67 -45.86
CA ASP B 134 8.58 -4.80 -45.29
C ASP B 134 7.81 -3.55 -45.35
N ASP B 135 8.49 -2.43 -45.21
CA ASP B 135 7.80 -1.17 -44.96
C ASP B 135 6.96 -0.73 -46.16
N VAL B 136 5.65 -0.76 -45.95
CA VAL B 136 4.68 -0.65 -47.02
C VAL B 136 4.38 0.80 -47.35
N ALA B 137 5.03 1.71 -46.63
CA ALA B 137 4.60 3.10 -46.59
C ALA B 137 4.77 3.86 -47.90
N VAL B 138 5.98 4.20 -48.32
CA VAL B 138 6.12 4.82 -49.63
C VAL B 138 7.00 3.91 -50.52
N LYS B 139 7.26 4.32 -51.75
CA LYS B 139 8.22 3.61 -52.64
C LYS B 139 9.44 4.52 -52.97
N ASP B 140 10.60 3.90 -53.23
CA ASP B 140 11.86 4.62 -53.49
C ASP B 140 12.03 5.90 -52.56
N SER B 141 12.28 5.73 -51.25
CA SER B 141 12.36 6.89 -50.28
C SER B 141 13.64 7.79 -50.38
N LEU B 142 14.13 8.34 -49.25
CA LEU B 142 15.27 9.30 -49.28
C LEU B 142 16.67 8.66 -49.05
N TYR B 143 16.65 7.39 -48.64
CA TYR B 143 17.83 6.51 -48.47
C TYR B 143 17.61 5.09 -49.10
N THR B 144 16.44 4.85 -49.68
CA THR B 144 16.06 3.52 -50.17
C THR B 144 15.64 3.57 -51.63
N ALA B 145 15.90 2.48 -52.37
CA ALA B 145 15.31 2.23 -53.69
C ALA B 145 14.24 1.12 -53.53
N GLY B 146 12.97 1.48 -53.70
CA GLY B 146 11.83 0.56 -53.41
C GLY B 146 11.29 0.71 -51.98
N ARG B 147 11.01 -0.44 -51.33
CA ARG B 147 10.45 -0.45 -49.98
C ARG B 147 11.49 -0.63 -48.93
N ARG B 148 11.38 0.21 -47.91
CA ARG B 148 12.35 0.23 -46.84
C ARG B 148 12.29 -1.05 -45.96
N GLY B 149 13.41 -1.44 -45.37
CA GLY B 149 13.45 -2.64 -44.51
C GLY B 149 13.47 -2.26 -43.04
N VAL B 150 12.43 -2.65 -42.30
CA VAL B 150 12.23 -2.20 -40.93
C VAL B 150 12.04 -3.43 -39.99
N ALA B 151 11.18 -3.31 -38.97
CA ALA B 151 11.01 -4.33 -37.90
C ALA B 151 10.92 -5.84 -38.28
N ASN B 152 10.32 -6.17 -39.43
CA ASN B 152 10.22 -7.58 -39.80
C ASN B 152 11.55 -8.34 -39.82
N THR B 153 12.64 -7.58 -39.96
CA THR B 153 14.02 -8.10 -39.92
C THR B 153 14.39 -8.81 -38.64
N VAL B 154 13.75 -8.40 -37.55
CA VAL B 154 13.93 -9.05 -36.26
C VAL B 154 13.22 -10.44 -36.27
N LEU B 155 11.97 -10.46 -36.70
CA LEU B 155 11.22 -11.68 -36.86
C LEU B 155 12.06 -12.64 -37.68
N ILE B 156 12.50 -12.17 -38.86
CA ILE B 156 13.24 -13.04 -39.80
C ILE B 156 14.55 -13.57 -39.19
N GLU B 157 15.38 -12.70 -38.61
CA GLU B 157 16.62 -13.14 -38.01
C GLU B 157 16.40 -14.18 -36.86
N LYS B 158 15.22 -14.12 -36.22
CA LYS B 158 14.80 -15.13 -35.27
C LYS B 158 14.43 -16.45 -35.99
N LEU B 159 13.44 -16.40 -36.89
CA LEU B 159 12.98 -17.60 -37.57
C LEU B 159 14.11 -18.23 -38.34
N VAL B 160 14.68 -17.52 -39.30
CA VAL B 160 15.92 -17.98 -39.94
C VAL B 160 17.01 -18.37 -38.90
N GLY B 161 17.19 -17.55 -37.86
CA GLY B 161 18.21 -17.84 -36.84
C GLY B 161 18.18 -19.28 -36.35
N ALA B 162 16.93 -19.72 -36.12
CA ALA B 162 16.56 -21.03 -35.60
C ALA B 162 16.78 -22.16 -36.58
N ALA B 163 16.51 -21.93 -37.88
CA ALA B 163 16.77 -22.93 -38.92
C ALA B 163 18.28 -23.16 -38.94
N ALA B 164 19.05 -22.10 -39.16
CA ALA B 164 20.48 -22.15 -38.93
C ALA B 164 20.91 -23.00 -37.71
N GLU B 165 20.27 -22.80 -36.57
CA GLU B 165 20.66 -23.52 -35.37
C GLU B 165 20.44 -25.05 -35.49
N ARG B 166 19.25 -25.40 -35.95
CA ARG B 166 18.76 -26.76 -36.13
C ARG B 166 19.69 -27.63 -37.00
N GLY B 167 20.29 -26.94 -37.99
CA GLY B 167 21.23 -27.52 -38.93
C GLY B 167 20.81 -27.45 -40.39
N ASP B 168 19.82 -26.61 -40.71
CA ASP B 168 19.41 -26.43 -42.12
C ASP B 168 20.56 -25.89 -42.97
N SER B 169 20.48 -26.05 -44.28
CA SER B 169 21.63 -25.76 -45.13
C SER B 169 21.51 -24.33 -45.62
N LEU B 170 22.58 -23.80 -46.20
CA LEU B 170 22.57 -22.42 -46.66
C LEU B 170 21.37 -22.09 -47.55
N ASP B 171 21.06 -22.90 -48.57
CA ASP B 171 19.94 -22.55 -49.45
C ASP B 171 18.60 -22.62 -48.73
N ALA B 172 18.49 -23.52 -47.75
CA ALA B 172 17.28 -23.70 -46.94
C ALA B 172 17.00 -22.44 -46.10
N CYS B 173 18.05 -22.01 -45.38
CA CYS B 173 18.06 -20.79 -44.62
C CYS B 173 17.67 -19.60 -45.48
N ALA B 174 18.40 -19.40 -46.58
CA ALA B 174 18.11 -18.36 -47.55
C ALA B 174 16.69 -18.37 -48.10
N GLU B 175 16.12 -19.52 -48.43
CA GLU B 175 14.75 -19.46 -48.93
C GLU B 175 13.73 -19.31 -47.81
N LEU B 176 14.08 -19.76 -46.60
CA LEU B 176 13.23 -19.46 -45.46
C LEU B 176 13.20 -17.94 -45.40
N GLY B 177 14.42 -17.38 -45.48
CA GLY B 177 14.63 -15.95 -45.48
C GLY B 177 13.72 -15.26 -46.46
N ARG B 178 13.76 -15.69 -47.71
CA ARG B 178 13.10 -14.92 -48.75
C ARG B 178 11.60 -15.12 -48.76
N LYS B 179 11.15 -16.35 -48.47
CA LYS B 179 9.70 -16.71 -48.25
C LYS B 179 9.11 -15.74 -47.17
N LEU B 180 9.78 -15.72 -46.00
CA LEU B 180 9.32 -14.91 -44.88
C LEU B 180 9.25 -13.45 -45.28
N ASN B 181 10.27 -12.96 -46.00
CA ASN B 181 10.25 -11.58 -46.51
C ASN B 181 9.00 -11.25 -47.37
N ASN B 182 8.46 -12.19 -48.13
CA ASN B 182 7.26 -11.87 -48.90
C ASN B 182 5.96 -11.95 -48.09
N GLN B 183 6.09 -12.13 -46.77
CA GLN B 183 4.96 -12.41 -45.91
C GLN B 183 4.78 -11.47 -44.71
N GLY B 184 5.79 -10.66 -44.41
CA GLY B 184 5.69 -9.65 -43.35
C GLY B 184 5.33 -8.28 -43.90
N HIS B 185 4.53 -7.52 -43.15
CA HIS B 185 4.06 -6.19 -43.59
C HIS B 185 4.21 -5.18 -42.46
N SER B 186 4.96 -4.08 -42.70
CA SER B 186 5.23 -3.12 -41.60
C SER B 186 4.79 -1.69 -41.85
N ILE B 187 4.37 -0.98 -40.81
CA ILE B 187 4.09 0.45 -40.94
C ILE B 187 4.40 1.20 -39.62
N GLY B 188 4.71 2.50 -39.71
CA GLY B 188 5.30 3.21 -38.60
C GLY B 188 4.80 4.64 -38.62
N ILE B 189 4.65 5.23 -37.44
CA ILE B 189 4.20 6.60 -37.35
C ILE B 189 5.01 7.26 -36.25
N ALA B 190 5.18 8.58 -36.34
CA ALA B 190 5.94 9.38 -35.38
C ALA B 190 5.17 10.59 -34.84
N LEU B 191 5.29 10.87 -33.55
CA LEU B 191 4.69 12.08 -33.01
C LEU B 191 5.81 13.03 -32.63
N GLY B 192 7.03 12.51 -32.67
CA GLY B 192 8.22 13.26 -32.31
C GLY B 192 9.40 12.67 -33.00
N ALA B 193 10.20 13.52 -33.62
CA ALA B 193 11.34 13.09 -34.40
C ALA B 193 12.50 12.59 -33.52
N CYS B 194 13.32 11.71 -34.04
CA CYS B 194 14.57 11.43 -33.36
C CYS B 194 15.58 12.56 -33.67
N THR B 195 16.62 12.64 -32.87
CA THR B 195 17.69 13.62 -33.08
C THR B 195 19.00 12.85 -33.19
N VAL B 196 19.75 12.91 -34.30
CA VAL B 196 21.01 12.19 -34.25
C VAL B 196 22.02 13.03 -33.45
N PRO B 197 22.71 12.42 -32.47
CA PRO B 197 23.62 13.21 -31.63
C PRO B 197 24.45 14.20 -32.44
N ALA B 198 25.27 13.71 -33.37
CA ALA B 198 26.14 14.63 -34.17
C ALA B 198 25.45 15.84 -34.77
N ALA B 199 24.19 15.72 -35.17
CA ALA B 199 23.43 16.85 -35.77
C ALA B 199 23.11 18.00 -34.83
N GLY B 200 22.80 17.66 -33.57
CA GLY B 200 22.40 18.64 -32.59
C GLY B 200 20.91 18.84 -32.63
N LYS B 201 20.30 18.70 -33.80
CA LYS B 201 18.94 19.16 -34.03
C LYS B 201 18.01 17.98 -34.34
N PRO B 202 16.69 18.12 -34.06
CA PRO B 202 15.75 17.07 -34.52
C PRO B 202 15.85 16.91 -36.01
N SER B 203 15.32 15.82 -36.55
CA SER B 203 15.62 15.52 -37.95
C SER B 203 14.43 15.64 -38.93
N PHE B 204 13.30 16.07 -38.39
CA PHE B 204 12.20 16.70 -39.09
C PHE B 204 11.49 17.30 -37.92
N THR B 205 10.75 18.37 -38.13
CA THR B 205 10.00 18.86 -37.01
C THR B 205 8.51 18.82 -37.37
N LEU B 206 7.67 18.52 -36.37
CA LEU B 206 6.25 18.29 -36.60
C LEU B 206 5.52 19.42 -35.95
N ALA B 207 4.45 19.90 -36.56
CA ALA B 207 3.60 20.86 -35.87
C ALA B 207 2.82 20.13 -34.78
N ASP B 208 2.12 20.90 -33.94
CA ASP B 208 1.22 20.36 -32.91
C ASP B 208 0.41 19.20 -33.43
N ASN B 209 0.30 18.13 -32.68
CA ASN B 209 -0.79 17.19 -32.93
C ASN B 209 -0.77 16.71 -34.35
N GLU B 210 0.43 16.49 -34.83
CA GLU B 210 0.62 16.07 -36.18
C GLU B 210 1.41 14.82 -36.11
N MET B 211 1.15 13.87 -36.98
CA MET B 211 2.04 12.73 -37.04
C MET B 211 2.67 12.58 -38.41
N GLU B 212 3.84 12.00 -38.46
CA GLU B 212 4.38 11.55 -39.70
C GLU B 212 3.84 10.14 -39.97
N PHE B 213 2.90 10.02 -40.90
CA PHE B 213 2.28 8.73 -41.18
C PHE B 213 3.11 7.94 -42.18
N GLY B 214 3.59 6.78 -41.77
CA GLY B 214 4.45 5.96 -42.61
C GLY B 214 5.93 6.39 -42.55
N VAL B 215 6.33 7.01 -41.45
CA VAL B 215 7.72 7.37 -41.19
C VAL B 215 8.64 6.14 -41.29
N GLY B 216 9.92 6.37 -41.63
CA GLY B 216 10.92 5.30 -41.71
C GLY B 216 11.82 5.41 -40.50
N ILE B 217 12.64 4.39 -40.25
CA ILE B 217 13.42 4.31 -39.02
C ILE B 217 14.67 5.19 -39.01
N HIS B 218 14.93 5.94 -40.07
CA HIS B 218 16.08 6.82 -40.04
C HIS B 218 15.51 8.22 -40.02
N GLY B 219 14.22 8.34 -39.72
CA GLY B 219 13.55 9.63 -39.70
C GLY B 219 13.08 10.11 -41.07
N GLU B 220 12.85 9.19 -41.98
CA GLU B 220 12.49 9.63 -43.33
C GLU B 220 11.03 10.11 -43.40
N PRO B 221 10.75 11.06 -44.32
CA PRO B 221 9.35 11.39 -44.59
C PRO B 221 8.57 10.08 -44.84
N GLY B 222 7.28 10.10 -44.50
CA GLY B 222 6.37 8.98 -44.77
C GLY B 222 5.35 9.37 -45.81
N ILE B 223 4.18 8.75 -45.75
CA ILE B 223 3.09 9.01 -46.67
C ILE B 223 2.65 10.46 -46.61
N ASP B 224 2.46 10.97 -45.40
CA ASP B 224 2.15 12.39 -45.25
C ASP B 224 2.34 12.81 -43.84
N ARG B 225 1.89 14.00 -43.53
CA ARG B 225 1.65 14.38 -42.16
C ARG B 225 0.15 14.53 -42.06
N ARG B 226 -0.39 14.49 -40.86
CA ARG B 226 -1.84 14.52 -40.68
C ARG B 226 -2.13 14.64 -39.21
N PRO B 227 -3.35 15.10 -38.86
CA PRO B 227 -3.74 15.36 -37.46
C PRO B 227 -3.67 14.07 -36.66
N PHE B 228 -2.99 14.08 -35.52
CA PHE B 228 -3.13 12.93 -34.65
C PHE B 228 -4.51 13.10 -34.03
N SER B 229 -5.36 12.13 -34.29
CA SER B 229 -6.70 12.24 -33.78
C SER B 229 -6.91 11.46 -32.49
N SER B 230 -6.64 10.16 -32.51
CA SER B 230 -6.62 9.29 -31.34
C SER B 230 -5.82 8.06 -31.67
N LEU B 231 -5.31 7.41 -30.64
CA LEU B 231 -4.60 6.15 -30.78
C LEU B 231 -5.39 5.18 -31.63
N ASP B 232 -6.70 5.20 -31.43
CA ASP B 232 -7.63 4.31 -32.12
C ASP B 232 -7.59 4.53 -33.59
N GLN B 233 -7.72 5.76 -34.06
CA GLN B 233 -7.79 5.86 -35.48
C GLN B 233 -6.44 5.90 -36.19
N THR B 234 -5.39 6.08 -35.41
CA THR B 234 -4.03 5.85 -35.86
C THR B 234 -3.80 4.38 -36.20
N VAL B 235 -4.13 3.51 -35.26
CA VAL B 235 -4.01 2.08 -35.52
C VAL B 235 -4.92 1.65 -36.68
N ASP B 236 -6.16 2.16 -36.72
CA ASP B 236 -7.05 1.82 -37.79
C ASP B 236 -6.45 2.08 -39.17
N GLU B 237 -5.98 3.31 -39.41
CA GLU B 237 -5.47 3.59 -40.75
C GLU B 237 -4.12 2.91 -41.04
N MET B 238 -3.36 2.65 -39.99
CA MET B 238 -2.14 1.89 -40.12
C MET B 238 -2.51 0.52 -40.61
N PHE B 239 -3.55 -0.02 -40.01
CA PHE B 239 -3.89 -1.41 -40.27
C PHE B 239 -4.46 -1.53 -41.67
N ASP B 240 -5.28 -0.54 -42.03
CA ASP B 240 -5.88 -0.43 -43.34
C ASP B 240 -4.79 -0.29 -44.35
N THR B 241 -3.81 0.57 -44.09
CA THR B 241 -2.69 0.76 -45.02
C THR B 241 -1.88 -0.52 -45.21
N LEU B 242 -1.72 -1.30 -44.14
CA LEU B 242 -1.08 -2.60 -44.25
C LEU B 242 -1.82 -3.50 -45.22
N LEU B 243 -3.13 -3.57 -45.09
CA LEU B 243 -3.88 -4.41 -45.98
C LEU B 243 -3.76 -3.86 -47.41
N VAL B 244 -4.31 -2.65 -47.63
CA VAL B 244 -4.28 -1.87 -48.91
C VAL B 244 -2.93 -1.90 -49.65
N ASN B 245 -1.85 -1.49 -49.00
CA ASN B 245 -0.51 -1.53 -49.62
C ASN B 245 0.17 -2.89 -49.53
N GLY B 246 -0.58 -3.95 -49.21
CA GLY B 246 0.02 -5.28 -49.06
C GLY B 246 0.59 -5.82 -50.36
N SER B 247 -0.30 -6.04 -51.34
CA SER B 247 0.01 -6.37 -52.74
C SER B 247 1.23 -5.63 -53.32
N TYR B 248 2.21 -6.38 -53.81
CA TYR B 248 3.48 -5.79 -54.18
C TYR B 248 4.29 -6.69 -55.08
N HIS B 249 4.38 -6.36 -56.37
CA HIS B 249 5.27 -7.07 -57.32
C HIS B 249 6.53 -6.21 -57.52
N ARG B 250 7.70 -6.81 -57.43
CA ARG B 250 8.97 -6.06 -57.57
C ARG B 250 10.14 -7.00 -57.82
N THR B 251 11.31 -6.45 -58.14
CA THR B 251 12.50 -7.26 -58.42
C THR B 251 13.57 -7.19 -57.32
N LEU B 252 13.89 -8.31 -56.70
CA LEU B 252 15.05 -8.28 -55.82
C LEU B 252 16.24 -8.96 -56.45
N ARG B 253 17.38 -8.88 -55.78
CA ARG B 253 18.50 -9.70 -56.23
C ARG B 253 19.24 -10.40 -55.12
N PHE B 254 19.56 -11.65 -55.40
CA PHE B 254 20.30 -12.47 -54.47
CA PHE B 254 20.30 -12.49 -54.47
C PHE B 254 21.62 -12.89 -55.10
N TRP B 255 22.57 -13.21 -54.24
CA TRP B 255 23.85 -13.64 -54.73
C TRP B 255 23.78 -15.10 -55.05
N ASP B 256 23.74 -15.42 -56.34
CA ASP B 256 23.98 -16.81 -56.77
C ASP B 256 25.47 -17.09 -56.64
N TYR B 257 25.86 -17.98 -55.74
CA TYR B 257 27.27 -18.24 -55.50
C TYR B 257 27.83 -19.35 -56.33
N GLN B 258 26.97 -20.02 -57.09
CA GLN B 258 27.38 -21.11 -57.93
C GLN B 258 27.96 -20.48 -59.16
N GLN B 259 27.25 -19.46 -59.63
CA GLN B 259 27.64 -18.71 -60.82
C GLN B 259 28.35 -17.41 -60.53
N GLY B 260 28.61 -17.13 -59.24
CA GLY B 260 29.28 -15.90 -58.82
C GLY B 260 28.77 -14.60 -59.45
N SER B 261 27.47 -14.32 -59.32
CA SER B 261 26.91 -13.02 -59.70
C SER B 261 25.48 -12.79 -59.18
N TRP B 262 25.09 -11.51 -59.15
CA TRP B 262 23.75 -11.11 -58.78
C TRP B 262 22.70 -11.56 -59.79
N GLN B 263 21.74 -12.33 -59.29
CA GLN B 263 20.62 -12.90 -60.01
C GLN B 263 19.35 -12.10 -59.72
N GLU B 264 18.76 -11.47 -60.73
CA GLU B 264 17.44 -10.82 -60.59
C GLU B 264 16.43 -11.89 -60.24
N GLU B 265 15.54 -11.58 -59.32
CA GLU B 265 14.41 -12.45 -59.06
C GLU B 265 13.19 -11.54 -58.86
N GLN B 266 12.29 -11.58 -59.83
CA GLN B 266 11.04 -10.85 -59.70
C GLN B 266 10.23 -11.64 -58.67
N GLN B 267 9.54 -10.95 -57.78
CA GLN B 267 8.69 -11.65 -56.83
C GLN B 267 7.52 -10.88 -56.27
N THR B 268 6.64 -11.60 -55.58
CA THR B 268 5.31 -11.09 -55.25
C THR B 268 4.95 -11.18 -53.76
N LYS B 269 4.21 -10.19 -53.28
CA LYS B 269 3.57 -10.21 -51.96
C LYS B 269 2.07 -10.24 -52.15
N GLN B 270 1.43 -11.24 -51.54
CA GLN B 270 -0.04 -11.25 -51.32
C GLN B 270 -0.44 -10.35 -50.13
N PRO B 271 -1.54 -9.58 -50.28
CA PRO B 271 -2.21 -8.92 -49.13
C PRO B 271 -2.54 -9.92 -48.02
N LEU B 272 -2.32 -9.55 -46.76
CA LEU B 272 -2.98 -10.32 -45.69
C LEU B 272 -4.51 -10.35 -45.98
N GLN B 273 -5.12 -11.51 -45.76
CA GLN B 273 -6.54 -11.75 -46.10
C GLN B 273 -7.20 -12.61 -45.04
N SER B 274 -8.53 -12.52 -45.00
CA SER B 274 -9.34 -13.30 -44.05
C SER B 274 -8.87 -14.76 -44.06
N GLY B 275 -8.62 -15.36 -42.90
CA GLY B 275 -8.11 -16.70 -42.85
C GLY B 275 -6.62 -16.81 -42.53
N ASP B 276 -5.84 -15.76 -42.75
CA ASP B 276 -4.41 -15.79 -42.42
C ASP B 276 -4.03 -15.90 -40.93
N ARG B 277 -2.84 -16.44 -40.64
CA ARG B 277 -2.32 -16.49 -39.25
C ARG B 277 -0.99 -15.71 -39.13
N VAL B 278 -0.92 -14.79 -38.18
CA VAL B 278 0.26 -13.91 -38.10
C VAL B 278 0.98 -13.96 -36.77
N ILE B 279 2.25 -13.58 -36.81
CA ILE B 279 2.95 -13.11 -35.67
C ILE B 279 2.82 -11.56 -35.74
N ALA B 280 2.53 -10.93 -34.58
CA ALA B 280 2.36 -9.47 -34.49
C ALA B 280 3.45 -8.87 -33.60
N LEU B 281 4.15 -7.86 -34.14
CA LEU B 281 5.14 -7.13 -33.37
C LEU B 281 4.68 -5.70 -33.29
N VAL B 282 4.28 -5.26 -32.08
CA VAL B 282 4.02 -3.85 -31.82
C VAL B 282 5.33 -3.28 -31.27
N ASN B 283 5.97 -2.43 -32.07
CA ASN B 283 7.35 -2.08 -31.78
C ASN B 283 7.58 -0.61 -31.50
N ASN B 284 8.25 -0.33 -30.40
CA ASN B 284 8.51 1.03 -29.98
C ASN B 284 9.67 1.66 -30.77
N LEU B 285 9.40 2.81 -31.37
CA LEU B 285 10.38 3.50 -32.16
C LEU B 285 11.45 4.17 -31.32
N GLY B 286 11.28 4.25 -30.00
CA GLY B 286 12.38 4.74 -29.15
C GLY B 286 12.03 5.24 -27.76
N ALA B 287 10.93 5.95 -27.64
CA ALA B 287 10.65 6.81 -26.50
C ALA B 287 9.17 6.85 -26.22
N THR B 288 8.45 5.83 -26.66
CA THR B 288 7.03 5.63 -26.38
C THR B 288 6.94 4.73 -25.14
N PRO B 289 6.20 5.21 -24.11
CA PRO B 289 6.08 4.37 -22.92
C PRO B 289 5.53 2.99 -23.30
N LEU B 290 6.11 1.96 -22.67
CA LEU B 290 5.66 0.57 -22.92
C LEU B 290 4.15 0.47 -22.74
N SER B 291 3.63 1.25 -21.79
CA SER B 291 2.22 1.20 -21.46
C SER B 291 1.30 1.49 -22.66
N GLU B 292 1.69 2.44 -23.53
CA GLU B 292 0.81 2.90 -24.63
C GLU B 292 0.84 1.85 -25.71
N LEU B 293 1.98 1.15 -25.80
CA LEU B 293 2.09 0.03 -26.69
C LEU B 293 0.95 -0.98 -26.48
N TYR B 294 0.66 -1.30 -25.22
CA TYR B 294 -0.48 -2.18 -24.91
C TYR B 294 -1.83 -1.63 -25.30
N GLY B 295 -2.04 -0.33 -25.16
CA GLY B 295 -3.18 0.31 -25.85
C GLY B 295 -3.17 0.06 -27.37
N VAL B 296 -1.99 0.17 -28.01
CA VAL B 296 -1.89 -0.08 -29.42
C VAL B 296 -2.27 -1.52 -29.66
N TYR B 297 -1.54 -2.45 -29.05
CA TYR B 297 -1.86 -3.88 -29.23
C TYR B 297 -3.34 -4.21 -29.06
N ASN B 298 -4.01 -3.49 -28.14
CA ASN B 298 -5.42 -3.67 -27.85
C ASN B 298 -6.27 -3.49 -29.07
N ARG B 299 -6.18 -2.33 -29.68
CA ARG B 299 -6.89 -2.03 -30.93
C ARG B 299 -6.49 -2.97 -32.07
N LEU B 300 -5.21 -3.27 -32.15
CA LEU B 300 -4.70 -4.18 -33.14
C LEU B 300 -5.42 -5.54 -33.15
N THR B 301 -5.48 -6.23 -32.01
CA THR B 301 -6.29 -7.48 -31.91
C THR B 301 -7.76 -7.28 -32.34
N THR B 302 -8.32 -6.10 -32.09
CA THR B 302 -9.68 -5.85 -32.56
C THR B 302 -9.74 -5.74 -34.08
N ARG B 303 -8.70 -5.18 -34.69
CA ARG B 303 -8.75 -4.96 -36.13
C ARG B 303 -8.56 -6.26 -36.89
N CYS B 304 -7.66 -7.08 -36.33
CA CYS B 304 -7.25 -8.35 -36.90
C CYS B 304 -8.47 -9.23 -36.98
N GLN B 305 -9.01 -9.53 -35.82
CA GLN B 305 -10.21 -10.32 -35.74
C GLN B 305 -11.35 -9.82 -36.64
N GLN B 306 -11.67 -8.53 -36.65
CA GLN B 306 -12.61 -7.97 -37.65
C GLN B 306 -12.34 -8.37 -39.12
N ALA B 307 -11.10 -8.76 -39.42
CA ALA B 307 -10.70 -9.18 -40.78
C ALA B 307 -10.17 -10.62 -40.83
N GLY B 308 -10.45 -11.42 -39.79
CA GLY B 308 -10.12 -12.85 -39.77
C GLY B 308 -8.64 -13.20 -39.69
N LEU B 309 -7.85 -12.31 -39.11
CA LEU B 309 -6.46 -12.66 -38.89
C LEU B 309 -6.37 -13.25 -37.49
N THR B 310 -5.55 -14.30 -37.33
CA THR B 310 -5.37 -14.91 -36.01
C THR B 310 -3.98 -14.63 -35.56
N ILE B 311 -3.85 -13.86 -34.48
CA ILE B 311 -2.54 -13.62 -33.86
C ILE B 311 -2.13 -14.91 -33.10
N GLU B 312 -1.03 -15.52 -33.53
CA GLU B 312 -0.55 -16.75 -32.91
C GLU B 312 0.44 -16.45 -31.83
N ARG B 313 1.39 -15.57 -32.14
CA ARG B 313 2.40 -15.04 -31.22
C ARG B 313 2.44 -13.52 -31.40
N ASN B 314 2.94 -12.83 -30.36
CA ASN B 314 3.25 -11.40 -30.43
C ASN B 314 4.54 -11.04 -29.70
N LEU B 315 5.10 -9.88 -30.01
CA LEU B 315 6.12 -9.21 -29.19
C LEU B 315 5.68 -7.77 -29.06
N ILE B 316 5.81 -7.23 -27.84
CA ILE B 316 5.45 -5.82 -27.64
C ILE B 316 6.57 -5.07 -26.92
N GLY B 317 7.24 -4.15 -27.62
CA GLY B 317 8.32 -3.41 -26.98
C GLY B 317 9.36 -2.83 -27.91
N ALA B 318 10.56 -2.59 -27.40
CA ALA B 318 11.52 -1.87 -28.20
C ALA B 318 12.47 -2.85 -28.88
N TYR B 319 12.10 -3.16 -30.12
CA TYR B 319 12.80 -4.17 -30.90
C TYR B 319 13.53 -3.61 -32.11
N CYS B 320 12.88 -2.70 -32.82
CA CYS B 320 13.56 -2.04 -33.92
C CYS B 320 13.38 -0.53 -33.83
N THR B 321 14.32 0.15 -33.17
CA THR B 321 14.09 1.55 -32.73
C THR B 321 14.73 2.57 -33.68
N SER B 322 14.51 3.84 -33.35
CA SER B 322 15.04 4.95 -34.09
C SER B 322 15.51 6.03 -33.12
N LEU B 323 16.75 5.91 -32.65
CA LEU B 323 17.23 6.79 -31.58
C LEU B 323 16.11 7.10 -30.56
N ASP B 324 15.83 8.38 -30.33
CA ASP B 324 14.78 8.80 -29.39
C ASP B 324 13.45 9.19 -30.03
N MET B 325 13.00 8.46 -31.04
CA MET B 325 11.82 8.85 -31.75
C MET B 325 10.61 8.61 -30.87
N THR B 326 9.55 9.39 -31.05
CA THR B 326 8.26 9.08 -30.40
C THR B 326 7.26 8.59 -31.42
N GLY B 327 6.95 7.30 -31.32
CA GLY B 327 6.11 6.61 -32.27
C GLY B 327 6.32 5.11 -32.15
N PHE B 328 5.73 4.36 -33.08
CA PHE B 328 5.74 2.89 -33.03
C PHE B 328 5.39 2.30 -34.37
N SER B 329 5.81 1.08 -34.60
CA SER B 329 5.43 0.43 -35.82
C SER B 329 4.71 -0.86 -35.47
N ILE B 330 3.86 -1.30 -36.40
CA ILE B 330 3.16 -2.59 -36.35
C ILE B 330 3.70 -3.48 -37.46
N THR B 331 4.29 -4.61 -37.09
CA THR B 331 4.65 -5.59 -38.12
C THR B 331 3.63 -6.71 -37.96
N LEU B 332 3.17 -7.26 -39.09
CA LEU B 332 2.40 -8.50 -39.13
C LEU B 332 3.03 -9.54 -40.11
N LEU B 333 3.51 -10.65 -39.54
CA LEU B 333 4.09 -11.72 -40.31
C LEU B 333 3.19 -12.96 -40.39
N LYS B 334 2.69 -13.25 -41.60
CA LYS B 334 2.02 -14.51 -41.95
C LYS B 334 2.86 -15.74 -41.65
N VAL B 335 2.26 -16.72 -41.00
CA VAL B 335 2.94 -17.98 -40.63
C VAL B 335 2.05 -19.19 -40.90
N ASP B 336 2.67 -20.36 -40.90
CA ASP B 336 1.98 -21.64 -40.82
C ASP B 336 2.68 -22.34 -39.64
N ASP B 337 2.46 -23.64 -39.44
CA ASP B 337 2.95 -24.34 -38.25
C ASP B 337 4.46 -24.58 -38.17
N GLU B 338 5.13 -24.78 -39.30
CA GLU B 338 6.62 -24.89 -39.32
C GLU B 338 7.25 -23.60 -38.82
N THR B 339 6.66 -22.49 -39.28
CA THR B 339 7.12 -21.16 -38.92
C THR B 339 7.01 -21.02 -37.40
N LEU B 340 5.84 -21.34 -36.85
CA LEU B 340 5.60 -21.28 -35.40
C LEU B 340 6.56 -22.20 -34.67
N ALA B 341 6.72 -23.41 -35.20
CA ALA B 341 7.75 -24.36 -34.74
C ALA B 341 9.12 -23.69 -34.62
N LEU B 342 9.46 -22.80 -35.58
CA LEU B 342 10.78 -22.16 -35.61
C LEU B 342 10.83 -21.08 -34.58
N TRP B 343 9.71 -20.38 -34.44
CA TRP B 343 9.53 -19.29 -33.47
C TRP B 343 9.76 -19.82 -32.06
N ASP B 344 8.98 -20.80 -31.64
CA ASP B 344 9.09 -21.38 -30.31
C ASP B 344 10.43 -22.04 -30.00
N ALA B 345 11.27 -22.17 -31.02
CA ALA B 345 12.59 -22.76 -30.80
C ALA B 345 13.45 -21.80 -29.96
N PRO B 346 14.27 -22.34 -29.03
CA PRO B 346 15.14 -21.50 -28.20
C PRO B 346 15.89 -20.40 -28.95
N VAL B 347 16.16 -19.30 -28.21
CA VAL B 347 16.99 -18.17 -28.65
C VAL B 347 17.60 -17.61 -27.39
N HIS B 348 18.87 -17.25 -27.44
CA HIS B 348 19.59 -16.82 -26.23
C HIS B 348 20.51 -15.65 -26.49
N THR B 349 19.90 -14.46 -26.65
CA THR B 349 20.59 -13.22 -27.06
C THR B 349 20.24 -12.15 -26.05
N PRO B 350 20.97 -11.00 -26.04
CA PRO B 350 20.61 -10.13 -24.90
C PRO B 350 19.17 -9.58 -24.99
N ALA B 351 18.61 -9.47 -26.20
CA ALA B 351 17.33 -8.79 -26.43
C ALA B 351 16.12 -9.74 -26.61
N LEU B 352 16.41 -11.02 -26.79
CA LEU B 352 15.41 -12.03 -26.97
C LEU B 352 15.97 -13.27 -26.33
N ASN B 353 15.22 -13.85 -25.39
CA ASN B 353 15.72 -14.96 -24.59
C ASN B 353 14.70 -15.95 -24.03
N TRP B 354 13.98 -16.63 -24.90
CA TRP B 354 13.19 -17.76 -24.45
C TRP B 354 13.85 -19.05 -24.87
N GLY B 355 13.67 -20.09 -24.08
CA GLY B 355 13.90 -21.45 -24.54
C GLY B 355 14.69 -22.31 -23.58
N LYS B 356 14.64 -23.62 -23.78
CA LYS B 356 15.58 -24.51 -23.10
C LYS B 356 17.03 -24.12 -23.53
N SER C 13 -4.14 28.72 3.41
CA SER C 13 -3.44 27.74 4.27
C SER C 13 -2.18 27.22 3.55
N PRO C 14 -1.07 26.99 4.29
CA PRO C 14 0.11 26.19 3.89
C PRO C 14 -0.22 24.73 3.62
N LEU C 15 -1.19 24.21 4.36
CA LEU C 15 -1.65 22.83 4.24
C LEU C 15 -2.32 22.62 2.88
N ILE C 16 -3.39 23.37 2.61
CA ILE C 16 -4.04 23.38 1.31
C ILE C 16 -3.02 23.56 0.20
N ALA C 17 -2.04 24.47 0.37
CA ALA C 17 -1.00 24.70 -0.66
C ALA C 17 -0.32 23.42 -1.08
N THR C 18 0.20 22.66 -0.10
CA THR C 18 0.86 21.39 -0.39
C THR C 18 -0.09 20.36 -1.02
N SER C 19 -1.29 20.27 -0.50
CA SER C 19 -2.31 19.42 -1.08
C SER C 19 -2.38 19.64 -2.57
N TRP C 20 -2.28 20.89 -3.00
CA TRP C 20 -2.45 21.27 -4.39
C TRP C 20 -1.23 20.91 -5.20
N GLU C 21 -0.03 20.98 -4.61
CA GLU C 21 1.18 20.61 -5.35
C GLU C 21 1.15 19.13 -5.59
N ARG C 22 0.47 18.41 -4.71
CA ARG C 22 0.32 16.96 -4.85
C ARG C 22 -0.75 16.65 -5.91
N CYS C 23 -1.87 17.35 -5.85
CA CYS C 23 -2.96 17.08 -6.75
C CYS C 23 -2.67 17.45 -8.19
N ASN C 24 -1.95 18.56 -8.33
CA ASN C 24 -1.73 19.21 -9.61
C ASN C 24 -0.94 18.35 -10.54
N LYS C 25 0.02 17.64 -9.98
CA LYS C 25 0.91 16.83 -10.77
C LYS C 25 0.08 15.82 -11.54
N LEU C 26 -0.96 15.26 -10.89
CA LEU C 26 -1.69 14.08 -11.43
C LEU C 26 -3.19 14.15 -11.79
N MET C 27 -3.79 15.33 -11.95
CA MET C 27 -5.24 15.48 -12.00
C MET C 27 -5.60 16.93 -12.29
N LYS C 28 -6.69 17.20 -13.01
CA LYS C 28 -7.13 18.56 -13.30
C LYS C 28 -8.30 18.92 -12.41
N ARG C 29 -8.69 20.19 -12.43
CA ARG C 29 -9.73 20.74 -11.55
C ARG C 29 -11.20 20.63 -12.02
N GLU C 30 -11.42 20.53 -13.33
CA GLU C 30 -12.76 20.55 -13.97
C GLU C 30 -13.29 19.13 -14.19
N THR C 31 -12.49 18.12 -13.88
CA THR C 31 -12.87 16.76 -14.24
C THR C 31 -13.46 16.12 -13.01
N TRP C 32 -14.28 15.10 -13.17
CA TRP C 32 -14.82 14.43 -12.02
C TRP C 32 -15.22 13.04 -12.41
N ASN C 33 -14.62 12.01 -11.83
CA ASN C 33 -15.13 10.65 -12.08
C ASN C 33 -15.68 10.11 -10.85
N VAL C 34 -16.87 9.54 -10.99
CA VAL C 34 -17.50 8.81 -9.93
C VAL C 34 -16.42 8.06 -9.09
N PRO C 35 -16.25 8.44 -7.83
CA PRO C 35 -15.10 7.92 -7.07
C PRO C 35 -15.19 6.44 -6.87
N HIS C 36 -14.09 5.71 -6.80
CA HIS C 36 -14.19 4.24 -6.73
C HIS C 36 -15.01 3.76 -5.55
N GLN C 37 -15.89 2.80 -5.77
CA GLN C 37 -16.60 2.29 -4.64
C GLN C 37 -16.35 0.82 -4.43
N ALA C 38 -16.15 0.40 -3.18
CA ALA C 38 -16.00 -1.03 -2.83
C ALA C 38 -17.32 -1.81 -3.02
N GLN C 39 -17.24 -2.90 -3.77
CA GLN C 39 -18.39 -3.75 -4.10
C GLN C 39 -18.92 -4.46 -2.85
N GLY C 40 -20.25 -4.60 -2.79
CA GLY C 40 -21.00 -5.34 -1.78
C GLY C 40 -20.32 -6.35 -0.82
N VAL C 41 -19.97 -7.54 -1.35
CA VAL C 41 -19.40 -8.58 -0.50
C VAL C 41 -18.11 -8.13 0.19
N THR C 42 -17.41 -7.18 -0.39
CA THR C 42 -16.13 -6.92 0.21
C THR C 42 -16.19 -5.67 1.09
N PHE C 43 -17.18 -4.86 0.82
CA PHE C 43 -17.64 -3.87 1.80
C PHE C 43 -18.13 -4.52 3.10
N ALA C 44 -18.65 -5.74 2.99
CA ALA C 44 -19.10 -6.48 4.17
C ALA C 44 -18.00 -6.53 5.26
N SER C 45 -16.81 -6.98 4.86
CA SER C 45 -15.64 -7.14 5.73
C SER C 45 -15.15 -5.78 6.10
N ILE C 46 -15.27 -4.83 5.19
CA ILE C 46 -14.76 -3.47 5.51
C ILE C 46 -15.51 -2.87 6.70
N TYR C 47 -16.85 -2.88 6.61
CA TYR C 47 -17.74 -2.54 7.72
C TYR C 47 -17.46 -3.41 8.96
N ARG C 48 -17.58 -4.76 8.84
CA ARG C 48 -17.34 -5.64 10.00
C ARG C 48 -16.09 -5.31 10.82
N ARG C 49 -15.03 -4.90 10.17
CA ARG C 49 -13.76 -4.66 10.83
C ARG C 49 -13.84 -3.49 11.80
N LYS C 50 -14.96 -2.77 11.79
CA LYS C 50 -15.06 -1.62 12.68
C LYS C 50 -16.37 -1.56 13.51
N LYS C 51 -16.93 -2.74 13.86
CA LYS C 51 -18.11 -2.88 14.73
C LYS C 51 -17.98 -1.81 15.83
N ALA C 52 -16.81 -1.81 16.46
CA ALA C 52 -16.54 -1.04 17.65
C ALA C 52 -16.52 0.46 17.38
N MET C 53 -15.78 0.92 16.37
CA MET C 53 -15.87 2.31 16.00
C MET C 53 -17.27 2.70 15.49
N LEU C 54 -17.83 1.95 14.55
CA LEU C 54 -19.17 2.28 14.04
C LEU C 54 -20.30 2.32 15.10
N THR C 55 -20.18 1.52 16.14
CA THR C 55 -21.30 1.56 17.03
C THR C 55 -21.15 2.65 18.06
N LEU C 56 -19.94 2.99 18.46
CA LEU C 56 -19.75 4.30 19.10
C LEU C 56 -20.23 5.47 18.19
N GLY C 57 -19.65 5.60 16.98
CA GLY C 57 -19.98 6.67 16.08
C GLY C 57 -21.46 6.88 15.77
N GLN C 58 -22.20 5.84 15.48
CA GLN C 58 -23.55 6.13 15.04
C GLN C 58 -24.44 6.52 16.22
N ALA C 59 -24.00 6.32 17.45
CA ALA C 59 -24.81 6.70 18.58
C ALA C 59 -24.53 8.19 18.67
N ALA C 60 -23.24 8.52 18.61
CA ALA C 60 -22.80 9.90 18.59
C ALA C 60 -23.42 10.79 17.45
N LEU C 61 -23.42 10.30 16.22
CA LEU C 61 -23.98 11.06 15.10
C LEU C 61 -25.51 11.13 15.09
N GLU C 62 -26.22 10.09 15.55
CA GLU C 62 -27.70 10.19 15.72
C GLU C 62 -28.18 11.29 16.70
N ASP C 63 -27.43 11.43 17.78
CA ASP C 63 -27.63 12.46 18.80
C ASP C 63 -27.31 13.86 18.27
N ALA C 64 -26.11 14.02 17.69
CA ALA C 64 -25.78 15.21 16.96
C ALA C 64 -26.96 15.59 16.07
N TRP C 65 -27.42 14.64 15.28
CA TRP C 65 -28.36 15.03 14.26
C TRP C 65 -29.72 15.30 14.95
N GLU C 66 -30.04 14.51 15.94
CA GLU C 66 -31.25 14.72 16.72
C GLU C 66 -31.49 16.16 17.16
N TYR C 67 -30.44 16.80 17.66
CA TYR C 67 -30.44 18.18 18.13
C TYR C 67 -29.87 19.15 17.12
N MET C 68 -29.88 18.79 15.85
CA MET C 68 -29.51 19.74 14.82
C MET C 68 -30.64 19.89 13.79
N ALA C 69 -31.38 18.79 13.54
CA ALA C 69 -32.48 18.80 12.57
C ALA C 69 -33.48 19.89 12.96
N PRO C 70 -33.94 20.76 12.00
CA PRO C 70 -33.69 20.77 10.54
C PRO C 70 -32.49 21.61 10.16
N ARG C 71 -31.82 21.15 9.13
CA ARG C 71 -30.60 21.75 8.66
C ARG C 71 -30.19 20.86 7.54
N GLU C 72 -29.50 21.46 6.56
CA GLU C 72 -29.00 20.74 5.41
C GLU C 72 -27.54 20.37 5.54
N CYS C 73 -27.26 19.21 6.11
CA CYS C 73 -25.93 18.68 6.08
C CYS C 73 -25.90 17.17 6.35
N ALA C 74 -24.74 16.56 6.12
CA ALA C 74 -24.60 15.15 6.16
C ALA C 74 -23.44 14.81 7.05
N LEU C 75 -23.53 13.64 7.66
CA LEU C 75 -22.53 13.25 8.60
C LEU C 75 -21.96 11.93 8.12
N PHE C 76 -20.62 11.87 8.08
CA PHE C 76 -20.00 10.63 7.67
C PHE C 76 -19.06 10.05 8.70
N ILE C 77 -18.92 8.72 8.69
CA ILE C 77 -17.84 8.09 9.37
C ILE C 77 -17.05 7.41 8.29
N LEU C 78 -15.75 7.67 8.26
CA LEU C 78 -14.90 7.01 7.28
C LEU C 78 -13.88 6.21 8.01
N ASP C 79 -13.31 5.20 7.37
CA ASP C 79 -12.20 4.52 7.99
C ASP C 79 -10.89 5.18 7.58
N GLU C 80 -9.76 4.52 7.87
CA GLU C 80 -8.41 5.08 7.69
C GLU C 80 -8.05 5.30 6.21
N THR C 81 -8.75 4.63 5.30
CA THR C 81 -8.53 4.79 3.88
C THR C 81 -9.58 5.71 3.19
N ALA C 82 -10.41 6.37 3.96
CA ALA C 82 -11.38 7.28 3.42
C ALA C 82 -12.54 6.53 2.77
N CYS C 83 -12.79 5.31 3.20
CA CYS C 83 -13.96 4.62 2.78
C CYS C 83 -15.19 5.04 3.61
N ILE C 84 -16.31 5.29 2.97
CA ILE C 84 -17.48 5.76 3.70
C ILE C 84 -18.14 4.54 4.30
N LEU C 85 -18.13 4.45 5.64
CA LEU C 85 -18.69 3.27 6.38
C LEU C 85 -20.15 3.44 6.63
N SER C 86 -20.50 4.61 7.11
CA SER C 86 -21.90 4.99 7.11
C SER C 86 -22.01 6.48 7.11
N ARG C 87 -23.22 6.89 6.75
CA ARG C 87 -23.59 8.27 6.48
C ARG C 87 -24.89 8.56 7.22
N ASN C 88 -25.01 9.68 7.90
CA ASN C 88 -26.35 10.06 8.22
C ASN C 88 -26.57 11.56 8.24
N GLY C 89 -27.77 11.98 8.63
CA GLY C 89 -28.10 13.40 8.71
C GLY C 89 -29.24 13.70 7.78
N ASP C 90 -29.26 14.90 7.17
CA ASP C 90 -30.33 15.33 6.29
C ASP C 90 -30.52 14.42 5.07
N PRO C 91 -31.68 13.80 4.91
CA PRO C 91 -31.92 13.02 3.70
C PRO C 91 -31.56 13.74 2.39
N GLN C 92 -32.00 14.97 2.19
CA GLN C 92 -31.79 15.57 0.87
C GLN C 92 -30.34 15.89 0.58
N THR C 93 -29.63 16.27 1.63
CA THR C 93 -28.21 16.55 1.52
C THR C 93 -27.41 15.29 1.16
N LEU C 94 -27.78 14.18 1.82
CA LEU C 94 -27.14 12.90 1.58
C LEU C 94 -27.33 12.49 0.15
N GLN C 95 -28.53 12.72 -0.37
CA GLN C 95 -28.80 12.41 -1.75
C GLN C 95 -28.11 13.35 -2.72
N GLN C 96 -27.93 14.60 -2.33
CA GLN C 96 -27.21 15.51 -3.20
C GLN C 96 -25.77 15.10 -3.23
N LEU C 97 -25.27 14.64 -2.07
CA LEU C 97 -23.90 14.15 -2.06
C LEU C 97 -23.77 12.85 -2.77
N SER C 98 -24.89 12.17 -2.92
CA SER C 98 -24.89 10.87 -3.48
C SER C 98 -24.83 11.05 -4.98
N ALA C 99 -25.34 12.18 -5.41
CA ALA C 99 -25.55 12.51 -6.78
C ALA C 99 -24.21 12.87 -7.41
N LEU C 100 -23.17 13.00 -6.57
CA LEU C 100 -21.81 13.22 -6.97
C LEU C 100 -21.00 11.96 -6.77
N GLY C 101 -21.65 10.90 -6.31
CA GLY C 101 -21.02 9.58 -6.13
C GLY C 101 -20.59 9.23 -4.72
N PHE C 102 -20.89 10.11 -3.76
CA PHE C 102 -20.60 9.82 -2.34
C PHE C 102 -21.57 8.79 -1.70
N ASN C 103 -21.09 7.55 -1.55
CA ASN C 103 -21.95 6.44 -1.15
C ASN C 103 -21.33 5.52 -0.09
N ASP C 104 -22.08 4.51 0.35
CA ASP C 104 -21.53 3.56 1.28
C ASP C 104 -20.39 2.79 0.56
N GLY C 105 -19.22 2.75 1.19
CA GLY C 105 -18.05 2.18 0.55
C GLY C 105 -17.41 3.01 -0.54
N THR C 106 -17.76 4.27 -0.70
CA THR C 106 -17.05 5.10 -1.67
C THR C 106 -15.74 5.55 -1.05
N TYR C 107 -14.71 5.60 -1.87
CA TYR C 107 -13.39 5.95 -1.34
C TYR C 107 -13.16 7.42 -1.51
N CYS C 108 -12.63 8.09 -0.50
CA CYS C 108 -12.63 9.57 -0.54
C CYS C 108 -11.24 10.12 -0.48
N ALA C 109 -10.26 9.34 -0.93
CA ALA C 109 -8.87 9.74 -0.91
C ALA C 109 -8.67 10.98 -1.75
N GLU C 110 -7.67 11.77 -1.35
CA GLU C 110 -7.18 12.89 -2.14
C GLU C 110 -6.93 12.52 -3.62
N GLY C 111 -6.23 11.41 -3.89
CA GLY C 111 -6.00 10.98 -5.26
C GLY C 111 -7.30 10.76 -6.03
N ILE C 112 -8.30 10.20 -5.38
CA ILE C 112 -9.60 10.02 -6.02
C ILE C 112 -10.34 11.33 -6.22
N ILE C 113 -10.54 12.15 -5.21
CA ILE C 113 -11.42 13.35 -5.36
C ILE C 113 -10.72 14.72 -5.12
N GLY C 114 -9.38 14.74 -5.19
CA GLY C 114 -8.58 15.91 -4.87
C GLY C 114 -8.72 16.42 -3.43
N THR C 115 -7.92 17.45 -3.12
CA THR C 115 -7.94 18.19 -1.87
C THR C 115 -9.31 18.35 -1.17
N CYS C 116 -9.50 17.64 -0.07
CA CYS C 116 -10.73 17.77 0.67
C CYS C 116 -10.51 17.38 2.14
N ALA C 117 -11.30 17.99 3.03
CA ALA C 117 -11.27 17.69 4.47
C ALA C 117 -11.33 16.20 4.75
N LEU C 118 -12.20 15.53 3.97
CA LEU C 118 -12.39 14.09 4.02
C LEU C 118 -11.08 13.35 3.97
N SER C 119 -10.15 13.73 3.08
CA SER C 119 -8.86 13.04 3.12
C SER C 119 -7.83 13.81 3.89
N LEU C 120 -7.97 15.15 3.92
CA LEU C 120 -6.91 16.06 4.41
C LEU C 120 -6.66 16.01 5.90
N ALA C 121 -7.73 15.86 6.70
CA ALA C 121 -7.65 15.70 8.16
C ALA C 121 -6.77 14.49 8.47
N ALA C 122 -7.11 13.33 7.91
CA ALA C 122 -6.27 12.17 8.15
C ALA C 122 -4.84 12.49 7.66
N ILE C 123 -4.69 13.05 6.46
CA ILE C 123 -3.34 13.34 6.01
C ILE C 123 -2.60 14.21 7.01
N SER C 124 -3.24 15.19 7.62
CA SER C 124 -2.45 16.13 8.39
C SER C 124 -2.43 15.84 9.89
N GLY C 125 -3.31 14.97 10.35
CA GLY C 125 -3.24 14.49 11.71
C GLY C 125 -4.09 15.30 12.65
N GLN C 126 -5.06 16.06 12.13
CA GLN C 126 -5.87 16.94 12.95
C GLN C 126 -7.08 17.49 12.23
N ALA C 127 -8.13 17.81 12.97
CA ALA C 127 -9.35 18.40 12.37
C ALA C 127 -9.02 19.39 11.25
N VAL C 128 -9.75 19.34 10.15
CA VAL C 128 -9.46 20.28 9.07
C VAL C 128 -10.74 20.61 8.32
N LYS C 129 -10.89 21.89 7.98
CA LYS C 129 -12.07 22.29 7.25
C LYS C 129 -11.63 22.71 5.88
N THR C 130 -12.29 22.18 4.84
CA THR C 130 -12.12 22.76 3.52
C THR C 130 -13.44 23.24 2.96
N MET C 131 -13.41 24.41 2.30
CA MET C 131 -14.62 24.91 1.60
C MET C 131 -14.42 25.66 0.28
N ALA C 132 -15.42 25.61 -0.60
CA ALA C 132 -15.53 26.52 -1.73
C ALA C 132 -14.35 26.19 -2.62
N ASP C 133 -13.61 27.19 -3.12
CA ASP C 133 -12.60 26.84 -4.08
C ASP C 133 -11.29 26.48 -3.41
N GLN C 134 -11.31 26.19 -2.12
CA GLN C 134 -10.16 25.54 -1.54
C GLN C 134 -10.11 24.10 -2.04
N HIS C 135 -11.26 23.53 -2.43
CA HIS C 135 -11.30 22.17 -2.89
C HIS C 135 -10.60 22.14 -4.25
N PHE C 136 -9.76 21.14 -4.54
CA PHE C 136 -9.17 21.07 -5.90
C PHE C 136 -10.20 20.92 -6.96
N LYS C 137 -11.10 19.96 -6.77
CA LYS C 137 -12.12 19.63 -7.80
C LYS C 137 -13.24 20.66 -7.81
N GLN C 138 -13.65 21.09 -9.00
CA GLN C 138 -14.64 22.14 -9.06
C GLN C 138 -16.00 21.72 -8.59
N VAL C 139 -16.33 20.48 -8.87
CA VAL C 139 -17.61 19.88 -8.52
C VAL C 139 -18.00 20.06 -7.02
N LEU C 140 -17.00 20.24 -6.14
CA LEU C 140 -17.18 20.42 -4.72
C LEU C 140 -17.10 21.90 -4.27
N TRP C 141 -16.99 22.84 -5.21
CA TRP C 141 -16.91 24.28 -4.86
C TRP C 141 -18.08 24.87 -4.11
N ASN C 142 -19.28 24.32 -4.20
CA ASN C 142 -20.24 24.80 -3.22
C ASN C 142 -20.43 23.96 -2.03
N TRP C 143 -19.39 23.21 -1.67
CA TRP C 143 -19.44 22.54 -0.41
C TRP C 143 -18.46 23.04 0.65
N ALA C 144 -18.81 22.73 1.90
CA ALA C 144 -17.87 22.73 2.98
C ALA C 144 -17.87 21.36 3.56
N PHE C 145 -16.68 20.86 3.80
CA PHE C 145 -16.54 19.64 4.50
C PHE C 145 -15.66 19.92 5.71
N CYS C 146 -16.08 19.45 6.88
CA CYS C 146 -15.17 19.36 8.01
C CYS C 146 -14.99 17.88 8.31
N ALA C 147 -13.75 17.53 8.70
CA ALA C 147 -13.47 16.21 9.18
C ALA C 147 -12.38 16.23 10.22
N THR C 148 -12.54 15.31 11.16
CA THR C 148 -11.53 15.04 12.20
C THR C 148 -11.17 13.54 12.24
N PRO C 149 -9.84 13.24 12.23
CA PRO C 149 -9.29 11.90 12.26
C PRO C 149 -9.35 11.32 13.67
N LEU C 150 -9.52 9.99 13.81
CA LEU C 150 -9.33 9.34 15.13
C LEU C 150 -8.29 8.22 15.10
N PHE C 151 -7.61 8.03 16.23
CA PHE C 151 -6.50 7.06 16.38
C PHE C 151 -6.83 5.87 17.25
N ASP C 152 -5.95 4.87 17.30
CA ASP C 152 -6.26 3.64 18.09
C ASP C 152 -5.34 3.44 19.28
N SER C 153 -5.73 2.45 20.09
CA SER C 153 -5.02 2.05 21.30
C SER C 153 -3.52 2.31 21.22
N LYS C 154 -2.90 1.88 20.13
CA LYS C 154 -1.48 2.14 19.84
C LYS C 154 -1.21 3.61 19.55
N GLY C 155 -1.59 4.08 18.36
CA GLY C 155 -1.52 5.50 17.98
C GLY C 155 -1.81 5.66 16.49
N ARG C 156 -2.54 4.72 15.91
CA ARG C 156 -2.68 4.58 14.47
C ARG C 156 -3.99 5.15 13.98
N LEU C 157 -3.89 5.91 12.90
CA LEU C 157 -5.07 6.44 12.35
C LEU C 157 -6.10 5.32 12.16
N THR C 158 -7.32 5.58 12.61
CA THR C 158 -8.29 4.50 12.51
C THR C 158 -9.62 4.85 11.89
N GLY C 159 -9.84 6.14 11.66
CA GLY C 159 -11.07 6.56 11.02
C GLY C 159 -11.22 8.06 11.06
N THR C 160 -12.27 8.52 10.37
CA THR C 160 -12.62 9.92 10.37
C THR C 160 -14.13 10.21 10.63
N ILE C 161 -14.38 11.32 11.33
CA ILE C 161 -15.72 11.88 11.39
C ILE C 161 -15.79 13.13 10.50
N ALA C 162 -16.74 13.18 9.58
CA ALA C 162 -16.85 14.33 8.71
C ALA C 162 -18.26 14.86 8.71
N LEU C 163 -18.33 16.13 8.37
CA LEU C 163 -19.57 16.84 8.28
C LEU C 163 -19.52 17.54 6.91
N ALA C 164 -20.61 17.50 6.14
CA ALA C 164 -20.65 18.10 4.81
C ALA C 164 -21.90 18.96 4.77
N CYS C 165 -21.78 20.15 4.20
CA CYS C 165 -22.94 21.06 4.04
C CYS C 165 -22.63 22.06 2.92
N PRO C 166 -23.69 22.61 2.29
CA PRO C 166 -23.47 23.57 1.22
C PRO C 166 -22.57 24.66 1.78
N VAL C 167 -21.57 25.10 1.03
CA VAL C 167 -20.63 26.10 1.56
C VAL C 167 -21.28 27.32 2.28
N GLU C 168 -22.37 27.90 1.79
CA GLU C 168 -22.88 29.20 2.32
C GLU C 168 -23.38 28.99 3.69
N GLN C 169 -23.51 27.74 4.08
CA GLN C 169 -24.07 27.44 5.35
C GLN C 169 -23.07 27.00 6.39
N THR C 170 -21.75 27.06 6.14
CA THR C 170 -20.91 26.52 7.21
C THR C 170 -20.91 27.51 8.31
N THR C 171 -20.75 27.00 9.52
CA THR C 171 -20.81 27.80 10.73
C THR C 171 -19.46 27.59 11.43
N ALA C 172 -19.17 28.35 12.49
CA ALA C 172 -17.88 28.15 13.13
C ALA C 172 -17.88 26.97 14.08
N ALA C 173 -19.05 26.48 14.49
CA ALA C 173 -19.13 25.27 15.31
C ALA C 173 -18.91 23.97 14.50
N ASP C 174 -19.21 23.96 13.20
CA ASP C 174 -19.02 22.73 12.41
C ASP C 174 -17.69 21.95 12.63
N LEU C 175 -16.53 22.58 12.43
CA LEU C 175 -15.28 21.90 12.72
C LEU C 175 -15.25 21.32 14.14
N PRO C 176 -15.38 22.16 15.19
CA PRO C 176 -15.31 21.60 16.56
C PRO C 176 -16.37 20.55 16.86
N LEU C 177 -17.52 20.62 16.19
CA LEU C 177 -18.51 19.55 16.26
C LEU C 177 -17.90 18.20 15.82
N THR C 178 -17.17 18.20 14.72
CA THR C 178 -16.61 16.91 14.30
C THR C 178 -15.45 16.51 15.22
N LEU C 179 -14.66 17.46 15.67
CA LEU C 179 -13.63 17.15 16.64
C LEU C 179 -14.23 16.64 17.98
N ALA C 180 -15.31 17.25 18.48
CA ALA C 180 -15.92 16.78 19.72
C ALA C 180 -16.36 15.34 19.61
N ILE C 181 -16.88 14.95 18.45
CA ILE C 181 -17.39 13.61 18.24
C ILE C 181 -16.20 12.72 17.98
N ALA C 182 -15.20 13.21 17.26
CA ALA C 182 -13.99 12.43 17.07
C ALA C 182 -13.39 12.12 18.44
N ARG C 183 -13.38 13.07 19.36
CA ARG C 183 -12.87 12.79 20.70
C ARG C 183 -13.74 11.81 21.45
N GLU C 184 -15.06 11.89 21.35
CA GLU C 184 -15.84 10.94 22.12
C GLU C 184 -15.47 9.56 21.61
N VAL C 185 -15.79 9.31 20.34
CA VAL C 185 -15.53 8.02 19.72
C VAL C 185 -14.09 7.53 19.89
N GLY C 186 -13.10 8.34 19.52
CA GLY C 186 -11.71 8.01 19.85
C GLY C 186 -11.41 7.57 21.30
N ASN C 187 -11.70 8.43 22.29
CA ASN C 187 -11.53 8.08 23.72
C ASN C 187 -12.36 6.93 24.25
N LEU C 188 -13.59 6.76 23.79
CA LEU C 188 -14.28 5.55 24.16
C LEU C 188 -13.57 4.33 23.60
N LEU C 189 -13.16 4.30 22.34
CA LEU C 189 -12.35 3.13 21.86
C LEU C 189 -11.24 2.77 22.84
N LEU C 190 -10.34 3.72 23.11
CA LEU C 190 -9.19 3.44 23.94
C LEU C 190 -9.62 2.92 25.30
N THR C 191 -10.57 3.59 25.94
CA THR C 191 -10.91 3.18 27.29
C THR C 191 -11.89 2.01 27.33
N ASP C 192 -12.81 1.90 26.38
CA ASP C 192 -13.59 0.67 26.21
C ASP C 192 -12.72 -0.61 26.09
N SER C 193 -11.65 -0.54 25.31
CA SER C 193 -10.79 -1.67 25.16
C SER C 193 -9.91 -1.88 26.41
N LEU C 194 -9.54 -0.82 27.13
CA LEU C 194 -8.90 -1.07 28.43
C LEU C 194 -9.83 -1.83 29.34
N LEU C 195 -11.12 -1.47 29.35
CA LEU C 195 -12.16 -2.22 30.06
C LEU C 195 -12.18 -3.69 29.60
N ALA C 196 -12.45 -3.92 28.31
CA ALA C 196 -12.40 -5.26 27.69
C ALA C 196 -11.28 -6.14 28.26
N GLU C 197 -10.04 -5.65 28.16
CA GLU C 197 -8.88 -6.35 28.71
C GLU C 197 -9.07 -6.68 30.16
N THR C 198 -9.41 -5.69 30.96
CA THR C 198 -9.43 -5.97 32.37
C THR C 198 -10.65 -6.82 32.71
N ASN C 199 -11.65 -6.79 31.86
CA ASN C 199 -12.75 -7.70 32.01
C ASN C 199 -12.37 -9.16 31.65
N ARG C 200 -11.65 -9.38 30.54
CA ARG C 200 -11.14 -10.70 30.20
C ARG C 200 -10.24 -11.28 31.29
N HIS C 201 -9.40 -10.47 31.90
CA HIS C 201 -8.52 -10.86 33.00
C HIS C 201 -9.35 -11.19 34.24
N LEU C 202 -10.61 -10.74 34.30
CA LEU C 202 -11.55 -11.21 35.36
C LEU C 202 -12.11 -12.61 35.09
N ASN C 203 -12.68 -12.83 33.91
CA ASN C 203 -13.22 -14.14 33.58
C ASN C 203 -12.15 -15.20 33.77
N GLN C 204 -10.97 -14.89 33.24
CA GLN C 204 -9.81 -15.73 33.44
C GLN C 204 -9.58 -16.06 34.91
N LEU C 205 -9.33 -15.05 35.73
CA LEU C 205 -9.16 -15.25 37.18
C LEU C 205 -10.37 -15.87 37.92
N ASN C 206 -11.58 -15.58 37.48
CA ASN C 206 -12.76 -16.21 38.03
C ASN C 206 -12.76 -17.70 37.68
N ALA C 207 -12.71 -18.05 36.39
CA ALA C 207 -12.59 -19.45 35.96
C ALA C 207 -11.51 -20.18 36.72
N LEU C 208 -10.52 -19.47 37.23
CA LEU C 208 -9.52 -20.16 38.04
C LEU C 208 -10.16 -20.67 39.29
N LEU C 209 -10.83 -19.77 39.99
CA LEU C 209 -11.57 -20.10 41.20
C LEU C 209 -12.76 -21.04 40.93
N GLU C 210 -13.42 -20.89 39.78
CA GLU C 210 -14.39 -21.87 39.37
C GLU C 210 -13.78 -23.29 39.27
N SER C 211 -12.46 -23.37 39.24
CA SER C 211 -11.83 -24.62 38.89
C SER C 211 -11.09 -25.28 40.03
N MET C 212 -11.14 -24.68 41.22
CA MET C 212 -10.53 -25.30 42.37
C MET C 212 -11.05 -26.72 42.68
N ASP C 213 -10.46 -27.39 43.67
CA ASP C 213 -11.11 -28.58 44.20
C ASP C 213 -12.05 -28.13 45.32
N ASP C 214 -11.51 -27.30 46.20
CA ASP C 214 -12.22 -26.66 47.26
C ASP C 214 -13.34 -25.73 46.83
N GLY C 215 -14.38 -25.70 47.65
CA GLY C 215 -15.30 -24.60 47.67
C GLY C 215 -14.57 -23.43 48.29
N VAL C 216 -14.79 -22.25 47.69
CA VAL C 216 -14.27 -21.00 48.19
C VAL C 216 -15.35 -19.92 48.34
N ILE C 217 -15.33 -19.26 49.50
CA ILE C 217 -16.22 -18.17 49.79
C ILE C 217 -15.35 -17.09 50.38
N SER C 218 -15.52 -15.84 49.94
CA SER C 218 -14.84 -14.73 50.60
C SER C 218 -15.83 -13.70 51.13
N TRP C 219 -15.40 -12.90 52.11
CA TRP C 219 -16.26 -11.82 52.55
C TRP C 219 -15.55 -10.61 53.16
N ASP C 220 -16.14 -9.44 52.87
CA ASP C 220 -15.92 -8.10 53.46
C ASP C 220 -15.42 -8.01 54.88
N GLU C 221 -14.69 -6.96 55.21
CA GLU C 221 -14.51 -6.61 56.64
C GLU C 221 -15.79 -6.10 57.27
N GLN C 222 -16.86 -6.03 56.48
CA GLN C 222 -18.19 -5.67 56.99
C GLN C 222 -19.10 -6.90 56.95
N GLY C 223 -18.49 -8.06 56.77
CA GLY C 223 -19.22 -9.31 56.78
C GLY C 223 -20.08 -9.58 55.56
N ASN C 224 -19.95 -8.80 54.50
CA ASN C 224 -20.71 -9.06 53.26
C ASN C 224 -20.08 -10.11 52.37
N LEU C 225 -20.87 -10.90 51.64
CA LEU C 225 -20.26 -11.85 50.70
C LEU C 225 -19.61 -11.16 49.49
N GLN C 226 -18.34 -11.47 49.21
CA GLN C 226 -17.65 -10.97 48.02
C GLN C 226 -17.61 -11.98 46.89
N PHE C 227 -17.20 -13.22 47.17
CA PHE C 227 -17.10 -14.23 46.14
C PHE C 227 -17.66 -15.53 46.66
N ILE C 228 -18.21 -16.34 45.75
CA ILE C 228 -18.58 -17.72 46.06
C ILE C 228 -18.52 -18.57 44.78
N ASN C 229 -18.01 -19.78 44.84
CA ASN C 229 -17.92 -20.55 43.60
C ASN C 229 -18.91 -21.69 43.55
N ALA C 230 -19.21 -22.16 42.34
CA ALA C 230 -20.25 -23.15 42.12
C ALA C 230 -20.21 -24.17 43.24
N GLN C 231 -19.06 -24.84 43.35
CA GLN C 231 -18.72 -25.76 44.41
C GLN C 231 -19.33 -25.32 45.74
N ALA C 232 -18.76 -24.26 46.35
CA ALA C 232 -19.20 -23.80 47.68
C ALA C 232 -20.68 -23.46 47.71
N ALA C 233 -21.23 -23.01 46.57
CA ALA C 233 -22.67 -22.73 46.42
C ALA C 233 -23.50 -24.00 46.65
N ARG C 234 -23.13 -25.09 45.99
CA ARG C 234 -23.79 -26.39 46.16
C ARG C 234 -23.71 -26.90 47.58
N VAL C 235 -22.50 -26.96 48.11
CA VAL C 235 -22.27 -27.41 49.46
C VAL C 235 -23.10 -26.64 50.51
N LEU C 236 -23.10 -25.32 50.41
CA LEU C 236 -23.87 -24.54 51.36
C LEU C 236 -25.33 -24.24 50.92
N ARG C 237 -25.71 -24.79 49.77
CA ARG C 237 -27.05 -24.64 49.17
C ARG C 237 -27.47 -23.19 49.02
N LEU C 238 -26.50 -22.36 48.68
CA LEU C 238 -26.71 -20.96 48.36
C LEU C 238 -26.90 -20.92 46.84
N ASP C 239 -27.52 -19.85 46.35
CA ASP C 239 -27.66 -19.63 44.91
C ASP C 239 -26.68 -18.50 44.60
N ALA C 240 -25.76 -18.74 43.67
CA ALA C 240 -24.59 -17.87 43.50
C ALA C 240 -24.97 -16.37 43.35
N THR C 241 -25.79 -16.06 42.34
CA THR C 241 -26.25 -14.71 42.09
C THR C 241 -26.79 -14.10 43.38
N ALA C 242 -28.04 -14.44 43.71
CA ALA C 242 -28.80 -13.82 44.80
C ALA C 242 -28.04 -13.77 46.13
N SER C 243 -26.83 -14.29 46.14
CA SER C 243 -26.04 -14.30 47.36
C SER C 243 -25.12 -13.11 47.53
N GLN C 244 -24.67 -12.54 46.42
CA GLN C 244 -23.61 -11.52 46.45
C GLN C 244 -23.87 -10.27 47.27
N GLY C 245 -22.82 -9.90 47.98
CA GLY C 245 -22.86 -8.68 48.77
C GLY C 245 -23.83 -8.76 49.92
N ARG C 246 -24.54 -9.88 50.05
CA ARG C 246 -25.42 -10.05 51.20
C ARG C 246 -24.61 -10.49 52.40
N ALA C 247 -24.96 -10.01 53.59
CA ALA C 247 -24.22 -10.35 54.80
C ALA C 247 -24.21 -11.88 55.02
N ILE C 248 -23.02 -12.42 55.28
CA ILE C 248 -22.84 -13.83 55.49
C ILE C 248 -23.69 -14.39 56.62
N THR C 249 -23.92 -13.60 57.67
CA THR C 249 -24.59 -14.14 58.86
C THR C 249 -26.12 -14.20 58.68
N GLU C 250 -26.62 -13.47 57.69
CA GLU C 250 -28.03 -13.53 57.29
C GLU C 250 -28.14 -14.55 56.15
N LEU C 251 -26.99 -15.02 55.66
CA LEU C 251 -26.93 -16.01 54.58
C LEU C 251 -26.93 -17.45 55.15
N LEU C 252 -26.28 -17.59 56.29
CA LEU C 252 -26.19 -18.85 56.92
C LEU C 252 -25.73 -18.60 58.36
N THR C 253 -26.00 -19.56 59.22
CA THR C 253 -25.71 -19.41 60.63
C THR C 253 -24.39 -20.16 60.98
N LEU C 254 -23.50 -19.50 61.72
CA LEU C 254 -22.09 -19.94 61.80
C LEU C 254 -21.59 -20.62 63.10
N PRO C 255 -20.79 -21.72 62.96
CA PRO C 255 -20.33 -22.46 64.15
C PRO C 255 -19.51 -21.56 65.07
N ALA C 256 -19.54 -21.84 66.37
CA ALA C 256 -18.82 -21.02 67.35
C ALA C 256 -17.33 -20.97 66.98
N VAL C 257 -16.88 -22.05 66.36
CA VAL C 257 -15.52 -22.18 65.81
C VAL C 257 -15.25 -21.06 64.83
N LEU C 258 -16.10 -20.92 63.82
CA LEU C 258 -16.04 -19.77 62.91
C LEU C 258 -16.13 -18.44 63.63
N GLN C 259 -17.25 -18.20 64.32
CA GLN C 259 -17.46 -16.98 65.11
C GLN C 259 -16.17 -16.54 65.80
N GLN C 260 -15.60 -17.46 66.59
CA GLN C 260 -14.45 -17.10 67.42
C GLN C 260 -13.21 -16.89 66.62
N ALA C 261 -13.06 -17.68 65.56
CA ALA C 261 -11.97 -17.48 64.62
C ALA C 261 -12.10 -16.15 63.86
N ILE C 262 -13.31 -15.81 63.44
CA ILE C 262 -13.56 -14.53 62.75
C ILE C 262 -13.26 -13.43 63.74
N LYS C 263 -14.01 -13.40 64.83
CA LYS C 263 -13.83 -12.41 65.87
C LYS C 263 -12.35 -12.30 66.26
N GLN C 264 -11.67 -13.41 66.49
CA GLN C 264 -10.31 -13.36 67.04
C GLN C 264 -9.20 -13.07 66.01
N ALA C 265 -9.57 -12.89 64.73
CA ALA C 265 -8.67 -12.96 63.54
C ALA C 265 -7.52 -13.97 63.71
N HIS C 266 -7.77 -15.21 63.28
CA HIS C 266 -6.96 -16.38 63.63
C HIS C 266 -7.22 -17.37 62.52
N PRO C 267 -6.16 -17.91 61.91
CA PRO C 267 -6.52 -18.84 60.86
C PRO C 267 -6.93 -20.20 61.45
N LEU C 268 -7.79 -20.92 60.74
CA LEU C 268 -8.15 -22.26 61.09
C LEU C 268 -7.64 -23.07 59.95
N LYS C 269 -7.04 -24.23 60.26
CA LYS C 269 -6.53 -25.15 59.23
C LYS C 269 -7.20 -26.53 59.30
N HIS C 270 -7.83 -26.91 58.21
CA HIS C 270 -8.58 -28.17 58.09
C HIS C 270 -9.49 -28.49 59.28
N VAL C 271 -10.00 -27.46 59.97
CA VAL C 271 -10.92 -27.66 61.07
C VAL C 271 -12.31 -28.13 60.55
N GLU C 272 -12.91 -29.03 61.32
CA GLU C 272 -14.23 -29.60 61.07
C GLU C 272 -15.24 -28.62 61.61
N ALA C 273 -16.36 -28.48 60.92
CA ALA C 273 -17.32 -27.44 61.24
C ALA C 273 -18.68 -27.61 60.56
N THR C 274 -19.70 -27.17 61.28
CA THR C 274 -21.07 -27.43 60.89
C THR C 274 -21.86 -26.13 60.62
N PHE C 275 -22.33 -26.01 59.39
CA PHE C 275 -23.04 -24.84 58.96
C PHE C 275 -24.52 -25.08 58.89
N GLU C 276 -25.28 -24.01 59.10
CA GLU C 276 -26.75 -24.05 58.90
C GLU C 276 -27.31 -23.07 57.85
N SER C 277 -27.77 -23.65 56.74
CA SER C 277 -28.29 -22.91 55.61
C SER C 277 -29.82 -23.01 55.59
N GLN C 278 -30.49 -21.89 55.91
CA GLN C 278 -31.95 -21.76 55.80
C GLN C 278 -32.56 -23.08 56.27
N HIS C 279 -32.21 -23.42 57.51
CA HIS C 279 -32.70 -24.62 58.26
C HIS C 279 -31.97 -25.94 58.14
N GLN C 280 -31.14 -26.08 57.13
CA GLN C 280 -30.49 -27.35 56.95
C GLN C 280 -29.04 -27.38 57.39
N PHE C 281 -28.66 -28.52 57.94
CA PHE C 281 -27.36 -28.68 58.54
C PHE C 281 -26.46 -29.34 57.55
N ILE C 282 -25.23 -28.83 57.52
CA ILE C 282 -24.20 -29.21 56.59
C ILE C 282 -22.89 -29.38 57.37
N ASP C 283 -22.33 -30.58 57.36
CA ASP C 283 -21.02 -30.78 57.98
C ASP C 283 -19.93 -30.49 56.97
N ALA C 284 -18.90 -29.74 57.36
CA ALA C 284 -17.82 -29.46 56.41
C ALA C 284 -16.45 -29.38 57.07
N VAL C 285 -15.40 -29.50 56.27
CA VAL C 285 -14.04 -29.30 56.76
C VAL C 285 -13.36 -28.11 56.04
N ILE C 286 -13.00 -27.12 56.85
CA ILE C 286 -12.74 -25.76 56.40
C ILE C 286 -11.38 -25.25 56.84
N THR C 287 -10.71 -24.49 55.95
CA THR C 287 -9.59 -23.65 56.36
C THR C 287 -10.02 -22.22 56.22
N LEU C 288 -9.63 -21.40 57.19
CA LEU C 288 -10.09 -20.00 57.21
C LEU C 288 -8.91 -19.03 57.32
N LYS C 289 -8.86 -18.08 56.39
CA LYS C 289 -7.71 -17.18 56.33
C LYS C 289 -8.05 -15.67 56.35
N PRO C 290 -7.47 -14.93 57.35
CA PRO C 290 -7.57 -13.47 57.40
C PRO C 290 -6.84 -12.88 56.21
N ILE C 291 -7.39 -11.80 55.67
CA ILE C 291 -6.79 -11.09 54.57
C ILE C 291 -6.59 -9.63 55.01
N ILE C 292 -5.48 -9.34 55.71
CA ILE C 292 -5.25 -8.03 56.41
C ILE C 292 -5.05 -6.84 55.45
N GLU C 293 -5.73 -5.72 55.75
CA GLU C 293 -5.75 -4.48 54.92
C GLU C 293 -6.09 -3.20 55.73
N THR C 294 -5.92 -2.01 55.12
CA THR C 294 -6.25 -0.72 55.80
C THR C 294 -7.76 -0.55 56.07
N GLN C 295 -8.58 -0.84 55.06
CA GLN C 295 -10.05 -0.86 55.21
C GLN C 295 -10.54 -1.81 56.33
N GLY C 296 -9.86 -2.94 56.50
CA GLY C 296 -10.21 -3.96 57.53
C GLY C 296 -9.67 -5.32 57.15
N THR C 297 -10.19 -6.39 57.78
CA THR C 297 -9.76 -7.78 57.44
C THR C 297 -10.84 -8.61 56.76
N SER C 298 -10.56 -9.04 55.55
CA SER C 298 -11.45 -9.93 54.80
C SER C 298 -11.19 -11.39 55.17
N PHE C 299 -11.91 -12.33 54.55
CA PHE C 299 -11.65 -13.75 54.82
C PHE C 299 -11.90 -14.58 53.60
N ILE C 300 -11.08 -15.62 53.43
CA ILE C 300 -11.46 -16.77 52.62
C ILE C 300 -11.81 -17.88 53.56
N LEU C 301 -12.79 -18.67 53.13
CA LEU C 301 -13.14 -19.92 53.74
C LEU C 301 -13.01 -20.93 52.64
N LEU C 302 -12.21 -21.95 52.89
CA LEU C 302 -12.13 -23.07 51.97
C LEU C 302 -12.89 -24.25 52.52
N LEU C 303 -13.80 -24.76 51.68
CA LEU C 303 -14.55 -25.94 52.05
C LEU C 303 -13.95 -27.12 51.31
N HIS C 304 -13.17 -27.91 52.03
CA HIS C 304 -12.37 -28.98 51.45
C HIS C 304 -13.26 -30.17 51.23
N PRO C 305 -13.11 -30.86 50.09
CA PRO C 305 -14.08 -31.85 49.75
C PRO C 305 -13.66 -33.22 50.26
N VAL C 306 -13.92 -33.51 51.53
CA VAL C 306 -13.42 -34.74 52.26
C VAL C 306 -12.66 -35.84 51.46
N SER D 13 -43.06 28.05 23.60
CA SER D 13 -42.77 26.60 23.87
C SER D 13 -43.10 26.13 25.31
N PRO D 14 -43.86 25.02 25.48
CA PRO D 14 -44.14 24.43 26.80
C PRO D 14 -43.06 24.65 27.88
N LEU D 15 -41.82 24.26 27.57
CA LEU D 15 -40.71 24.29 28.52
C LEU D 15 -40.28 25.73 28.83
N ILE D 16 -40.29 26.64 27.87
CA ILE D 16 -40.02 28.02 28.27
C ILE D 16 -41.14 28.54 29.14
N ALA D 17 -42.39 28.41 28.72
CA ALA D 17 -43.49 29.03 29.44
C ALA D 17 -43.63 28.55 30.86
N THR D 18 -43.27 27.29 31.12
CA THR D 18 -43.35 26.72 32.47
C THR D 18 -42.31 27.38 33.31
N SER D 19 -41.13 27.53 32.76
CA SER D 19 -40.07 28.29 33.38
C SER D 19 -40.47 29.74 33.69
N TRP D 20 -41.12 30.41 32.76
CA TRP D 20 -41.61 31.75 32.98
C TRP D 20 -42.67 31.81 34.06
N GLU D 21 -43.51 30.77 34.16
CA GLU D 21 -44.45 30.79 35.22
C GLU D 21 -43.71 30.80 36.59
N ARG D 22 -42.57 30.14 36.64
CA ARG D 22 -41.81 30.11 37.88
C ARG D 22 -41.15 31.45 38.15
N CYS D 23 -40.77 32.17 37.11
CA CYS D 23 -39.97 33.34 37.33
C CYS D 23 -40.85 34.54 37.51
N ASN D 24 -42.06 34.49 36.94
CA ASN D 24 -42.98 35.60 37.00
C ASN D 24 -43.29 35.93 38.43
N LYS D 25 -43.29 34.89 39.25
CA LYS D 25 -43.70 34.98 40.63
C LYS D 25 -42.62 35.58 41.51
N LEU D 26 -41.36 35.49 41.07
CA LEU D 26 -40.28 36.06 41.86
C LEU D 26 -39.45 37.27 41.40
N MET D 27 -39.61 37.77 40.18
CA MET D 27 -38.52 38.55 39.62
C MET D 27 -39.11 39.38 38.48
N LYS D 28 -38.66 40.61 38.27
CA LYS D 28 -39.13 41.39 37.10
C LYS D 28 -38.20 41.12 35.90
N ARG D 29 -38.70 41.31 34.68
CA ARG D 29 -37.91 41.00 33.47
C ARG D 29 -36.77 42.00 33.16
N GLU D 30 -36.67 43.12 33.88
CA GLU D 30 -35.69 44.18 33.47
C GLU D 30 -34.68 44.64 34.50
N THR D 31 -34.93 44.33 35.77
CA THR D 31 -33.91 44.40 36.83
C THR D 31 -32.89 43.28 36.60
N TRP D 32 -31.60 43.53 36.81
CA TRP D 32 -30.62 42.47 36.81
C TRP D 32 -29.73 42.55 38.04
N ASN D 33 -29.62 41.47 38.83
CA ASN D 33 -28.73 41.44 39.99
C ASN D 33 -27.61 40.54 39.62
N VAL D 34 -26.39 40.98 39.83
CA VAL D 34 -25.26 40.11 39.53
C VAL D 34 -25.36 38.89 40.44
N PRO D 35 -25.30 37.68 39.84
CA PRO D 35 -25.57 36.47 40.60
C PRO D 35 -24.43 36.14 41.57
N HIS D 36 -24.71 35.19 42.47
CA HIS D 36 -23.83 34.93 43.54
C HIS D 36 -22.56 34.17 43.15
N GLN D 37 -21.43 34.57 43.71
CA GLN D 37 -20.16 33.98 43.36
C GLN D 37 -19.59 33.46 44.66
N ALA D 38 -19.08 32.23 44.69
CA ALA D 38 -18.50 31.64 45.91
C ALA D 38 -17.13 32.23 46.28
N GLN D 39 -16.85 32.39 47.56
CA GLN D 39 -15.60 33.01 48.00
C GLN D 39 -14.45 32.11 47.51
N GLY D 40 -13.28 32.69 47.17
CA GLY D 40 -12.13 31.90 46.68
C GLY D 40 -11.81 30.55 47.37
N VAL D 41 -11.67 30.58 48.70
CA VAL D 41 -11.36 29.39 49.51
C VAL D 41 -12.46 28.35 49.40
N THR D 42 -13.70 28.68 49.68
CA THR D 42 -14.67 27.60 49.53
C THR D 42 -14.84 27.12 48.08
N PHE D 43 -14.62 28.00 47.11
CA PHE D 43 -14.52 27.54 45.70
C PHE D 43 -13.43 26.49 45.43
N ALA D 44 -12.31 26.57 46.15
CA ALA D 44 -11.29 25.54 46.07
C ALA D 44 -11.89 24.16 46.27
N SER D 45 -12.77 24.01 47.26
CA SER D 45 -13.27 22.66 47.56
C SER D 45 -14.40 22.29 46.61
N ILE D 46 -15.14 23.27 46.09
CA ILE D 46 -16.12 22.99 45.05
C ILE D 46 -15.43 22.49 43.76
N TYR D 47 -14.36 23.17 43.37
CA TYR D 47 -13.62 22.85 42.20
C TYR D 47 -12.99 21.50 42.39
N ARG D 48 -12.26 21.34 43.50
CA ARG D 48 -11.61 20.07 43.78
C ARG D 48 -12.60 18.94 43.79
N ARG D 49 -13.75 19.10 44.41
CA ARG D 49 -14.75 18.03 44.40
C ARG D 49 -14.97 17.42 43.02
N LYS D 50 -14.79 18.21 41.96
CA LYS D 50 -15.24 17.85 40.59
C LYS D 50 -14.11 17.50 39.65
N LYS D 51 -12.98 17.11 40.22
CA LYS D 51 -11.75 17.01 39.48
C LYS D 51 -11.81 15.96 38.33
N ALA D 52 -12.49 14.83 38.54
CA ALA D 52 -12.70 13.82 37.48
C ALA D 52 -13.36 14.41 36.26
N MET D 53 -14.43 15.18 36.48
CA MET D 53 -15.18 15.83 35.40
C MET D 53 -14.38 16.96 34.72
N LEU D 54 -13.71 17.76 35.54
CA LEU D 54 -12.95 18.85 35.06
C LEU D 54 -11.74 18.39 34.29
N THR D 55 -11.13 17.26 34.65
CA THR D 55 -9.88 17.00 33.97
C THR D 55 -10.22 16.63 32.51
N LEU D 56 -11.39 15.99 32.34
CA LEU D 56 -11.87 15.54 31.04
C LEU D 56 -12.49 16.69 30.27
N GLY D 57 -13.43 17.35 30.92
CA GLY D 57 -14.13 18.49 30.38
C GLY D 57 -13.25 19.63 29.94
N GLN D 58 -12.19 19.94 30.69
CA GLN D 58 -11.33 21.07 30.31
C GLN D 58 -10.53 20.74 29.08
N ALA D 59 -10.28 19.45 28.88
CA ALA D 59 -9.55 19.01 27.71
C ALA D 59 -10.48 19.18 26.50
N ALA D 60 -11.75 18.74 26.64
CA ALA D 60 -12.71 18.87 25.54
C ALA D 60 -12.90 20.36 25.09
N LEU D 61 -12.86 21.26 26.06
CA LEU D 61 -13.00 22.70 25.88
C LEU D 61 -11.76 23.33 25.30
N GLU D 62 -10.56 22.87 25.62
CA GLU D 62 -9.38 23.50 25.00
C GLU D 62 -9.45 23.20 23.53
N ASP D 63 -9.91 21.99 23.22
CA ASP D 63 -9.98 21.50 21.87
C ASP D 63 -11.09 22.15 21.07
N ALA D 64 -12.29 22.26 21.65
CA ALA D 64 -13.41 22.93 21.01
C ALA D 64 -12.92 24.30 20.63
N TRP D 65 -12.35 25.01 21.59
CA TRP D 65 -11.93 26.38 21.34
C TRP D 65 -10.78 26.53 20.32
N GLU D 66 -9.72 25.76 20.43
CA GLU D 66 -8.67 25.89 19.45
C GLU D 66 -9.15 25.77 18.02
N TYR D 67 -10.13 24.91 17.79
CA TYR D 67 -10.63 24.69 16.46
C TYR D 67 -11.88 25.51 16.11
N MET D 68 -12.15 26.54 16.90
CA MET D 68 -13.27 27.38 16.67
C MET D 68 -12.82 28.81 16.55
N ALA D 69 -11.71 29.17 17.22
CA ALA D 69 -11.22 30.55 17.27
C ALA D 69 -10.91 31.04 15.84
N PRO D 70 -11.05 32.36 15.55
CA PRO D 70 -11.67 33.39 16.40
C PRO D 70 -13.17 33.24 16.24
N ARG D 71 -13.89 33.43 17.31
CA ARG D 71 -15.31 33.49 17.25
C ARG D 71 -15.56 34.23 18.51
N GLU D 72 -16.56 35.08 18.54
CA GLU D 72 -16.95 35.59 19.82
C GLU D 72 -17.84 34.55 20.46
N CYS D 73 -17.27 33.75 21.36
CA CYS D 73 -18.10 33.02 22.31
C CYS D 73 -17.37 32.42 23.47
N ALA D 74 -18.13 31.87 24.41
CA ALA D 74 -17.57 31.34 25.62
C ALA D 74 -18.13 29.98 25.82
N LEU D 75 -17.32 29.12 26.43
CA LEU D 75 -17.73 27.79 26.86
C LEU D 75 -17.59 27.68 28.40
N PHE D 76 -18.48 26.92 29.05
CA PHE D 76 -18.49 26.75 30.51
C PHE D 76 -18.73 25.31 30.89
N ILE D 77 -18.09 24.89 31.98
CA ILE D 77 -18.45 23.65 32.66
C ILE D 77 -19.06 24.10 33.97
N LEU D 78 -20.26 23.67 34.25
CA LEU D 78 -20.85 24.00 35.54
C LEU D 78 -21.11 22.71 36.32
N ASP D 79 -21.37 22.79 37.61
CA ASP D 79 -21.72 21.62 38.38
C ASP D 79 -23.22 21.42 38.55
N GLU D 80 -23.64 20.46 39.36
CA GLU D 80 -25.08 20.18 39.50
C GLU D 80 -25.91 21.33 40.10
N THR D 81 -25.28 22.26 40.80
CA THR D 81 -25.98 23.42 41.33
C THR D 81 -25.69 24.63 40.43
N ALA D 82 -25.37 24.35 39.17
CA ALA D 82 -25.06 25.37 38.18
C ALA D 82 -23.97 26.30 38.63
N CYS D 83 -22.94 25.79 39.29
CA CYS D 83 -21.83 26.66 39.66
C CYS D 83 -20.77 26.62 38.56
N ILE D 84 -20.36 27.77 38.06
CA ILE D 84 -19.30 27.78 37.02
C ILE D 84 -17.91 27.32 37.55
N LEU D 85 -17.41 26.20 37.03
CA LEU D 85 -16.20 25.59 37.58
C LEU D 85 -15.01 26.05 36.81
N SER D 86 -15.19 26.29 35.51
CA SER D 86 -14.12 26.78 34.66
C SER D 86 -14.80 27.17 33.38
N ARG D 87 -14.13 28.04 32.62
CA ARG D 87 -14.68 28.77 31.44
C ARG D 87 -13.61 28.87 30.38
N ASN D 88 -13.91 28.65 29.10
CA ASN D 88 -13.01 29.29 28.19
C ASN D 88 -13.52 29.89 26.92
N GLY D 89 -12.65 30.11 25.94
CA GLY D 89 -13.07 30.67 24.63
C GLY D 89 -12.58 32.07 24.45
N ASP D 90 -13.41 32.92 23.83
CA ASP D 90 -12.93 34.24 23.38
C ASP D 90 -12.63 35.19 24.54
N PRO D 91 -11.36 35.64 24.71
CA PRO D 91 -11.08 36.59 25.79
C PRO D 91 -12.17 37.65 25.99
N GLN D 92 -12.55 38.34 24.91
CA GLN D 92 -13.40 39.53 25.00
C GLN D 92 -14.82 39.19 25.41
N THR D 93 -15.24 37.98 25.08
CA THR D 93 -16.63 37.60 25.29
C THR D 93 -16.75 37.21 26.73
N LEU D 94 -15.80 36.41 27.19
CA LEU D 94 -15.64 36.17 28.59
C LEU D 94 -15.70 37.50 29.38
N GLN D 95 -14.89 38.51 29.03
CA GLN D 95 -15.00 39.79 29.72
C GLN D 95 -16.44 40.31 29.67
N GLN D 96 -17.08 40.24 28.52
CA GLN D 96 -18.44 40.69 28.46
C GLN D 96 -19.33 40.01 29.51
N LEU D 97 -19.22 38.69 29.59
CA LEU D 97 -20.12 37.90 30.46
C LEU D 97 -19.73 38.06 31.90
N SER D 98 -18.44 38.25 32.12
CA SER D 98 -17.88 38.52 33.40
C SER D 98 -18.48 39.82 34.00
N ALA D 99 -18.71 40.80 33.16
CA ALA D 99 -19.23 42.07 33.60
C ALA D 99 -20.64 41.93 34.16
N LEU D 100 -21.37 40.91 33.70
CA LEU D 100 -22.70 40.58 34.18
C LEU D 100 -22.54 39.77 35.46
N GLY D 101 -21.35 39.25 35.69
CA GLY D 101 -21.16 38.39 36.82
C GLY D 101 -21.12 36.89 36.52
N PHE D 102 -20.75 36.53 35.30
CA PHE D 102 -20.43 35.14 35.04
C PHE D 102 -18.97 34.90 35.25
N ASN D 103 -18.65 34.45 36.45
CA ASN D 103 -17.30 34.21 36.85
C ASN D 103 -17.10 32.82 37.45
N ASP D 104 -15.84 32.44 37.64
CA ASP D 104 -15.59 31.18 38.28
C ASP D 104 -16.29 31.24 39.62
N GLY D 105 -17.16 30.30 39.91
CA GLY D 105 -17.77 30.30 41.23
C GLY D 105 -19.19 30.83 41.24
N THR D 106 -19.59 31.54 40.19
CA THR D 106 -20.92 32.06 40.06
C THR D 106 -21.99 31.00 39.92
N TYR D 107 -23.12 31.17 40.61
CA TYR D 107 -24.25 30.27 40.44
C TYR D 107 -25.23 30.81 39.42
N CYS D 108 -25.73 29.98 38.51
CA CYS D 108 -26.53 30.41 37.41
C CYS D 108 -27.92 29.83 37.51
N ALA D 109 -28.34 29.59 38.73
CA ALA D 109 -29.64 29.00 39.00
C ALA D 109 -30.78 29.86 38.48
N GLU D 110 -31.88 29.18 38.15
CA GLU D 110 -32.96 29.81 37.45
C GLU D 110 -33.54 30.99 38.24
N GLY D 111 -33.76 30.80 39.54
CA GLY D 111 -34.29 31.86 40.37
C GLY D 111 -33.39 33.09 40.48
N ILE D 112 -32.14 32.98 40.04
CA ILE D 112 -31.22 34.12 40.15
C ILE D 112 -31.15 34.85 38.82
N ILE D 113 -30.92 34.16 37.70
CA ILE D 113 -30.72 34.84 36.39
C ILE D 113 -31.89 34.71 35.40
N GLY D 114 -32.95 34.05 35.84
CA GLY D 114 -34.13 33.88 35.02
C GLY D 114 -34.00 32.67 34.12
N THR D 115 -34.98 32.44 33.24
CA THR D 115 -34.96 31.31 32.33
C THR D 115 -33.68 31.37 31.50
N CYS D 116 -32.96 30.25 31.43
CA CYS D 116 -31.67 30.19 30.76
C CYS D 116 -31.25 28.76 30.65
N ALA D 117 -30.52 28.42 29.58
CA ALA D 117 -30.05 27.06 29.31
C ALA D 117 -29.05 26.60 30.38
N LEU D 118 -28.32 27.56 30.93
CA LEU D 118 -27.47 27.30 32.04
C LEU D 118 -28.21 26.57 33.13
N SER D 119 -29.54 26.70 33.22
CA SER D 119 -30.22 26.00 34.29
C SER D 119 -31.32 25.13 33.75
N LEU D 120 -31.89 25.51 32.62
CA LEU D 120 -32.97 24.75 32.05
C LEU D 120 -32.51 23.36 31.62
N ALA D 121 -31.27 23.27 31.10
CA ALA D 121 -30.75 22.01 30.57
C ALA D 121 -30.93 20.89 31.62
N ALA D 122 -30.31 21.10 32.79
CA ALA D 122 -30.56 20.33 34.02
C ALA D 122 -32.06 20.16 34.42
N ILE D 123 -32.84 21.22 34.40
CA ILE D 123 -34.22 21.09 34.85
C ILE D 123 -34.99 20.18 33.90
N SER D 124 -34.67 20.24 32.62
CA SER D 124 -35.45 19.48 31.65
C SER D 124 -34.82 18.10 31.45
N GLY D 125 -33.62 17.92 31.95
CA GLY D 125 -32.96 16.67 31.76
C GLY D 125 -32.37 16.50 30.37
N GLN D 126 -32.33 17.56 29.56
CA GLN D 126 -31.75 17.42 28.23
C GLN D 126 -31.14 18.68 27.65
N ALA D 127 -30.44 18.46 26.54
CA ALA D 127 -29.80 19.51 25.80
C ALA D 127 -30.85 20.56 25.48
N VAL D 128 -30.56 21.82 25.79
CA VAL D 128 -31.52 22.89 25.58
C VAL D 128 -30.81 24.13 25.07
N LYS D 129 -31.52 24.95 24.29
CA LYS D 129 -31.02 26.24 23.81
C LYS D 129 -31.95 27.41 24.10
N THR D 130 -31.49 28.41 24.81
CA THR D 130 -32.30 29.61 24.93
C THR D 130 -31.60 30.77 24.29
N MET D 131 -32.34 31.55 23.52
CA MET D 131 -31.83 32.80 22.96
C MET D 131 -32.84 33.98 22.93
N ALA D 132 -32.28 35.17 22.79
CA ALA D 132 -33.03 36.38 22.69
C ALA D 132 -34.10 36.43 23.80
N ASP D 133 -35.29 36.85 23.46
CA ASP D 133 -36.29 37.12 24.48
C ASP D 133 -36.97 35.85 24.92
N GLN D 134 -36.39 34.70 24.66
CA GLN D 134 -36.83 33.52 25.37
C GLN D 134 -36.31 33.60 26.79
N HIS D 135 -35.21 34.33 27.00
CA HIS D 135 -34.72 34.57 28.35
C HIS D 135 -35.64 35.47 29.14
N PHE D 136 -35.88 35.17 30.41
CA PHE D 136 -36.70 36.09 31.21
C PHE D 136 -36.04 37.44 31.34
N LYS D 137 -34.73 37.52 31.54
CA LYS D 137 -34.12 38.81 31.86
C LYS D 137 -33.69 39.52 30.61
N GLN D 138 -34.13 40.76 30.42
CA GLN D 138 -33.78 41.50 29.25
C GLN D 138 -32.28 41.63 29.02
N VAL D 139 -31.49 41.69 30.09
CA VAL D 139 -30.04 41.72 29.92
C VAL D 139 -29.55 40.57 29.00
N LEU D 140 -30.25 39.45 29.07
CA LEU D 140 -29.86 38.27 28.36
C LEU D 140 -30.45 38.21 26.97
N TRP D 141 -31.26 39.18 26.59
CA TRP D 141 -31.83 39.17 25.24
C TRP D 141 -30.76 39.31 24.12
N ASN D 142 -29.53 39.76 24.38
CA ASN D 142 -28.58 39.69 23.26
C ASN D 142 -27.65 38.49 23.20
N TRP D 143 -28.02 37.44 23.93
CA TRP D 143 -27.24 36.25 24.05
C TRP D 143 -28.05 35.03 23.64
N ALA D 144 -27.36 34.01 23.15
CA ALA D 144 -27.88 32.65 23.00
C ALA D 144 -27.03 31.78 23.89
N PHE D 145 -27.66 30.90 24.66
CA PHE D 145 -27.00 29.90 25.51
C PHE D 145 -27.42 28.51 25.13
N CYS D 146 -26.47 27.61 24.94
CA CYS D 146 -26.76 26.21 24.72
C CYS D 146 -26.13 25.47 25.87
N ALA D 147 -26.89 24.54 26.43
CA ALA D 147 -26.34 23.70 27.45
C ALA D 147 -26.87 22.26 27.38
N THR D 148 -26.01 21.32 27.76
CA THR D 148 -26.38 19.93 27.82
C THR D 148 -26.00 19.38 29.21
N PRO D 149 -26.96 18.74 29.91
CA PRO D 149 -26.67 18.29 31.24
C PRO D 149 -25.88 17.02 31.09
N LEU D 150 -25.29 16.53 32.16
CA LEU D 150 -24.48 15.38 32.00
C LEU D 150 -24.63 14.56 33.29
N PHE D 151 -24.85 13.27 33.15
CA PHE D 151 -25.15 12.47 34.32
C PHE D 151 -24.05 11.55 34.88
N ASP D 152 -24.40 10.88 35.96
CA ASP D 152 -23.55 10.42 37.01
C ASP D 152 -23.56 8.93 36.85
N SER D 153 -22.45 8.31 37.26
CA SER D 153 -22.29 6.83 37.40
C SER D 153 -23.62 6.13 37.63
N LYS D 154 -24.27 6.48 38.75
CA LYS D 154 -25.62 5.97 39.09
C LYS D 154 -26.75 6.99 38.87
N GLY D 155 -26.51 7.97 37.99
CA GLY D 155 -27.61 8.74 37.38
C GLY D 155 -28.18 9.98 38.05
N ARG D 156 -27.39 10.65 38.88
CA ARG D 156 -27.83 11.93 39.37
C ARG D 156 -27.08 12.99 38.58
N LEU D 157 -27.70 14.14 38.35
CA LEU D 157 -27.05 15.23 37.65
C LEU D 157 -25.66 15.51 38.23
N THR D 158 -24.68 15.72 37.38
CA THR D 158 -23.31 15.81 37.84
C THR D 158 -22.55 17.05 37.34
N GLY D 159 -23.08 17.68 36.29
CA GLY D 159 -22.52 18.87 35.71
C GLY D 159 -23.28 19.27 34.46
N THR D 160 -22.89 20.40 33.86
CA THR D 160 -23.45 20.87 32.60
C THR D 160 -22.32 21.44 31.71
N ILE D 161 -22.37 21.19 30.39
CA ILE D 161 -21.49 21.85 29.41
C ILE D 161 -22.30 22.94 28.63
N ALA D 162 -21.72 24.13 28.43
CA ALA D 162 -22.51 25.24 27.91
C ALA D 162 -21.71 26.17 27.02
N LEU D 163 -22.43 26.78 26.07
CA LEU D 163 -21.83 27.68 25.09
C LEU D 163 -22.66 28.97 25.06
N ALA D 164 -22.03 30.11 25.28
CA ALA D 164 -22.75 31.35 25.23
C ALA D 164 -22.17 32.10 24.01
N CYS D 165 -23.05 32.79 23.29
CA CYS D 165 -22.60 33.65 22.22
C CYS D 165 -23.61 34.79 21.97
N PRO D 166 -23.12 35.93 21.39
CA PRO D 166 -24.04 37.00 21.06
C PRO D 166 -25.15 36.48 20.12
N VAL D 167 -26.39 36.71 20.52
CA VAL D 167 -27.58 36.13 19.90
C VAL D 167 -27.57 36.09 18.38
N GLU D 168 -27.00 37.10 17.69
CA GLU D 168 -27.15 37.16 16.21
C GLU D 168 -26.18 36.19 15.54
N GLN D 169 -25.28 35.60 16.33
CA GLN D 169 -24.31 34.70 15.81
C GLN D 169 -24.49 33.26 16.23
N THR D 170 -25.64 32.82 16.77
CA THR D 170 -25.78 31.37 17.04
C THR D 170 -25.90 30.66 15.75
N THR D 171 -25.38 29.44 15.78
CA THR D 171 -25.33 28.53 14.63
C THR D 171 -26.10 27.29 14.99
N ALA D 172 -26.55 26.56 13.99
CA ALA D 172 -27.15 25.24 14.13
C ALA D 172 -26.24 24.19 14.82
N ALA D 173 -24.94 24.44 14.88
CA ALA D 173 -24.02 23.44 15.38
C ALA D 173 -23.80 23.57 16.88
N ASP D 174 -24.23 24.70 17.41
CA ASP D 174 -23.91 25.08 18.77
C ASP D 174 -24.46 24.12 19.84
N LEU D 175 -25.73 23.73 19.75
CA LEU D 175 -26.27 22.88 20.75
C LEU D 175 -25.58 21.55 20.58
N PRO D 176 -25.69 20.94 19.38
CA PRO D 176 -25.00 19.63 19.31
C PRO D 176 -23.55 19.63 19.76
N LEU D 177 -22.84 20.74 19.62
CA LEU D 177 -21.50 20.80 20.14
C LEU D 177 -21.44 20.60 21.63
N THR D 178 -22.26 21.36 22.37
CA THR D 178 -22.35 21.13 23.84
C THR D 178 -22.81 19.70 24.12
N LEU D 179 -23.86 19.20 23.43
CA LEU D 179 -24.20 17.77 23.50
C LEU D 179 -23.06 16.81 23.20
N ALA D 180 -22.20 17.08 22.21
CA ALA D 180 -21.08 16.17 21.92
C ALA D 180 -20.07 16.17 23.03
N ILE D 181 -19.79 17.34 23.59
CA ILE D 181 -18.84 17.39 24.68
C ILE D 181 -19.45 16.73 25.91
N ALA D 182 -20.72 17.00 26.22
CA ALA D 182 -21.32 16.32 27.38
C ALA D 182 -21.23 14.80 27.22
N ARG D 183 -21.48 14.29 26.01
CA ARG D 183 -21.33 12.87 25.77
C ARG D 183 -19.90 12.38 25.95
N GLU D 184 -18.88 13.16 25.60
CA GLU D 184 -17.53 12.64 25.77
C GLU D 184 -17.29 12.55 27.25
N VAL D 185 -17.44 13.66 27.94
CA VAL D 185 -17.15 13.70 29.36
C VAL D 185 -17.98 12.67 30.17
N GLY D 186 -19.24 12.59 29.81
CA GLY D 186 -20.18 11.84 30.57
C GLY D 186 -19.95 10.38 30.42
N ASN D 187 -19.87 9.93 29.17
CA ASN D 187 -19.53 8.54 28.85
C ASN D 187 -18.16 8.08 29.31
N LEU D 188 -17.16 8.90 29.14
CA LEU D 188 -15.89 8.64 29.72
C LEU D 188 -15.90 8.53 31.25
N LEU D 189 -16.69 9.31 31.99
CA LEU D 189 -16.74 9.07 33.49
C LEU D 189 -17.45 7.74 33.87
N LEU D 190 -18.53 7.44 33.16
CA LEU D 190 -19.22 6.17 33.36
C LEU D 190 -18.31 4.97 33.21
N THR D 191 -17.59 4.95 32.10
CA THR D 191 -16.84 3.77 31.80
C THR D 191 -15.54 3.89 32.56
N ASP D 192 -15.11 5.12 32.84
CA ASP D 192 -14.01 5.27 33.79
C ASP D 192 -14.26 4.63 35.14
N SER D 193 -15.50 4.65 35.62
CA SER D 193 -15.72 4.11 36.93
C SER D 193 -16.15 2.68 36.91
N LEU D 194 -16.70 2.19 35.78
CA LEU D 194 -16.86 0.75 35.57
C LEU D 194 -15.50 0.10 35.63
N LEU D 195 -14.56 0.62 34.85
CA LEU D 195 -13.16 0.27 34.94
C LEU D 195 -12.57 0.33 36.36
N ALA D 196 -12.91 1.31 37.20
CA ALA D 196 -12.37 1.26 38.59
C ALA D 196 -12.95 0.06 39.31
N GLU D 197 -14.28 -0.03 39.36
CA GLU D 197 -14.95 -1.14 40.04
C GLU D 197 -14.51 -2.52 39.49
N THR D 198 -14.35 -2.65 38.18
CA THR D 198 -13.93 -3.96 37.70
C THR D 198 -12.47 -4.28 38.00
N ASN D 199 -11.65 -3.25 38.15
CA ASN D 199 -10.31 -3.40 38.65
C ASN D 199 -10.23 -3.81 40.10
N ARG D 200 -11.13 -3.27 40.92
CA ARG D 200 -11.23 -3.67 42.34
C ARG D 200 -11.57 -5.10 42.43
N HIS D 201 -12.60 -5.49 41.68
CA HIS D 201 -13.05 -6.87 41.64
C HIS D 201 -11.84 -7.76 41.24
N LEU D 202 -11.05 -7.33 40.24
CA LEU D 202 -9.80 -8.01 39.86
C LEU D 202 -8.84 -8.26 41.02
N ASN D 203 -8.67 -7.31 41.92
CA ASN D 203 -7.78 -7.51 43.04
C ASN D 203 -8.32 -8.38 44.13
N GLN D 204 -9.60 -8.23 44.49
CA GLN D 204 -10.22 -9.25 45.33
C GLN D 204 -9.90 -10.69 44.85
N LEU D 205 -10.30 -11.00 43.63
CA LEU D 205 -10.01 -12.31 43.03
C LEU D 205 -8.54 -12.68 43.09
N ASN D 206 -7.66 -11.70 42.95
CA ASN D 206 -6.25 -11.95 43.09
C ASN D 206 -5.85 -12.31 44.50
N ALA D 207 -6.15 -11.42 45.43
CA ALA D 207 -6.02 -11.71 46.84
C ALA D 207 -6.55 -13.12 47.15
N LEU D 208 -7.58 -13.59 46.45
CA LEU D 208 -8.13 -14.93 46.78
C LEU D 208 -7.21 -16.03 46.28
N LEU D 209 -6.87 -16.00 44.99
CA LEU D 209 -5.89 -16.96 44.47
C LEU D 209 -4.53 -16.84 45.21
N GLU D 210 -4.13 -15.63 45.56
CA GLU D 210 -2.83 -15.46 46.19
C GLU D 210 -2.76 -16.07 47.59
N SER D 211 -3.88 -16.23 48.25
CA SER D 211 -3.81 -16.88 49.54
C SER D 211 -4.56 -18.21 49.54
N MET D 212 -4.50 -18.92 48.41
CA MET D 212 -4.89 -20.34 48.31
C MET D 212 -4.11 -21.22 49.24
N ASP D 213 -3.82 -22.43 48.79
CA ASP D 213 -3.09 -23.40 49.58
C ASP D 213 -2.14 -24.14 48.72
N ASP D 214 -2.65 -24.60 47.60
CA ASP D 214 -1.83 -25.09 46.54
C ASP D 214 -1.25 -23.90 45.83
N GLY D 215 -0.11 -24.09 45.16
CA GLY D 215 0.34 -23.11 44.18
C GLY D 215 -0.60 -23.27 42.98
N VAL D 216 -0.80 -22.19 42.24
CA VAL D 216 -1.65 -22.24 41.05
C VAL D 216 -1.04 -21.48 39.91
N ILE D 217 -1.13 -22.08 38.74
CA ILE D 217 -0.56 -21.52 37.53
C ILE D 217 -1.59 -21.80 36.48
N SER D 218 -1.81 -20.83 35.61
CA SER D 218 -2.51 -21.10 34.37
C SER D 218 -1.79 -20.51 33.21
N TRP D 219 -1.93 -21.19 32.09
CA TRP D 219 -1.53 -20.70 30.79
C TRP D 219 -2.75 -20.91 29.95
N ASP D 220 -2.65 -20.47 28.71
CA ASP D 220 -3.81 -20.20 27.89
C ASP D 220 -3.84 -21.17 26.76
N GLU D 221 -4.72 -20.89 25.80
CA GLU D 221 -4.95 -21.79 24.68
C GLU D 221 -3.75 -21.81 23.76
N GLN D 222 -2.92 -20.77 23.84
CA GLN D 222 -1.72 -20.64 23.01
C GLN D 222 -0.50 -21.24 23.69
N GLY D 223 -0.47 -21.19 25.01
CA GLY D 223 0.52 -21.91 25.80
C GLY D 223 1.34 -20.98 26.67
N ASN D 224 0.75 -19.87 27.11
CA ASN D 224 1.50 -18.82 27.80
C ASN D 224 0.93 -18.43 29.14
N LEU D 225 1.81 -18.31 30.12
CA LEU D 225 1.40 -18.09 31.49
C LEU D 225 0.53 -16.84 31.62
N GLN D 226 -0.59 -16.97 32.33
CA GLN D 226 -1.52 -15.87 32.64
C GLN D 226 -1.56 -15.61 34.13
N PHE D 227 -1.34 -16.64 34.93
CA PHE D 227 -1.38 -16.43 36.36
C PHE D 227 -0.37 -17.29 37.04
N ILE D 228 0.30 -16.74 38.02
CA ILE D 228 1.09 -17.55 38.94
C ILE D 228 1.11 -16.94 40.32
N ASN D 229 0.84 -17.75 41.34
CA ASN D 229 0.89 -17.27 42.73
C ASN D 229 2.22 -17.49 43.45
N ALA D 230 2.40 -16.71 44.50
CA ALA D 230 3.62 -16.68 45.31
C ALA D 230 4.11 -18.05 45.72
N GLN D 231 3.30 -19.06 45.53
CA GLN D 231 3.63 -20.39 46.03
C GLN D 231 3.81 -21.38 44.90
N ALA D 232 3.31 -21.09 43.72
CA ALA D 232 3.78 -21.82 42.58
C ALA D 232 5.21 -21.27 42.27
N ALA D 233 5.42 -20.00 42.57
CA ALA D 233 6.68 -19.35 42.27
C ALA D 233 7.77 -19.83 43.19
N ARG D 234 7.43 -20.06 44.47
CA ARG D 234 8.41 -20.63 45.40
C ARG D 234 8.79 -22.00 44.90
N VAL D 235 7.76 -22.83 44.87
CA VAL D 235 7.81 -24.25 44.59
C VAL D 235 8.40 -24.58 43.23
N LEU D 236 7.98 -23.92 42.16
CA LEU D 236 8.62 -24.20 40.86
C LEU D 236 9.80 -23.31 40.56
N ARG D 237 10.17 -22.49 41.55
CA ARG D 237 11.36 -21.61 41.52
C ARG D 237 11.41 -20.67 40.31
N LEU D 238 10.31 -19.96 40.07
CA LEU D 238 10.20 -18.96 39.03
C LEU D 238 10.01 -17.64 39.70
N ASP D 239 10.48 -16.57 39.05
CA ASP D 239 10.29 -15.24 39.56
C ASP D 239 8.88 -14.83 39.26
N ALA D 240 8.14 -14.43 40.31
CA ALA D 240 6.77 -13.91 40.21
C ALA D 240 6.42 -13.19 38.86
N THR D 241 6.90 -11.95 38.64
CA THR D 241 6.42 -11.15 37.49
C THR D 241 7.07 -11.46 36.14
N ALA D 242 8.40 -11.34 36.06
CA ALA D 242 9.14 -11.72 34.83
C ALA D 242 8.69 -12.99 34.12
N SER D 243 7.94 -13.85 34.79
CA SER D 243 7.44 -15.03 34.12
C SER D 243 6.15 -14.75 33.34
N GLN D 244 5.30 -13.86 33.87
CA GLN D 244 4.03 -13.43 33.23
C GLN D 244 4.02 -13.40 31.70
N GLY D 245 3.02 -14.05 31.10
CA GLY D 245 2.83 -14.02 29.67
C GLY D 245 3.90 -14.73 28.85
N ARG D 246 4.80 -15.44 29.51
CA ARG D 246 5.80 -16.22 28.78
C ARG D 246 5.37 -17.66 28.55
N ALA D 247 5.81 -18.22 27.42
CA ALA D 247 5.44 -19.58 27.00
C ALA D 247 5.92 -20.65 27.99
N ILE D 248 5.04 -21.62 28.24
CA ILE D 248 5.16 -22.48 29.40
C ILE D 248 6.31 -23.45 29.26
N THR D 249 6.61 -23.81 28.01
CA THR D 249 7.57 -24.87 27.74
C THR D 249 8.94 -24.24 27.87
N GLU D 250 9.00 -22.91 27.80
CA GLU D 250 10.24 -22.18 28.03
C GLU D 250 10.41 -21.80 29.48
N LEU D 251 9.31 -21.62 30.19
CA LEU D 251 9.39 -21.26 31.60
C LEU D 251 10.12 -22.35 32.45
N LEU D 252 9.97 -23.59 32.02
CA LEU D 252 10.49 -24.74 32.74
C LEU D 252 10.16 -26.03 31.97
N THR D 253 10.75 -27.14 32.38
CA THR D 253 10.64 -28.38 31.65
C THR D 253 9.43 -29.20 32.16
N LEU D 254 8.47 -29.38 31.27
CA LEU D 254 7.21 -30.01 31.64
C LEU D 254 7.32 -31.51 31.63
N PRO D 255 6.88 -32.16 32.71
CA PRO D 255 6.72 -33.58 32.84
C PRO D 255 5.85 -34.12 31.72
N ALA D 256 6.30 -35.19 31.08
CA ALA D 256 5.64 -35.75 29.91
C ALA D 256 4.20 -36.18 30.15
N VAL D 257 3.82 -36.48 31.40
CA VAL D 257 2.40 -36.64 31.77
C VAL D 257 1.56 -35.38 31.44
N LEU D 258 2.15 -34.22 31.73
CA LEU D 258 1.49 -32.94 31.63
C LEU D 258 1.33 -32.59 30.18
N GLN D 259 2.41 -32.77 29.43
CA GLN D 259 2.31 -32.59 28.01
C GLN D 259 1.28 -33.50 27.37
N GLN D 260 1.19 -34.75 27.83
CA GLN D 260 0.26 -35.65 27.19
C GLN D 260 -1.16 -35.34 27.59
N ALA D 261 -1.26 -34.71 28.75
CA ALA D 261 -2.56 -34.28 29.24
C ALA D 261 -2.98 -33.08 28.42
N ILE D 262 -2.14 -32.04 28.36
CA ILE D 262 -2.39 -30.89 27.49
C ILE D 262 -2.75 -31.34 26.08
N LYS D 263 -1.89 -32.11 25.40
CA LYS D 263 -2.18 -32.55 24.03
C LYS D 263 -3.58 -33.10 23.84
N GLN D 264 -4.05 -33.85 24.81
CA GLN D 264 -5.36 -34.49 24.69
C GLN D 264 -6.47 -33.73 25.43
N ALA D 265 -6.07 -32.78 26.29
CA ALA D 265 -6.94 -32.05 27.23
C ALA D 265 -7.69 -32.91 28.26
N HIS D 266 -7.10 -34.07 28.60
CA HIS D 266 -7.50 -34.90 29.76
C HIS D 266 -7.12 -34.20 31.06
N PRO D 267 -7.92 -34.41 32.13
CA PRO D 267 -7.54 -33.86 33.44
C PRO D 267 -6.56 -34.77 34.21
N LEU D 268 -6.01 -34.28 35.32
CA LEU D 268 -5.10 -35.07 36.15
C LEU D 268 -5.45 -34.84 37.60
N LYS D 269 -5.83 -35.90 38.32
CA LYS D 269 -6.18 -35.77 39.75
C LYS D 269 -4.99 -36.23 40.57
N HIS D 270 -4.55 -35.37 41.50
CA HIS D 270 -3.37 -35.64 42.33
C HIS D 270 -2.29 -36.60 41.75
N VAL D 271 -1.70 -36.25 40.60
CA VAL D 271 -0.62 -37.03 40.00
C VAL D 271 0.77 -36.59 40.51
N GLU D 272 1.59 -37.55 40.95
CA GLU D 272 3.03 -37.34 41.27
C GLU D 272 3.89 -37.19 40.00
N ALA D 273 4.55 -36.04 39.85
CA ALA D 273 5.44 -35.83 38.70
C ALA D 273 6.67 -34.95 38.98
N THR D 274 7.52 -34.80 37.96
CA THR D 274 8.76 -34.06 38.11
C THR D 274 8.81 -32.90 37.11
N PHE D 275 9.26 -31.75 37.60
CA PHE D 275 9.49 -30.60 36.77
C PHE D 275 10.95 -30.35 36.79
N GLU D 276 11.40 -29.60 35.81
CA GLU D 276 12.71 -29.01 35.90
C GLU D 276 12.66 -27.52 35.66
N SER D 277 13.03 -26.76 36.68
CA SER D 277 13.32 -25.36 36.52
C SER D 277 14.84 -25.28 36.66
N GLN D 278 15.49 -24.44 35.85
CA GLN D 278 16.90 -24.04 36.08
C GLN D 278 17.89 -25.14 36.60
N HIS D 279 18.11 -26.16 35.75
CA HIS D 279 18.97 -27.32 36.04
C HIS D 279 18.67 -27.86 37.46
N GLN D 280 17.38 -28.07 37.77
CA GLN D 280 16.90 -28.51 39.10
C GLN D 280 15.65 -29.32 38.94
N PHE D 281 15.66 -30.55 39.44
CA PHE D 281 14.44 -31.33 39.39
C PHE D 281 13.58 -31.09 40.64
N ILE D 282 12.32 -30.72 40.46
CA ILE D 282 11.41 -30.51 41.57
C ILE D 282 10.23 -31.45 41.41
N ASP D 283 9.90 -32.17 42.49
CA ASP D 283 8.73 -33.04 42.55
C ASP D 283 7.57 -32.29 43.10
N ALA D 284 6.42 -32.44 42.46
CA ALA D 284 5.15 -32.05 43.11
C ALA D 284 3.98 -32.97 42.72
N VAL D 285 2.88 -32.85 43.47
CA VAL D 285 1.69 -33.57 43.09
C VAL D 285 0.65 -32.63 42.48
N ILE D 286 0.32 -32.93 41.23
CA ILE D 286 -0.36 -31.94 40.43
C ILE D 286 -1.78 -32.28 40.05
N THR D 287 -2.62 -31.27 40.01
CA THR D 287 -3.89 -31.42 39.34
C THR D 287 -3.86 -30.58 38.08
N LEU D 288 -4.36 -31.15 36.98
CA LEU D 288 -4.52 -30.40 35.76
C LEU D 288 -5.96 -30.46 35.38
N LYS D 289 -6.55 -29.29 35.24
CA LYS D 289 -7.94 -29.15 34.78
C LYS D 289 -7.96 -28.25 33.53
N PRO D 290 -8.62 -28.73 32.47
CA PRO D 290 -8.75 -27.97 31.27
C PRO D 290 -9.94 -27.00 31.41
N ILE D 291 -9.87 -25.87 30.70
CA ILE D 291 -10.88 -24.84 30.77
C ILE D 291 -11.28 -24.60 29.33
N ILE D 292 -12.37 -25.24 28.91
CA ILE D 292 -12.77 -25.18 27.52
C ILE D 292 -13.57 -23.89 27.30
N GLU D 293 -13.03 -22.98 26.49
CA GLU D 293 -13.71 -21.74 26.11
C GLU D 293 -13.83 -21.67 24.61
N THR D 294 -14.70 -20.82 24.09
CA THR D 294 -15.05 -20.95 22.67
C THR D 294 -13.90 -20.54 21.71
N GLN D 295 -12.73 -20.27 22.28
CA GLN D 295 -11.54 -19.89 21.51
C GLN D 295 -10.41 -20.91 21.64
N GLY D 296 -10.51 -21.79 22.62
CA GLY D 296 -9.51 -22.83 22.86
C GLY D 296 -9.54 -23.27 24.31
N THR D 297 -8.65 -24.18 24.69
CA THR D 297 -8.62 -24.72 26.04
C THR D 297 -7.38 -24.25 26.80
N SER D 298 -7.61 -23.58 27.93
CA SER D 298 -6.55 -23.15 28.84
C SER D 298 -6.45 -24.19 29.94
N PHE D 299 -5.61 -23.98 30.95
CA PHE D 299 -5.43 -24.99 31.96
C PHE D 299 -5.08 -24.35 33.29
N ILE D 300 -5.71 -24.78 34.38
CA ILE D 300 -5.09 -24.54 35.68
C ILE D 300 -4.20 -25.73 35.99
N LEU D 301 -3.12 -25.43 36.67
CA LEU D 301 -2.31 -26.44 37.27
C LEU D 301 -2.22 -26.06 38.73
N LEU D 302 -2.43 -27.08 39.58
CA LEU D 302 -2.36 -26.92 41.04
C LEU D 302 -1.23 -27.76 41.54
N LEU D 303 -0.44 -27.17 42.42
CA LEU D 303 0.64 -27.90 43.02
C LEU D 303 0.34 -28.09 44.51
N HIS D 304 0.02 -29.31 44.90
CA HIS D 304 -0.43 -29.58 46.27
C HIS D 304 0.73 -29.68 47.27
N PRO D 305 0.64 -28.98 48.44
CA PRO D 305 1.72 -29.10 49.46
C PRO D 305 1.68 -30.45 50.17
N VAL D 306 2.77 -31.21 50.19
CA VAL D 306 2.68 -32.63 50.68
C VAL D 306 2.45 -32.87 52.20
C1 GOL E . 3.66 3.82 -6.29
O1 GOL E . 2.79 2.73 -6.33
C2 GOL E . 2.86 5.05 -6.66
O2 GOL E . 2.31 4.81 -7.93
C3 GOL E . 1.80 5.47 -5.64
O3 GOL E . 2.18 6.74 -5.16
C1 GOL F . 20.00 0.77 -41.86
O1 GOL F . 21.03 -0.16 -41.99
C2 GOL F . 20.55 2.19 -41.65
O2 GOL F . 20.95 2.49 -40.33
C3 GOL F . 21.47 2.69 -42.75
O3 GOL F . 20.63 3.04 -43.84
#